data_8WPF
#
_entry.id   8WPF
#
loop_
_entity.id
_entity.type
_entity.pdbx_description
1 polymer 'DNA polymerase'
2 polymer 'A22R DNA polymerase processivity factor'
3 polymer 'E4R Uracil-DNA glycosylase, DNA polymerase processivity factor'
4 polymer 'H5R late gene transcription factor'
5 polymer 'Primer DNA'
6 polymer 'Template DNA'
7 non-polymer "2',3'-DIDEOXY-THYMIDINE-5'-TRIPHOSPHATE"
8 non-polymer 'MAGNESIUM ION'
#
loop_
_entity_poly.entity_id
_entity_poly.type
_entity_poly.pdbx_seq_one_letter_code
_entity_poly.pdbx_strand_id
1 'polypeptide(L)'
;MDVRCINWFESHGENRFLYLKSRCRNGETVFIRFPHYFYYVVTDEIYQSLSPPPFNARPMGKMRTIDIDETISYNLDIKD
RKCSVADMWLIEEPKKRSIQNATMDEFFNISWFYISNGISPDGCYSLDEQYLTKINNGCYHCDDPRNCFAKEIPRFDIPR
SYLFLDIECHFDKKFPSVFINPISHTSYCYIDLSGKRLLFTLINEEMLTEQEIQEAVDRGCLRIQSLMEMDYERELVLCS
EIVLLRIAKQLLELTFDYVVTFNGHNFDLRYITNRLELLTGEKIIFRSPDKKEAVHLCIYERNQSSHKGVCGMANTTFHV
NNNNGTIFFDLYSFIQKSEKLDSYKLDSISKNAFSCMGKVLNRGVREMTFIGDDTTDAKGKADTFAKVLTTGNYVTVDED
IICKVIRKDILENGFKVVLSCPTLPNDIYKLSFGKDDIDLAQMYKDYNLNIALDMARYCIHDACLCQYLWEYYGVETKTD
AGAATYVLPQSMVFEYRASTIIKGPLLKLLLETKTILVRSETKQKFPYEGGKVFAPKQKMFSNNVLIFDYNSLYPNVCIF
GNLSPETLVGVVVSTNRLEEEINNQLLLQKYPPPRYITVHCEPRLPNLISEIAIFDRSIEGTIPRLLRTFLAERARYKKM
LKQATSSTEKAIYDSMQYTYKIVANSVYGLMGFRNSALYSYASAKSCTSIGRRMILYLESVLNGAELSNGMLRFANTLSN
PFYMDDRDINPIVKTSLPIDYRFRFRSVYGDTDSVFTEIDSQDVDKSIEIAKELERLINSRVLFNNFKIEFEAVYKNLIM
QSKKKYTTMKYSASSNSKSVPERINKGTSETRRDVSKFHKNMIKTYKTRLSEMLSEGRMNSNQVCIDILRSLETDLRSEF
DSRSSPLELFMLSRMHHSNYKSADNPNMYLVTEYNKNNPETIELGERYYFAYICPANVPWTKKLVNIKTYETIIDRSFKL
GSNQRIFYEVYFKRLTSEIVNLLDNKVLCISFFQRMFGSRPTFYEA
;
A
2 'polypeptide(L)'
;MHHHHHHGTGSMTSSADLTNLKELLSLYKSLRFSDSVAIEKYNSLVEWGTSTYWKIGVQKVTNVETSISDYYDEVKNKPF
NIDPGYYIFLPVYFGSVFIYSKGKNMVELGSGNSFQIPDEIRSACNKVLDSDNGIDFLRFVLLNNRWIMEDAISKYQSPV
NIFKLASEYGLNIPNYLEIEIEEDTLFDDELYSIMERSFDDTFPKISISYIKLGELKRQVVDFFKFSFMYIESIKVDRIG
DNIFIPSVITKSGKKILVKDVDHLIRSKVREHTFVKVKKKNTFSILYDYDGNGTETRGEVIKRIIDTIGRDYYVNGKYFS
KVGIAGLKQLTNKLDINECATVDELVDEINKSGTVKRKIKNQSVFDLSRECLGYPEADFITLVNNMRFKIENCKVVNFNI
ENTNCLNNPSIETIYGNFNQFVSIFNTVTDVKKRLFE
;
B
3 'polypeptide(L)'
;MNSVTISHAPYTITYHDDWEPVMSQLVEFYNEVASWLLRDETSPIPDKFFIQLKQPLRNKRVCVCGIDPYPKDGTGVPFE
SPNFTKKSIKEIASSISRLTGVIDYKGYNLNIIDGVIPWNYYLSCKLGETKSHAIYWDKISKLLLQHITKHVSVLYCLGK
TDFSNIRAKLESPVTTIVGYHPAARDHQFEKDRSFEIINVLLELDNKTPINWAQGFIY
;
C
4 'polypeptide(L)'
;MAWSITNKADTSSFTKMAEIRAHLRNSAENKDKNEDIFPEDVIIPSTKPKTKRTTTPRKPAATKRSTKKDKEKEEVEEVV
IEEYHQTTEENSPPPSSSPGVGDIVESVAAVELDDSDGDDEPMVQVEAGKVNHSARSDLSDLKVATDNIVKDLKKIITRI
SAVSTVLEDVQAAGISRQFTSMTKAITTLSDLVTEGKSKVVRKKVKTCKK
;
D,E,F,G
5 'polydeoxyribonucleotide'
;(DA)(DT)(DT)(DT)(DC)(DG)(DC)(DG)(DG)(DG)(DA)(DG)(DC)(DT)(DA)(DT)(DG)(DA)(DC)(DC)
(DA)(DT)(DG)(DA)(DT)(DT)(DA)(DC)(DG)(DA)(DA)(DT)(DT)(DG)(DC)
;
H
6 'polydeoxyribonucleotide'
;(DC)(DT)(DG)(DC)(DA)(AAB)(DG)(DA)(DA)(DT)(DT)(DA)(DA)(DG)(DC)(DA)(DA)(DT)(DT)
(DC)(DG)(DT)(DA)(DA)(DT)(DC)(DA)(DT)(DG)(DG)(DT)(DC)(DA)(DT)(DA)(DG)(DC)(DT)(DC)
(DC)(DC)(DG)(DC)(DG)(DA)(DA)(DA)(DT)
;
I
#
# COMPACT_ATOMS: atom_id res chain seq x y z
N MET A 1 -44.72 33.25 11.95
CA MET A 1 -45.47 32.29 11.15
C MET A 1 -44.70 30.98 11.08
N ASP A 2 -45.43 29.87 11.00
CA ASP A 2 -44.84 28.55 11.14
C ASP A 2 -44.34 28.06 9.78
N VAL A 3 -43.07 27.66 9.73
CA VAL A 3 -42.49 27.08 8.52
C VAL A 3 -41.77 25.78 8.90
N ARG A 4 -41.54 24.95 7.90
CA ARG A 4 -40.69 23.77 8.03
C ARG A 4 -39.61 23.83 6.96
N CYS A 5 -38.36 23.64 7.37
CA CYS A 5 -37.22 23.81 6.49
C CYS A 5 -37.16 22.67 5.47
N ILE A 6 -37.44 23.00 4.21
CA ILE A 6 -37.31 22.01 3.14
C ILE A 6 -35.86 21.85 2.72
N ASN A 7 -35.18 22.96 2.48
CA ASN A 7 -33.82 22.92 1.97
C ASN A 7 -33.11 24.22 2.36
N TRP A 8 -31.81 24.11 2.54
CA TRP A 8 -30.94 25.27 2.68
C TRP A 8 -30.01 25.30 1.48
N PHE A 9 -29.82 26.49 0.91
CA PHE A 9 -29.11 26.60 -0.35
C PHE A 9 -28.51 27.99 -0.45
N GLU A 10 -27.26 28.05 -0.87
CA GLU A 10 -26.47 29.28 -0.85
C GLU A 10 -26.20 29.75 -2.27
N SER A 11 -26.34 31.06 -2.48
CA SER A 11 -26.02 31.68 -3.76
C SER A 11 -24.65 32.31 -3.70
N HIS A 12 -24.02 32.46 -4.87
CA HIS A 12 -22.69 33.01 -4.96
C HIS A 12 -22.63 34.02 -6.09
N GLY A 13 -21.68 34.94 -5.98
CA GLY A 13 -21.53 36.01 -6.96
C GLY A 13 -22.28 37.26 -6.55
N GLU A 14 -21.67 38.40 -6.87
CA GLU A 14 -22.10 39.77 -6.49
C GLU A 14 -22.22 39.82 -4.97
N ASN A 15 -23.36 40.19 -4.40
CA ASN A 15 -23.58 40.03 -2.97
C ASN A 15 -23.92 38.57 -2.69
N ARG A 16 -23.24 37.98 -1.71
CA ARG A 16 -23.34 36.55 -1.44
C ARG A 16 -24.39 36.33 -0.35
N PHE A 17 -25.31 35.40 -0.59
CA PHE A 17 -26.42 35.17 0.31
C PHE A 17 -26.63 33.69 0.56
N LEU A 18 -27.27 33.42 1.69
CA LEU A 18 -27.79 32.10 2.03
C LEU A 18 -29.29 32.13 1.99
N TYR A 19 -29.91 31.05 1.51
CA TYR A 19 -31.35 31.00 1.41
C TYR A 19 -31.88 29.77 2.12
N LEU A 20 -33.12 29.87 2.59
CA LEU A 20 -33.85 28.76 3.16
C LEU A 20 -35.07 28.49 2.28
N LYS A 21 -35.29 27.23 1.95
CA LYS A 21 -36.54 26.81 1.32
C LYS A 21 -37.44 26.28 2.42
N SER A 22 -38.62 26.87 2.56
CA SER A 22 -39.51 26.53 3.65
C SER A 22 -40.95 26.52 3.17
N ARG A 23 -41.79 25.78 3.90
CA ARG A 23 -43.20 25.63 3.58
C ARG A 23 -44.02 25.92 4.83
N CYS A 24 -45.04 26.75 4.67
CA CYS A 24 -45.95 27.03 5.77
C CYS A 24 -47.01 25.95 5.88
N ARG A 25 -47.95 26.15 6.80
CA ARG A 25 -49.02 25.17 6.99
C ARG A 25 -50.07 25.24 5.88
N ASN A 26 -50.31 26.43 5.33
CA ASN A 26 -51.32 26.56 4.28
C ASN A 26 -50.84 26.02 2.95
N GLY A 27 -49.53 25.90 2.74
CA GLY A 27 -48.99 25.37 1.51
C GLY A 27 -48.17 26.34 0.69
N GLU A 28 -47.99 27.58 1.14
CA GLU A 28 -47.17 28.54 0.42
C GLU A 28 -45.70 28.26 0.69
N THR A 29 -44.90 28.21 -0.39
CA THR A 29 -43.46 28.09 -0.27
C THR A 29 -42.87 29.45 0.11
N VAL A 30 -42.14 29.48 1.23
CA VAL A 30 -41.59 30.70 1.79
C VAL A 30 -40.08 30.61 1.78
N PHE A 31 -39.41 31.62 1.23
CA PHE A 31 -37.97 31.68 1.20
C PHE A 31 -37.46 32.76 2.14
N ILE A 32 -36.38 32.45 2.86
CA ILE A 32 -35.73 33.40 3.76
C ILE A 32 -34.30 33.58 3.30
N ARG A 33 -33.95 34.80 2.88
CA ARG A 33 -32.61 35.10 2.40
C ARG A 33 -31.76 35.56 3.59
N PHE A 34 -30.84 34.77 3.96
CA PHE A 34 -29.90 35.17 5.00
C PHE A 34 -28.64 35.74 4.38
N PRO A 35 -27.93 36.62 5.08
CA PRO A 35 -26.57 36.95 4.67
C PRO A 35 -25.66 35.77 4.97
N HIS A 36 -24.96 35.29 3.95
CA HIS A 36 -23.97 34.23 4.13
C HIS A 36 -22.60 34.86 4.20
N TYR A 37 -21.93 34.68 5.33
CA TYR A 37 -20.66 35.33 5.58
C TYR A 37 -19.73 34.33 6.23
N PHE A 38 -18.42 34.53 6.03
CA PHE A 38 -17.42 33.59 6.53
C PHE A 38 -17.32 33.67 8.05
N TYR A 39 -17.06 32.52 8.66
CA TYR A 39 -16.97 32.41 10.11
C TYR A 39 -15.56 31.99 10.51
N TYR A 40 -14.96 32.76 11.42
CA TYR A 40 -13.66 32.44 11.99
C TYR A 40 -13.73 32.60 13.49
N VAL A 41 -12.92 31.82 14.21
CA VAL A 41 -12.86 31.87 15.65
C VAL A 41 -11.43 32.17 16.07
N VAL A 42 -11.25 33.30 16.77
CA VAL A 42 -9.95 33.73 17.26
C VAL A 42 -10.08 34.01 18.75
N THR A 43 -8.93 34.12 19.41
CA THR A 43 -8.91 34.47 20.83
C THR A 43 -9.22 35.96 21.00
N ASP A 44 -9.38 36.36 22.27
CA ASP A 44 -9.73 37.75 22.56
C ASP A 44 -8.62 38.73 22.19
N GLU A 45 -7.37 38.37 22.50
CA GLU A 45 -6.25 39.23 22.13
C GLU A 45 -6.04 39.26 20.62
N ILE A 46 -6.28 38.14 19.94
CA ILE A 46 -6.22 38.14 18.48
C ILE A 46 -7.38 38.95 17.90
N TYR A 47 -8.57 38.86 18.52
CA TYR A 47 -9.73 39.62 18.07
C TYR A 47 -9.49 41.13 18.22
N GLN A 48 -8.80 41.55 19.27
CA GLN A 48 -8.39 42.94 19.35
C GLN A 48 -7.15 43.24 18.51
N SER A 49 -6.45 42.21 18.01
CA SER A 49 -5.26 42.43 17.20
C SER A 49 -5.57 42.73 15.74
N LEU A 50 -6.75 42.37 15.24
CA LEU A 50 -7.14 42.75 13.89
C LEU A 50 -7.38 44.25 13.82
N SER A 51 -6.50 44.97 13.10
CA SER A 51 -6.75 46.38 12.81
C SER A 51 -8.00 46.62 11.95
N PRO A 52 -8.32 45.86 10.89
CA PRO A 52 -9.65 45.99 10.30
C PRO A 52 -10.69 45.32 11.19
N PRO A 53 -11.73 46.06 11.59
CA PRO A 53 -12.76 45.47 12.44
C PRO A 53 -13.64 44.53 11.64
N PRO A 54 -14.17 43.48 12.27
CA PRO A 54 -15.10 42.59 11.56
C PRO A 54 -16.45 43.26 11.34
N PHE A 55 -17.20 42.71 10.39
CA PHE A 55 -18.55 43.20 10.12
C PHE A 55 -19.45 42.92 11.33
N ASN A 56 -19.33 41.74 11.91
CA ASN A 56 -20.07 41.40 13.12
C ASN A 56 -19.21 40.47 13.95
N ALA A 57 -19.35 40.57 15.27
CA ALA A 57 -18.60 39.73 16.19
C ALA A 57 -19.41 39.61 17.46
N ARG A 58 -19.78 38.39 17.80
CA ARG A 58 -20.55 38.17 19.01
C ARG A 58 -19.88 37.10 19.85
N PRO A 59 -19.87 37.24 21.19
CA PRO A 59 -18.96 36.42 22.00
C PRO A 59 -19.41 34.98 22.31
N MET A 60 -18.47 34.06 22.08
CA MET A 60 -18.70 32.64 22.31
C MET A 60 -18.31 32.19 23.71
N GLY A 61 -17.79 33.11 24.53
CA GLY A 61 -17.44 32.78 25.90
C GLY A 61 -16.03 32.25 26.05
N LYS A 62 -15.65 32.04 27.30
CA LYS A 62 -14.33 31.49 27.62
C LYS A 62 -14.29 30.02 27.26
N MET A 63 -13.56 29.68 26.19
CA MET A 63 -13.55 28.32 25.69
C MET A 63 -12.12 27.78 25.73
N ARG A 64 -11.96 26.60 26.32
CA ARG A 64 -10.64 26.00 26.43
C ARG A 64 -10.15 25.53 25.06
N THR A 65 -8.84 25.55 24.87
CA THR A 65 -8.23 25.21 23.59
C THR A 65 -7.21 24.10 23.83
N ILE A 66 -7.37 22.99 23.12
CA ILE A 66 -6.59 21.79 23.37
C ILE A 66 -5.74 21.50 22.15
N ASP A 67 -4.42 21.45 22.34
CA ASP A 67 -3.49 21.11 21.28
C ASP A 67 -3.48 19.60 21.14
N ILE A 68 -4.22 19.08 20.16
CA ILE A 68 -4.39 17.63 20.02
C ILE A 68 -3.25 17.11 19.16
N ASP A 69 -2.10 16.96 19.79
CA ASP A 69 -0.93 16.40 19.13
C ASP A 69 -0.38 15.27 19.99
N GLU A 70 0.04 14.20 19.34
CA GLU A 70 0.51 13.01 20.02
C GLU A 70 2.04 13.02 20.04
N THR A 71 2.62 13.16 21.22
CA THR A 71 4.06 13.05 21.40
C THR A 71 4.33 11.80 22.21
N ILE A 72 5.13 10.90 21.65
CA ILE A 72 5.55 9.72 22.41
C ILE A 72 6.54 10.16 23.48
N SER A 73 6.32 9.71 24.71
CA SER A 73 7.17 10.06 25.82
C SER A 73 7.83 8.80 26.34
N TYR A 74 9.15 8.71 26.20
CA TYR A 74 9.87 7.56 26.73
C TYR A 74 9.89 7.60 28.25
N ASN A 75 10.11 8.78 28.82
CA ASN A 75 9.93 8.99 30.25
C ASN A 75 8.45 8.98 30.58
N LEU A 76 8.13 8.73 31.85
CA LEU A 76 6.74 8.71 32.25
C LEU A 76 6.15 10.12 32.20
N ASP A 77 6.95 11.10 32.62
CA ASP A 77 6.48 12.48 32.73
C ASP A 77 6.14 13.08 31.37
N ILE A 78 4.93 13.59 31.28
CA ILE A 78 4.34 14.10 30.05
C ILE A 78 3.94 15.53 30.35
N LYS A 79 4.25 16.46 29.44
CA LYS A 79 3.63 17.78 29.50
C LYS A 79 2.12 17.64 29.48
N ASP A 80 1.46 18.38 30.36
CA ASP A 80 0.02 18.51 30.30
C ASP A 80 -0.38 19.05 28.94
N ARG A 81 -1.38 18.41 28.34
CA ARG A 81 -1.95 18.91 27.10
C ARG A 81 -2.48 20.31 27.32
N LYS A 82 -2.21 21.19 26.37
CA LYS A 82 -2.51 22.61 26.51
C LYS A 82 -4.00 22.82 26.70
N CYS A 83 -4.35 23.63 27.69
CA CYS A 83 -5.74 23.87 28.05
C CYS A 83 -5.94 25.37 28.22
N SER A 84 -5.46 26.13 27.23
CA SER A 84 -5.50 27.58 27.27
C SER A 84 -6.94 28.05 27.13
N VAL A 85 -7.55 28.44 28.25
CA VAL A 85 -8.91 28.94 28.27
C VAL A 85 -8.87 30.43 27.97
N ALA A 86 -9.47 30.83 26.86
CA ALA A 86 -9.52 32.23 26.46
C ALA A 86 -10.92 32.55 25.97
N ASP A 87 -11.32 33.81 26.11
CA ASP A 87 -12.58 34.25 25.56
C ASP A 87 -12.48 34.31 24.05
N MET A 88 -13.39 33.65 23.36
CA MET A 88 -13.35 33.52 21.91
C MET A 88 -14.53 34.25 21.27
N TRP A 89 -14.25 34.94 20.18
CA TRP A 89 -15.22 35.76 19.49
C TRP A 89 -15.39 35.24 18.07
N LEU A 90 -16.63 35.22 17.59
CA LEU A 90 -16.96 34.69 16.28
C LEU A 90 -16.74 35.76 15.24
N ILE A 91 -15.66 35.65 14.48
CA ILE A 91 -15.35 36.61 13.41
C ILE A 91 -16.26 36.33 12.24
N GLU A 92 -17.08 37.33 11.87
CA GLU A 92 -18.08 37.18 10.82
C GLU A 92 -17.81 38.21 9.73
N GLU A 93 -17.28 37.75 8.59
CA GLU A 93 -16.95 38.62 7.48
C GLU A 93 -17.64 38.16 6.21
N PRO A 94 -18.26 39.07 5.45
CA PRO A 94 -18.83 38.66 4.15
C PRO A 94 -17.79 38.26 3.12
N LYS A 95 -16.57 38.76 3.25
CA LYS A 95 -15.49 38.42 2.34
C LYS A 95 -14.49 37.52 3.05
N LYS A 96 -13.90 36.58 2.30
CA LYS A 96 -12.92 35.68 2.89
C LYS A 96 -11.64 36.42 3.23
N ARG A 97 -11.16 36.23 4.46
CA ARG A 97 -9.91 36.83 4.89
C ARG A 97 -9.08 35.77 5.62
N SER A 98 -7.76 35.94 5.58
CA SER A 98 -6.83 35.04 6.23
C SER A 98 -6.41 35.66 7.56
N ILE A 99 -6.67 34.96 8.65
CA ILE A 99 -6.33 35.42 10.00
C ILE A 99 -5.26 34.51 10.55
N GLN A 100 -4.17 35.11 11.04
CA GLN A 100 -3.09 34.34 11.63
C GLN A 100 -3.52 33.75 12.97
N ASN A 101 -3.20 32.46 13.16
CA ASN A 101 -3.56 31.67 14.35
C ASN A 101 -5.07 31.65 14.58
N ALA A 102 -5.84 31.62 13.49
CA ALA A 102 -7.28 31.48 13.58
C ALA A 102 -7.63 30.02 13.81
N THR A 103 -8.58 29.79 14.70
CA THR A 103 -8.96 28.44 15.09
C THR A 103 -10.26 28.06 14.39
N MET A 104 -10.53 26.75 14.44
CA MET A 104 -11.82 26.16 14.08
C MET A 104 -12.12 26.36 12.60
N ASP A 105 -11.07 26.28 11.79
CA ASP A 105 -11.17 26.45 10.34
C ASP A 105 -11.65 25.20 9.63
N GLU A 106 -11.77 24.08 10.34
CA GLU A 106 -12.23 22.85 9.72
C GLU A 106 -13.71 22.88 9.39
N PHE A 107 -14.48 23.74 10.04
CA PHE A 107 -15.92 23.75 9.89
C PHE A 107 -16.36 24.68 8.77
N PHE A 108 -17.42 24.27 8.08
CA PHE A 108 -18.12 25.07 7.09
C PHE A 108 -18.80 26.30 7.69
N ASN A 109 -19.01 27.29 6.84
CA ASN A 109 -19.77 28.48 7.23
C ASN A 109 -21.24 28.14 7.45
N ILE A 110 -21.75 27.11 6.79
CA ILE A 110 -23.16 26.79 6.90
C ILE A 110 -23.46 26.11 8.24
N SER A 111 -22.57 25.22 8.70
CA SER A 111 -22.71 24.63 10.03
C SER A 111 -22.54 25.69 11.12
N TRP A 112 -21.60 26.61 10.91
CA TRP A 112 -21.43 27.73 11.83
C TRP A 112 -22.64 28.64 11.85
N PHE A 113 -23.30 28.81 10.70
CA PHE A 113 -24.56 29.53 10.63
C PHE A 113 -25.64 28.81 11.43
N TYR A 114 -25.67 27.48 11.33
CA TYR A 114 -26.68 26.69 12.00
C TYR A 114 -26.56 26.78 13.51
N ILE A 115 -25.36 26.60 14.01
CA ILE A 115 -25.19 26.34 15.44
C ILE A 115 -25.04 27.62 16.23
N SER A 116 -24.35 28.62 15.69
CA SER A 116 -24.23 29.89 16.38
C SER A 116 -25.55 30.67 16.38
N ASN A 117 -26.41 30.43 15.39
CA ASN A 117 -27.75 30.99 15.40
C ASN A 117 -28.78 30.02 15.97
N GLY A 118 -28.36 28.82 16.37
CA GLY A 118 -29.26 27.88 17.01
C GLY A 118 -30.25 27.20 16.10
N ILE A 119 -30.05 27.27 14.79
CA ILE A 119 -31.01 26.71 13.84
C ILE A 119 -30.68 25.25 13.59
N SER A 120 -31.64 24.37 13.81
CA SER A 120 -31.56 23.01 13.31
C SER A 120 -32.00 23.00 11.85
N PRO A 121 -31.25 22.36 10.95
CA PRO A 121 -31.62 22.42 9.52
C PRO A 121 -32.85 21.61 9.19
N ASP A 122 -33.20 20.62 10.01
CA ASP A 122 -34.47 19.92 9.90
C ASP A 122 -35.25 20.26 11.17
N GLY A 123 -35.98 21.36 11.11
CA GLY A 123 -36.77 21.79 12.23
C GLY A 123 -37.92 22.65 11.76
N CYS A 124 -38.91 22.76 12.62
CA CYS A 124 -40.07 23.60 12.36
C CYS A 124 -39.98 24.83 13.25
N TYR A 125 -40.13 26.01 12.65
CA TYR A 125 -39.89 27.26 13.34
C TYR A 125 -41.02 28.24 13.10
N SER A 126 -41.44 28.90 14.18
CA SER A 126 -42.33 30.06 14.08
C SER A 126 -41.44 31.29 13.90
N LEU A 127 -41.50 31.90 12.72
CA LEU A 127 -40.57 32.97 12.38
C LEU A 127 -41.06 34.29 12.96
N ASP A 128 -40.20 34.93 13.75
CA ASP A 128 -40.50 36.24 14.31
C ASP A 128 -40.44 37.25 13.17
N GLU A 129 -41.59 37.83 12.84
CA GLU A 129 -41.82 38.39 11.51
C GLU A 129 -41.11 39.71 11.25
N GLN A 130 -40.92 40.55 12.29
CA GLN A 130 -40.29 41.84 12.04
C GLN A 130 -38.78 41.73 11.80
N TYR A 131 -38.17 40.60 12.13
CA TYR A 131 -36.81 40.36 11.68
C TYR A 131 -36.77 39.97 10.21
N LEU A 132 -37.85 39.39 9.70
CA LEU A 132 -37.96 39.11 8.27
C LEU A 132 -38.28 40.40 7.52
N THR A 133 -37.61 40.57 6.37
CA THR A 133 -37.82 41.74 5.51
C THR A 133 -38.21 41.24 4.14
N LYS A 134 -39.38 41.64 3.67
CA LYS A 134 -39.95 41.10 2.43
C LYS A 134 -39.22 41.69 1.22
N ILE A 135 -38.53 40.84 0.47
CA ILE A 135 -37.92 41.25 -0.78
C ILE A 135 -38.96 41.29 -1.90
N ASN A 136 -39.62 40.16 -2.13
CA ASN A 136 -40.72 40.07 -3.08
C ASN A 136 -41.67 38.99 -2.58
N ASN A 137 -42.54 38.53 -3.47
CA ASN A 137 -43.53 37.51 -3.10
C ASN A 137 -42.85 36.17 -2.87
N GLY A 138 -42.95 35.66 -1.65
CA GLY A 138 -42.39 34.37 -1.30
C GLY A 138 -40.98 34.39 -0.77
N CYS A 139 -40.29 35.53 -0.82
CA CYS A 139 -38.92 35.65 -0.34
C CYS A 139 -38.83 36.71 0.74
N TYR A 140 -38.17 36.38 1.83
CA TYR A 140 -37.94 37.30 2.95
C TYR A 140 -36.45 37.37 3.22
N HIS A 141 -36.06 38.36 4.04
CA HIS A 141 -34.65 38.56 4.37
C HIS A 141 -34.53 38.79 5.87
N CYS A 142 -33.74 37.95 6.53
CA CYS A 142 -33.60 37.93 7.98
C CYS A 142 -32.14 38.24 8.33
N ASP A 143 -31.91 39.43 8.89
CA ASP A 143 -30.54 39.81 9.26
C ASP A 143 -30.10 39.15 10.57
N ASP A 144 -31.04 38.87 11.48
CA ASP A 144 -30.72 38.31 12.80
C ASP A 144 -31.37 36.94 12.93
N PRO A 145 -30.67 35.87 12.60
CA PRO A 145 -31.28 34.52 12.68
C PRO A 145 -31.41 33.99 14.09
N ARG A 146 -30.75 34.59 15.08
CA ARG A 146 -30.84 34.09 16.45
C ARG A 146 -32.22 34.37 17.04
N ASN A 147 -32.70 35.60 16.91
CA ASN A 147 -33.96 35.99 17.53
C ASN A 147 -35.16 35.54 16.71
N CYS A 148 -35.02 35.47 15.39
CA CYS A 148 -36.13 35.05 14.54
C CYS A 148 -36.36 33.55 14.65
N PHE A 149 -35.29 32.76 14.64
CA PHE A 149 -35.42 31.30 14.71
C PHE A 149 -35.24 30.82 16.16
N ALA A 150 -36.08 31.34 17.04
CA ALA A 150 -35.98 31.04 18.46
C ALA A 150 -37.01 30.05 18.94
N LYS A 151 -38.17 29.98 18.29
CA LYS A 151 -39.25 29.07 18.70
C LYS A 151 -39.20 27.83 17.81
N GLU A 152 -38.80 26.71 18.41
CA GLU A 152 -38.72 25.43 17.70
C GLU A 152 -39.98 24.63 18.02
N ILE A 153 -41.02 24.86 17.24
CA ILE A 153 -42.27 24.11 17.32
C ILE A 153 -42.04 22.70 16.79
N PRO A 154 -42.82 21.69 17.19
CA PRO A 154 -42.59 20.33 16.69
C PRO A 154 -43.02 20.17 15.24
N ARG A 155 -42.88 18.93 14.76
CA ARG A 155 -43.05 18.64 13.34
C ARG A 155 -44.52 18.72 12.93
N PHE A 156 -44.75 19.30 11.74
CA PHE A 156 -46.04 19.27 11.09
C PHE A 156 -45.85 18.88 9.63
N ASP A 157 -46.77 18.08 9.11
CA ASP A 157 -46.65 17.58 7.75
C ASP A 157 -46.93 18.68 6.74
N ILE A 158 -46.09 18.75 5.71
CA ILE A 158 -46.12 19.82 4.71
C ILE A 158 -46.41 19.26 3.33
N PRO A 159 -47.02 20.06 2.42
CA PRO A 159 -47.25 19.61 1.03
C PRO A 159 -45.99 19.66 0.17
N ARG A 160 -45.21 18.60 0.28
CA ARG A 160 -43.90 18.53 -0.33
C ARG A 160 -44.02 18.14 -1.81
N SER A 161 -43.38 18.93 -2.67
CA SER A 161 -43.56 18.84 -4.12
C SER A 161 -42.42 18.05 -4.76
N TYR A 162 -42.73 17.35 -5.85
CA TYR A 162 -41.79 16.41 -6.45
C TYR A 162 -41.87 16.44 -7.97
N LEU A 163 -40.78 16.01 -8.61
CA LEU A 163 -40.74 15.79 -10.06
C LEU A 163 -39.78 14.64 -10.34
N PHE A 164 -40.35 13.45 -10.56
CA PHE A 164 -39.56 12.26 -10.88
C PHE A 164 -39.51 12.07 -12.39
N LEU A 165 -38.33 11.75 -12.92
CA LEU A 165 -38.21 11.65 -14.38
C LEU A 165 -37.08 10.72 -14.79
N ASP A 166 -37.32 9.97 -15.87
CA ASP A 166 -36.31 9.50 -16.82
C ASP A 166 -36.69 9.89 -18.23
N ILE A 167 -35.66 9.96 -19.07
CA ILE A 167 -35.82 10.18 -20.50
C ILE A 167 -35.27 8.96 -21.24
N GLU A 168 -35.72 8.80 -22.48
CA GLU A 168 -35.21 7.78 -23.37
C GLU A 168 -34.78 8.44 -24.66
N CYS A 169 -33.66 7.98 -25.23
CA CYS A 169 -33.08 8.59 -26.41
C CYS A 169 -32.79 7.52 -27.45
N HIS A 170 -32.85 7.93 -28.72
CA HIS A 170 -32.76 7.01 -29.86
C HIS A 170 -31.29 6.68 -30.12
N PHE A 171 -30.88 5.45 -29.86
CA PHE A 171 -29.53 5.04 -30.21
C PHE A 171 -29.60 4.03 -31.34
N ASP A 172 -29.25 4.48 -32.54
CA ASP A 172 -28.93 3.54 -33.61
C ASP A 172 -27.55 2.94 -33.39
N LYS A 173 -26.69 3.66 -32.67
CA LYS A 173 -25.43 3.15 -32.20
C LYS A 173 -25.65 2.46 -30.85
N LYS A 174 -24.55 2.19 -30.13
CA LYS A 174 -24.64 1.46 -28.87
C LYS A 174 -25.28 2.30 -27.77
N PHE A 175 -25.03 3.61 -27.78
CA PHE A 175 -25.42 4.53 -26.72
C PHE A 175 -25.64 5.88 -27.36
N PRO A 176 -26.62 6.67 -26.91
CA PRO A 176 -26.90 7.94 -27.57
C PRO A 176 -25.80 8.97 -27.35
N SER A 177 -25.47 9.67 -28.43
CA SER A 177 -24.73 10.92 -28.36
C SER A 177 -25.73 12.06 -28.35
N VAL A 178 -25.34 13.19 -27.77
CA VAL A 178 -26.27 14.31 -27.66
C VAL A 178 -26.55 14.93 -29.03
N PHE A 179 -25.54 14.99 -29.88
CA PHE A 179 -25.57 15.83 -31.07
C PHE A 179 -26.24 15.17 -32.26
N ILE A 180 -26.18 13.85 -32.36
CA ILE A 180 -26.75 13.13 -33.50
C ILE A 180 -28.03 12.40 -33.15
N ASN A 181 -28.34 12.21 -31.88
CA ASN A 181 -29.46 11.37 -31.47
C ASN A 181 -30.53 12.20 -30.78
N PRO A 182 -31.79 12.06 -31.17
CA PRO A 182 -32.86 12.83 -30.54
C PRO A 182 -33.37 12.20 -29.26
N ILE A 183 -34.25 12.93 -28.58
CA ILE A 183 -34.97 12.43 -27.42
C ILE A 183 -36.26 11.78 -27.90
N SER A 184 -36.50 10.53 -27.50
CA SER A 184 -37.74 9.87 -27.86
C SER A 184 -38.85 10.18 -26.88
N HIS A 185 -38.61 9.98 -25.59
CA HIS A 185 -39.61 10.21 -24.56
C HIS A 185 -39.00 10.93 -23.38
N THR A 186 -39.77 11.85 -22.79
CA THR A 186 -39.47 12.42 -21.47
C THR A 186 -40.68 12.14 -20.59
N SER A 187 -40.52 11.24 -19.63
CA SER A 187 -41.61 10.84 -18.75
C SER A 187 -41.51 11.58 -17.42
N TYR A 188 -42.66 12.04 -16.93
CA TYR A 188 -42.68 12.98 -15.81
C TYR A 188 -43.69 12.53 -14.77
N CYS A 189 -43.36 12.76 -13.51
CA CYS A 189 -44.22 12.48 -12.37
C CYS A 189 -44.36 13.79 -11.59
N TYR A 190 -45.38 14.57 -11.95
CA TYR A 190 -45.58 15.91 -11.41
C TYR A 190 -46.42 15.80 -10.15
N ILE A 191 -45.76 15.86 -8.99
CA ILE A 191 -46.44 15.90 -7.70
C ILE A 191 -46.33 17.34 -7.19
N ASP A 192 -47.43 18.07 -7.22
CA ASP A 192 -47.43 19.48 -6.87
C ASP A 192 -47.80 19.70 -5.40
N LEU A 193 -48.08 20.96 -5.04
CA LEU A 193 -48.45 21.29 -3.67
C LEU A 193 -49.86 20.83 -3.33
N SER A 194 -50.76 20.77 -4.33
CA SER A 194 -52.10 20.23 -4.09
C SER A 194 -52.07 18.72 -3.91
N GLY A 195 -50.97 18.07 -4.23
CA GLY A 195 -50.75 16.70 -3.89
C GLY A 195 -51.17 15.70 -4.92
N LYS A 196 -51.63 16.10 -6.10
CA LYS A 196 -51.92 15.00 -7.00
C LYS A 196 -50.79 14.77 -7.98
N ARG A 197 -50.47 13.50 -8.07
CA ARG A 197 -49.39 12.90 -8.83
C ARG A 197 -49.84 12.79 -10.28
N LEU A 198 -49.37 13.71 -11.12
CA LEU A 198 -49.67 13.68 -12.54
C LEU A 198 -48.58 12.92 -13.26
N LEU A 199 -48.97 11.88 -14.00
CA LEU A 199 -48.07 10.96 -14.66
C LEU A 199 -48.19 11.16 -16.16
N PHE A 200 -47.28 11.94 -16.74
CA PHE A 200 -47.37 12.25 -18.16
C PHE A 200 -46.03 12.03 -18.84
N THR A 201 -46.11 11.57 -20.09
CA THR A 201 -44.95 11.26 -20.92
C THR A 201 -45.06 12.05 -22.21
N LEU A 202 -44.01 12.78 -22.53
CA LEU A 202 -43.97 13.57 -23.76
C LEU A 202 -43.34 12.72 -24.85
N ILE A 203 -44.01 12.63 -26.00
CA ILE A 203 -43.58 11.76 -27.09
C ILE A 203 -43.16 12.63 -28.27
N ASN A 204 -41.98 12.34 -28.82
CA ASN A 204 -41.46 13.11 -29.94
C ASN A 204 -42.21 12.76 -31.23
N GLU A 205 -42.63 13.79 -31.96
CA GLU A 205 -43.44 13.58 -33.17
C GLU A 205 -42.63 13.62 -34.47
N GLU A 206 -41.37 14.07 -34.44
CA GLU A 206 -40.51 13.88 -35.60
C GLU A 206 -40.01 12.46 -35.76
N MET A 207 -40.21 11.61 -34.77
CA MET A 207 -39.83 10.21 -34.91
C MET A 207 -40.95 9.37 -35.51
N LEU A 208 -42.11 9.98 -35.78
CA LEU A 208 -43.28 9.31 -36.31
C LEU A 208 -43.81 10.09 -37.50
N THR A 209 -44.44 9.39 -38.43
CA THR A 209 -45.13 10.05 -39.53
C THR A 209 -46.48 10.60 -39.04
N GLU A 210 -47.00 11.60 -39.76
CA GLU A 210 -48.36 12.10 -39.49
C GLU A 210 -49.47 11.07 -39.60
N GLN A 211 -49.29 9.97 -40.33
CA GLN A 211 -50.26 8.88 -40.20
C GLN A 211 -50.23 8.30 -38.79
N GLU A 212 -49.04 8.11 -38.24
CA GLU A 212 -48.92 7.61 -36.87
C GLU A 212 -49.28 8.67 -35.84
N ILE A 213 -49.03 9.95 -36.14
CA ILE A 213 -49.39 11.02 -35.22
C ILE A 213 -50.91 11.15 -35.13
N GLN A 214 -51.60 11.11 -36.28
CA GLN A 214 -53.05 11.19 -36.25
C GLN A 214 -53.66 9.89 -35.71
N GLU A 215 -52.95 8.77 -35.85
CA GLU A 215 -53.37 7.53 -35.19
C GLU A 215 -53.25 7.65 -33.67
N ALA A 216 -52.20 8.31 -33.18
CA ALA A 216 -52.05 8.55 -31.74
C ALA A 216 -53.12 9.50 -31.23
N VAL A 217 -53.48 10.51 -32.03
CA VAL A 217 -54.58 11.41 -31.67
C VAL A 217 -55.90 10.65 -31.60
N ASP A 218 -56.13 9.73 -32.55
CA ASP A 218 -57.33 8.89 -32.51
C ASP A 218 -57.30 7.92 -31.34
N ARG A 219 -56.12 7.50 -30.88
CA ARG A 219 -56.01 6.59 -29.75
C ARG A 219 -56.03 7.32 -28.41
N GLY A 220 -56.11 8.64 -28.40
CA GLY A 220 -56.27 9.39 -27.16
C GLY A 220 -55.09 10.27 -26.77
N CYS A 221 -53.95 10.14 -27.46
CA CYS A 221 -52.81 10.99 -27.15
C CYS A 221 -53.06 12.42 -27.64
N LEU A 222 -52.41 13.37 -26.99
CA LEU A 222 -52.64 14.79 -27.25
C LEU A 222 -51.49 15.36 -28.07
N ARG A 223 -51.82 15.99 -29.19
CA ARG A 223 -50.83 16.61 -30.07
C ARG A 223 -50.85 18.12 -29.84
N ILE A 224 -49.70 18.68 -29.50
CA ILE A 224 -49.58 20.09 -29.21
C ILE A 224 -48.49 20.69 -30.08
N GLN A 225 -48.59 22.01 -30.29
CA GLN A 225 -47.62 22.75 -31.08
C GLN A 225 -46.90 23.84 -30.30
N SER A 226 -47.27 24.10 -29.05
CA SER A 226 -46.67 25.18 -28.28
C SER A 226 -46.68 24.81 -26.80
N LEU A 227 -46.20 25.74 -25.98
CA LEU A 227 -46.14 25.51 -24.53
C LEU A 227 -47.51 25.65 -23.88
N MET A 228 -48.30 26.62 -24.33
CA MET A 228 -49.60 26.88 -23.70
C MET A 228 -50.64 25.83 -24.04
N GLU A 229 -50.44 25.07 -25.12
CA GLU A 229 -51.32 23.96 -25.45
C GLU A 229 -51.08 22.73 -24.60
N MET A 230 -49.97 22.70 -23.85
CA MET A 230 -49.60 21.50 -23.11
C MET A 230 -50.48 21.33 -21.88
N ASP A 231 -51.06 20.14 -21.74
CA ASP A 231 -51.87 19.79 -20.58
C ASP A 231 -51.14 18.71 -19.78
N TYR A 232 -50.88 18.99 -18.51
CA TYR A 232 -50.22 18.03 -17.62
C TYR A 232 -51.12 16.87 -17.22
N GLU A 233 -52.44 16.98 -17.40
CA GLU A 233 -53.35 15.90 -17.01
C GLU A 233 -53.31 14.74 -17.98
N ARG A 234 -52.96 15.00 -19.25
CA ARG A 234 -52.99 13.95 -20.27
C ARG A 234 -51.85 12.97 -20.06
N GLU A 235 -52.17 11.67 -20.11
CA GLU A 235 -51.18 10.63 -19.80
C GLU A 235 -50.08 10.56 -20.87
N LEU A 236 -50.46 10.65 -22.15
CA LEU A 236 -49.51 10.59 -23.24
C LEU A 236 -49.71 11.81 -24.13
N VAL A 237 -48.63 12.56 -24.35
CA VAL A 237 -48.67 13.80 -25.13
C VAL A 237 -47.70 13.65 -26.29
N LEU A 238 -48.19 13.85 -27.51
CA LEU A 238 -47.36 13.93 -28.70
C LEU A 238 -46.97 15.39 -28.94
N CYS A 239 -45.71 15.63 -29.29
CA CYS A 239 -45.21 16.97 -29.51
C CYS A 239 -43.94 16.89 -30.33
N SER A 240 -43.52 18.03 -30.86
CA SER A 240 -42.20 18.13 -31.46
C SER A 240 -41.14 18.09 -30.36
N GLU A 241 -39.90 17.81 -30.77
CA GLU A 241 -38.81 17.72 -29.81
C GLU A 241 -38.50 19.07 -29.19
N ILE A 242 -38.67 20.16 -29.94
CA ILE A 242 -38.35 21.49 -29.44
C ILE A 242 -39.37 21.91 -28.39
N VAL A 243 -40.65 21.62 -28.63
CA VAL A 243 -41.71 21.88 -27.66
C VAL A 243 -41.55 20.97 -26.44
N LEU A 244 -41.11 19.72 -26.68
CA LEU A 244 -40.79 18.79 -25.59
C LEU A 244 -39.68 19.34 -24.71
N LEU A 245 -38.67 19.94 -25.32
CA LEU A 245 -37.56 20.51 -24.57
C LEU A 245 -38.00 21.77 -23.81
N ARG A 246 -38.89 22.57 -24.39
CA ARG A 246 -39.41 23.72 -23.67
C ARG A 246 -40.27 23.31 -22.48
N ILE A 247 -41.03 22.21 -22.61
CA ILE A 247 -41.80 21.68 -21.50
C ILE A 247 -40.87 21.14 -20.41
N ALA A 248 -39.79 20.46 -20.83
CA ALA A 248 -38.75 20.01 -19.89
C ALA A 248 -38.10 21.18 -19.17
N LYS A 249 -37.80 22.25 -19.89
CA LYS A 249 -37.18 23.44 -19.32
C LYS A 249 -38.11 24.13 -18.33
N GLN A 250 -39.38 24.32 -18.71
CA GLN A 250 -40.30 25.00 -17.81
C GLN A 250 -40.68 24.14 -16.62
N LEU A 251 -40.56 22.81 -16.73
CA LEU A 251 -40.76 21.96 -15.57
C LEU A 251 -39.55 22.02 -14.65
N LEU A 252 -38.35 22.06 -15.19
CA LEU A 252 -37.17 22.08 -14.34
C LEU A 252 -36.96 23.44 -13.69
N GLU A 253 -37.45 24.53 -14.31
CA GLU A 253 -37.37 25.84 -13.67
C GLU A 253 -38.44 26.06 -12.61
N LEU A 254 -39.43 25.17 -12.49
CA LEU A 254 -40.37 25.26 -11.39
C LEU A 254 -39.68 24.98 -10.07
N THR A 255 -40.07 25.75 -9.04
CA THR A 255 -39.49 25.64 -7.71
C THR A 255 -40.08 24.45 -6.95
N PHE A 256 -39.71 23.26 -7.44
CA PHE A 256 -40.03 22.03 -6.75
C PHE A 256 -39.23 21.92 -5.47
N ASP A 257 -39.67 21.03 -4.59
CA ASP A 257 -38.82 20.67 -3.47
C ASP A 257 -37.75 19.68 -3.91
N TYR A 258 -38.09 18.75 -4.79
CA TYR A 258 -37.16 17.70 -5.19
C TYR A 258 -37.43 17.37 -6.65
N VAL A 259 -36.43 17.48 -7.51
CA VAL A 259 -36.48 16.87 -8.83
C VAL A 259 -35.57 15.65 -8.78
N VAL A 260 -36.16 14.46 -8.85
CA VAL A 260 -35.45 13.23 -8.58
C VAL A 260 -35.31 12.44 -9.88
N THR A 261 -34.07 12.02 -10.16
CA THR A 261 -33.76 11.26 -11.35
C THR A 261 -32.95 10.03 -10.95
N PHE A 262 -32.91 9.05 -11.85
CA PHE A 262 -31.97 7.95 -11.74
C PHE A 262 -31.01 8.03 -12.91
N ASN A 263 -29.71 8.19 -12.60
CA ASN A 263 -28.63 8.42 -13.58
C ASN A 263 -28.94 9.61 -14.47
N GLY A 264 -29.56 10.63 -13.88
CA GLY A 264 -30.19 11.66 -14.67
C GLY A 264 -29.41 12.94 -14.73
N HIS A 265 -28.62 13.23 -13.70
CA HIS A 265 -27.64 14.30 -13.81
C HIS A 265 -26.60 13.94 -14.85
N ASN A 266 -26.17 12.68 -14.85
CA ASN A 266 -25.19 12.23 -15.84
C ASN A 266 -25.80 12.14 -17.24
N PHE A 267 -27.02 11.62 -17.36
CA PHE A 267 -27.60 11.43 -18.69
C PHE A 267 -28.81 12.31 -18.94
N ASP A 268 -29.88 12.21 -18.12
CA ASP A 268 -31.17 12.76 -18.52
C ASP A 268 -31.18 14.29 -18.50
N LEU A 269 -30.78 14.88 -17.38
CA LEU A 269 -30.83 16.34 -17.27
C LEU A 269 -29.77 17.01 -18.14
N ARG A 270 -28.60 16.38 -18.24
CA ARG A 270 -27.55 16.88 -19.13
C ARG A 270 -27.98 16.80 -20.58
N TYR A 271 -28.63 15.69 -20.97
CA TYR A 271 -29.14 15.53 -22.33
C TYR A 271 -30.24 16.53 -22.62
N ILE A 272 -31.10 16.80 -21.63
CA ILE A 272 -32.19 17.76 -21.81
C ILE A 272 -31.64 19.16 -22.00
N THR A 273 -30.70 19.60 -21.14
CA THR A 273 -30.19 20.95 -21.26
C THR A 273 -29.29 21.12 -22.49
N ASN A 274 -28.56 20.08 -22.88
CA ASN A 274 -27.70 20.18 -24.04
C ASN A 274 -28.50 20.13 -25.34
N ARG A 275 -29.51 19.26 -25.41
CA ARG A 275 -30.38 19.20 -26.58
C ARG A 275 -31.25 20.46 -26.69
N LEU A 276 -31.58 21.07 -25.56
CA LEU A 276 -32.26 22.37 -25.58
C LEU A 276 -31.34 23.48 -26.08
N GLU A 277 -30.07 23.45 -25.68
CA GLU A 277 -29.11 24.43 -26.20
C GLU A 277 -28.83 24.21 -27.69
N LEU A 278 -28.91 22.95 -28.14
CA LEU A 278 -28.68 22.65 -29.55
C LEU A 278 -29.84 23.08 -30.44
N LEU A 279 -31.08 22.67 -30.11
CA LEU A 279 -32.15 22.91 -31.06
C LEU A 279 -32.63 24.36 -31.09
N THR A 280 -32.77 25.01 -29.94
CA THR A 280 -33.28 26.36 -29.92
C THR A 280 -32.36 27.38 -29.27
N GLY A 281 -31.27 26.95 -28.64
CA GLY A 281 -30.37 27.87 -27.97
C GLY A 281 -30.81 28.30 -26.59
N GLU A 282 -31.98 27.87 -26.14
CA GLU A 282 -32.43 28.20 -24.80
C GLU A 282 -31.67 27.37 -23.77
N LYS A 283 -31.68 27.86 -22.53
CA LYS A 283 -31.05 27.17 -21.42
C LYS A 283 -32.03 27.16 -20.25
N ILE A 284 -31.89 26.16 -19.38
CA ILE A 284 -32.78 25.99 -18.24
C ILE A 284 -32.29 26.93 -17.15
N ILE A 285 -32.98 28.05 -16.98
CA ILE A 285 -32.52 29.17 -16.16
C ILE A 285 -33.11 29.02 -14.76
N PHE A 286 -32.27 28.66 -13.79
CA PHE A 286 -32.66 28.68 -12.40
C PHE A 286 -32.46 30.08 -11.85
N ARG A 287 -33.51 30.65 -11.27
CA ARG A 287 -33.44 31.98 -10.69
C ARG A 287 -33.43 31.88 -9.17
N SER A 288 -32.78 32.84 -8.53
CA SER A 288 -32.79 32.95 -7.10
C SER A 288 -34.18 33.36 -6.62
N PRO A 289 -34.55 33.04 -5.36
CA PRO A 289 -35.86 33.44 -4.86
C PRO A 289 -36.10 34.94 -4.81
N ASP A 290 -35.06 35.76 -4.71
CA ASP A 290 -35.20 37.20 -4.83
C ASP A 290 -35.07 37.71 -6.25
N LYS A 291 -34.90 36.81 -7.23
CA LYS A 291 -34.73 37.08 -8.66
C LYS A 291 -33.53 37.98 -8.95
N LYS A 292 -32.51 37.96 -8.10
CA LYS A 292 -31.34 38.82 -8.31
C LYS A 292 -30.36 38.18 -9.29
N GLU A 293 -29.93 36.96 -9.01
CA GLU A 293 -28.96 36.26 -9.84
C GLU A 293 -29.59 34.99 -10.39
N ALA A 294 -29.30 34.70 -11.66
CA ALA A 294 -29.88 33.56 -12.35
C ALA A 294 -28.78 32.76 -13.01
N VAL A 295 -28.81 31.44 -12.82
CA VAL A 295 -27.82 30.56 -13.42
C VAL A 295 -28.53 29.57 -14.34
N HIS A 296 -27.78 29.05 -15.31
CA HIS A 296 -28.27 28.05 -16.24
C HIS A 296 -27.94 26.65 -15.72
N LEU A 297 -28.69 25.67 -16.21
CA LEU A 297 -28.46 24.29 -15.78
C LEU A 297 -27.20 23.79 -16.46
N CYS A 298 -26.11 23.73 -15.70
CA CYS A 298 -24.85 23.15 -16.18
C CYS A 298 -24.52 22.00 -15.26
N ILE A 299 -24.56 20.77 -15.79
CA ILE A 299 -24.21 19.60 -14.99
C ILE A 299 -22.71 19.66 -14.72
N TYR A 300 -22.36 19.97 -13.49
CA TYR A 300 -20.97 19.97 -13.07
C TYR A 300 -20.59 18.61 -12.52
N GLU A 301 -19.53 18.05 -13.08
CA GLU A 301 -18.93 16.84 -12.56
C GLU A 301 -18.35 17.12 -11.19
N ARG A 302 -18.50 16.19 -10.27
CA ARG A 302 -17.86 16.27 -8.97
C ARG A 302 -17.12 14.97 -8.69
N ASN A 303 -15.83 15.07 -8.43
CA ASN A 303 -14.99 13.91 -8.21
C ASN A 303 -14.52 13.86 -6.77
N GLN A 304 -14.58 12.67 -6.19
CA GLN A 304 -14.08 12.42 -4.85
C GLN A 304 -12.87 11.51 -4.95
N SER A 305 -11.72 12.02 -4.54
CA SER A 305 -10.52 11.20 -4.52
C SER A 305 -10.60 10.18 -3.39
N SER A 306 -9.91 9.05 -3.57
CA SER A 306 -9.86 8.06 -2.52
C SER A 306 -8.96 8.54 -1.38
N HIS A 307 -9.12 7.90 -0.23
CA HIS A 307 -8.33 8.24 0.96
C HIS A 307 -7.44 7.08 1.38
N LYS A 308 -7.21 6.12 0.49
CA LYS A 308 -6.30 5.02 0.72
C LYS A 308 -5.40 4.84 -0.49
N GLY A 309 -4.19 4.40 -0.24
CA GLY A 309 -3.27 4.12 -1.33
C GLY A 309 -2.68 5.41 -1.89
N VAL A 310 -2.84 5.61 -3.20
CA VAL A 310 -2.21 6.73 -3.90
C VAL A 310 -3.17 7.91 -3.97
N CYS A 311 -4.32 7.78 -3.30
CA CYS A 311 -5.37 8.81 -3.21
C CYS A 311 -5.86 9.24 -4.58
N GLY A 312 -6.04 8.28 -5.48
CA GLY A 312 -6.59 8.55 -6.78
C GLY A 312 -8.08 8.82 -6.72
N MET A 313 -8.61 9.28 -7.85
CA MET A 313 -10.02 9.68 -7.91
C MET A 313 -10.89 8.43 -7.97
N ALA A 314 -11.75 8.25 -6.97
CA ALA A 314 -12.45 6.98 -6.80
C ALA A 314 -13.93 7.03 -7.10
N ASN A 315 -14.55 8.20 -7.14
CA ASN A 315 -15.99 8.29 -7.34
C ASN A 315 -16.29 9.61 -8.04
N THR A 316 -17.22 9.56 -8.99
CA THR A 316 -17.68 10.74 -9.71
C THR A 316 -19.20 10.80 -9.57
N THR A 317 -19.67 11.90 -9.00
CA THR A 317 -21.10 12.18 -8.91
C THR A 317 -21.39 13.47 -9.67
N PHE A 318 -22.52 13.50 -10.34
CA PHE A 318 -22.94 14.67 -11.09
C PHE A 318 -24.11 15.33 -10.38
N HIS A 319 -24.08 16.66 -10.31
CA HIS A 319 -25.09 17.44 -9.63
C HIS A 319 -25.51 18.60 -10.52
N VAL A 320 -26.52 19.33 -10.08
CA VAL A 320 -27.13 20.41 -10.84
C VAL A 320 -26.85 21.73 -10.15
N ASN A 321 -26.37 22.72 -10.91
CA ASN A 321 -26.09 24.04 -10.36
C ASN A 321 -27.41 24.78 -10.17
N ASN A 322 -28.09 24.47 -9.08
CA ASN A 322 -29.38 25.05 -8.78
C ASN A 322 -29.26 26.12 -7.70
N ASN A 323 -30.09 27.14 -7.81
CA ASN A 323 -30.19 28.13 -6.75
C ASN A 323 -31.63 28.56 -6.50
N ASN A 324 -32.62 27.82 -6.99
CA ASN A 324 -34.01 28.09 -6.68
C ASN A 324 -34.52 27.31 -5.48
N GLY A 325 -33.69 26.42 -4.93
CA GLY A 325 -34.05 25.65 -3.76
C GLY A 325 -34.43 24.21 -4.04
N THR A 326 -34.61 23.86 -5.30
CA THR A 326 -34.98 22.49 -5.64
C THR A 326 -33.81 21.55 -5.42
N ILE A 327 -34.04 20.49 -4.66
CA ILE A 327 -33.01 19.47 -4.45
C ILE A 327 -33.04 18.55 -5.66
N PHE A 328 -32.27 18.89 -6.68
CA PHE A 328 -32.09 18.00 -7.81
C PHE A 328 -31.29 16.79 -7.35
N PHE A 329 -31.95 15.64 -7.28
CA PHE A 329 -31.43 14.48 -6.58
C PHE A 329 -31.26 13.33 -7.56
N ASP A 330 -30.02 12.93 -7.81
CA ASP A 330 -29.76 11.75 -8.61
C ASP A 330 -29.75 10.54 -7.69
N LEU A 331 -30.70 9.62 -7.92
CA LEU A 331 -30.77 8.42 -7.11
C LEU A 331 -29.65 7.45 -7.39
N TYR A 332 -29.01 7.56 -8.56
CA TYR A 332 -27.87 6.71 -8.91
C TYR A 332 -26.72 6.91 -7.94
N SER A 333 -26.38 8.18 -7.67
CA SER A 333 -25.30 8.52 -6.76
C SER A 333 -25.64 8.10 -5.33
N PHE A 334 -26.91 8.30 -4.93
CA PHE A 334 -27.34 7.98 -3.57
C PHE A 334 -27.29 6.48 -3.31
N ILE A 335 -27.80 5.67 -4.25
CA ILE A 335 -27.79 4.23 -4.04
C ILE A 335 -26.39 3.67 -4.22
N GLN A 336 -25.54 4.32 -5.03
CA GLN A 336 -24.12 3.96 -5.08
C GLN A 336 -23.43 4.19 -3.74
N LYS A 337 -23.76 5.30 -3.08
CA LYS A 337 -23.17 5.57 -1.76
C LYS A 337 -23.76 4.67 -0.69
N SER A 338 -25.04 4.32 -0.79
CA SER A 338 -25.73 3.62 0.29
C SER A 338 -25.70 2.10 0.13
N GLU A 339 -26.11 1.60 -1.02
CA GLU A 339 -26.26 0.17 -1.22
C GLU A 339 -24.95 -0.47 -1.69
N LYS A 340 -24.89 -1.79 -1.55
CA LYS A 340 -23.74 -2.60 -1.95
C LYS A 340 -24.27 -3.68 -2.88
N LEU A 341 -24.37 -3.34 -4.17
CA LEU A 341 -24.96 -4.22 -5.18
C LEU A 341 -24.01 -4.35 -6.36
N ASP A 342 -24.24 -5.42 -7.14
CA ASP A 342 -23.31 -5.81 -8.22
C ASP A 342 -23.19 -4.71 -9.27
N SER A 343 -24.32 -4.12 -9.67
CA SER A 343 -24.33 -2.92 -10.47
C SER A 343 -25.45 -2.03 -9.98
N TYR A 344 -25.30 -0.73 -10.19
CA TYR A 344 -26.35 0.20 -9.82
C TYR A 344 -27.07 0.77 -11.03
N LYS A 345 -27.11 0.03 -12.12
CA LYS A 345 -28.09 0.30 -13.16
C LYS A 345 -29.49 0.10 -12.59
N LEU A 346 -30.45 0.87 -13.14
CA LEU A 346 -31.80 0.97 -12.57
C LEU A 346 -32.52 -0.36 -12.53
N ASP A 347 -32.27 -1.22 -13.51
CA ASP A 347 -32.90 -2.53 -13.50
C ASP A 347 -32.26 -3.48 -12.48
N SER A 348 -30.99 -3.29 -12.12
CA SER A 348 -30.43 -4.06 -11.00
C SER A 348 -30.95 -3.56 -9.64
N ILE A 349 -31.16 -2.24 -9.52
CA ILE A 349 -31.74 -1.70 -8.30
C ILE A 349 -33.19 -2.14 -8.16
N SER A 350 -33.89 -2.31 -9.28
CA SER A 350 -35.24 -2.84 -9.23
C SER A 350 -35.26 -4.35 -8.96
N LYS A 351 -34.19 -5.06 -9.35
CA LYS A 351 -34.01 -6.46 -8.94
C LYS A 351 -33.91 -6.55 -7.43
N ASN A 352 -33.06 -5.71 -6.82
CA ASN A 352 -32.79 -5.82 -5.40
C ASN A 352 -33.92 -5.25 -4.55
N ALA A 353 -34.52 -4.14 -4.97
CA ALA A 353 -35.44 -3.40 -4.13
C ALA A 353 -36.81 -4.06 -4.06
N PHE A 354 -37.48 -4.20 -5.20
CA PHE A 354 -38.86 -4.66 -5.24
C PHE A 354 -38.90 -6.15 -5.57
N SER A 355 -38.34 -6.93 -4.66
CA SER A 355 -38.33 -8.39 -4.75
C SER A 355 -39.38 -8.93 -3.79
N CYS A 356 -40.40 -9.59 -4.35
CA CYS A 356 -41.49 -10.14 -3.55
C CYS A 356 -41.70 -11.60 -3.91
N MET A 357 -42.09 -12.38 -2.91
CA MET A 357 -42.47 -13.78 -3.10
C MET A 357 -43.93 -13.86 -3.50
N GLY A 358 -44.19 -14.53 -4.62
CA GLY A 358 -45.54 -14.60 -5.17
C GLY A 358 -46.09 -16.00 -5.29
N LYS A 359 -47.25 -16.22 -4.68
CA LYS A 359 -48.01 -17.45 -4.81
C LYS A 359 -48.72 -17.45 -6.17
N VAL A 360 -49.05 -18.64 -6.67
CA VAL A 360 -49.70 -18.80 -7.97
C VAL A 360 -51.12 -19.32 -7.75
N LEU A 361 -52.11 -18.60 -8.28
CA LEU A 361 -53.48 -19.06 -8.25
C LEU A 361 -53.90 -19.76 -9.54
N ASN A 362 -53.55 -19.18 -10.69
CA ASN A 362 -53.91 -19.72 -11.99
C ASN A 362 -52.66 -19.98 -12.81
N ARG A 363 -52.66 -21.10 -13.52
CA ARG A 363 -51.59 -21.45 -14.44
C ARG A 363 -52.16 -21.64 -15.83
N GLY A 364 -51.47 -21.11 -16.83
CA GLY A 364 -51.90 -21.25 -18.21
C GLY A 364 -50.82 -21.77 -19.12
N VAL A 365 -51.10 -21.81 -20.42
CA VAL A 365 -50.09 -22.24 -21.39
C VAL A 365 -48.98 -21.21 -21.50
N ARG A 366 -49.36 -19.94 -21.60
CA ARG A 366 -48.40 -18.85 -21.71
C ARG A 366 -48.58 -17.76 -20.67
N GLU A 367 -49.65 -17.78 -19.89
CA GLU A 367 -49.92 -16.76 -18.89
C GLU A 367 -49.90 -17.40 -17.51
N MET A 368 -49.07 -16.86 -16.63
CA MET A 368 -48.94 -17.36 -15.26
C MET A 368 -49.40 -16.26 -14.32
N THR A 369 -50.41 -16.57 -13.51
CA THR A 369 -51.09 -15.56 -12.69
C THR A 369 -50.57 -15.63 -11.27
N PHE A 370 -49.75 -14.66 -10.90
CA PHE A 370 -49.14 -14.62 -9.58
C PHE A 370 -49.98 -13.77 -8.63
N ILE A 371 -50.01 -14.18 -7.36
CA ILE A 371 -50.66 -13.46 -6.27
C ILE A 371 -49.63 -13.22 -5.18
N GLY A 372 -49.66 -12.03 -4.59
CA GLY A 372 -48.75 -11.73 -3.50
C GLY A 372 -49.42 -10.88 -2.44
N ASP A 373 -49.26 -11.26 -1.17
CA ASP A 373 -49.93 -10.56 -0.08
C ASP A 373 -49.11 -10.72 1.18
N ASP A 374 -49.74 -10.42 2.33
CA ASP A 374 -49.10 -10.46 3.63
C ASP A 374 -48.77 -11.87 4.11
N THR A 375 -49.41 -12.89 3.52
CA THR A 375 -49.10 -14.28 3.86
C THR A 375 -47.99 -14.85 2.99
N THR A 376 -47.86 -14.36 1.75
CA THR A 376 -46.83 -14.88 0.86
C THR A 376 -45.45 -14.34 1.24
N ASP A 377 -45.37 -13.07 1.60
CA ASP A 377 -44.10 -12.43 1.92
C ASP A 377 -44.29 -11.58 3.17
N ALA A 378 -43.32 -10.72 3.45
CA ALA A 378 -43.40 -9.82 4.59
C ALA A 378 -44.48 -8.76 4.36
N LYS A 379 -44.96 -8.20 5.47
CA LYS A 379 -46.00 -7.18 5.41
C LYS A 379 -45.43 -5.89 4.82
N GLY A 380 -46.14 -5.33 3.84
CA GLY A 380 -45.71 -4.12 3.17
C GLY A 380 -44.84 -4.35 1.95
N LYS A 381 -44.28 -5.54 1.79
CA LYS A 381 -43.55 -5.87 0.57
C LYS A 381 -44.50 -5.98 -0.61
N ALA A 382 -45.71 -6.48 -0.37
CA ALA A 382 -46.68 -6.64 -1.44
C ALA A 382 -47.32 -5.30 -1.84
N ASP A 383 -47.54 -4.37 -0.90
CA ASP A 383 -47.84 -2.99 -1.32
C ASP A 383 -46.75 -2.36 -2.14
N THR A 384 -45.49 -2.59 -1.79
CA THR A 384 -44.41 -2.01 -2.57
C THR A 384 -44.39 -2.59 -3.98
N PHE A 385 -44.62 -3.90 -4.09
CA PHE A 385 -44.71 -4.54 -5.40
C PHE A 385 -45.93 -4.03 -6.18
N ALA A 386 -47.06 -3.83 -5.51
CA ALA A 386 -48.24 -3.30 -6.19
C ALA A 386 -48.04 -1.84 -6.60
N LYS A 387 -47.31 -1.08 -5.79
CA LYS A 387 -47.01 0.31 -6.10
C LYS A 387 -46.13 0.40 -7.33
N VAL A 388 -45.13 -0.48 -7.45
CA VAL A 388 -44.34 -0.52 -8.67
C VAL A 388 -45.15 -1.08 -9.83
N LEU A 389 -46.06 -2.02 -9.55
CA LEU A 389 -46.91 -2.62 -10.57
C LEU A 389 -47.96 -1.66 -11.10
N THR A 390 -48.19 -0.53 -10.41
CA THR A 390 -49.08 0.49 -10.95
C THR A 390 -48.58 1.02 -12.30
N THR A 391 -47.26 1.11 -12.48
CA THR A 391 -46.68 1.49 -13.76
C THR A 391 -45.70 0.45 -14.32
N GLY A 392 -45.49 -0.67 -13.64
CA GLY A 392 -44.53 -1.66 -14.11
C GLY A 392 -45.02 -2.42 -15.33
N ASN A 393 -44.07 -2.93 -16.09
CA ASN A 393 -44.37 -3.62 -17.35
C ASN A 393 -43.78 -5.02 -17.45
N TYR A 394 -42.59 -5.24 -16.91
CA TYR A 394 -41.93 -6.54 -16.97
C TYR A 394 -41.52 -6.96 -15.56
N VAL A 395 -41.87 -8.19 -15.19
CA VAL A 395 -41.54 -8.74 -13.87
C VAL A 395 -40.62 -9.93 -14.08
N THR A 396 -39.46 -9.89 -13.43
CA THR A 396 -38.51 -10.99 -13.47
C THR A 396 -38.88 -12.04 -12.43
N VAL A 397 -38.97 -13.29 -12.86
CA VAL A 397 -39.39 -14.39 -11.98
C VAL A 397 -38.17 -15.23 -11.63
N ASP A 398 -37.88 -15.30 -10.31
CA ASP A 398 -36.80 -16.11 -9.72
C ASP A 398 -35.43 -15.69 -10.29
N GLU A 399 -35.31 -14.39 -10.58
CA GLU A 399 -34.07 -13.72 -11.00
C GLU A 399 -33.44 -14.30 -12.27
N ASP A 400 -34.18 -15.06 -13.06
CA ASP A 400 -33.61 -15.73 -14.22
C ASP A 400 -34.39 -15.47 -15.51
N ILE A 401 -35.71 -15.42 -15.44
CA ILE A 401 -36.55 -15.21 -16.62
C ILE A 401 -37.37 -13.94 -16.42
N ILE A 402 -37.51 -13.17 -17.50
CA ILE A 402 -38.20 -11.90 -17.49
C ILE A 402 -39.54 -12.07 -18.20
N CYS A 403 -40.63 -11.71 -17.53
CA CYS A 403 -41.97 -11.94 -18.02
C CYS A 403 -42.72 -10.61 -18.11
N LYS A 404 -43.31 -10.35 -19.28
CA LYS A 404 -44.10 -9.15 -19.48
C LYS A 404 -45.42 -9.25 -18.73
N VAL A 405 -45.86 -8.15 -18.15
CA VAL A 405 -47.14 -8.13 -17.44
C VAL A 405 -48.26 -8.11 -18.47
N ILE A 406 -49.10 -9.15 -18.47
CA ILE A 406 -50.23 -9.19 -19.38
C ILE A 406 -51.37 -8.29 -18.88
N ARG A 407 -51.72 -8.41 -17.61
CA ARG A 407 -52.84 -7.64 -17.06
C ARG A 407 -52.54 -7.31 -15.61
N LYS A 408 -52.92 -6.08 -15.20
CA LYS A 408 -52.59 -5.53 -13.89
C LYS A 408 -53.83 -5.35 -13.04
N ASP A 409 -53.76 -5.84 -11.80
CA ASP A 409 -54.78 -5.63 -10.80
C ASP A 409 -54.10 -5.21 -9.51
N ILE A 410 -54.61 -4.16 -8.87
CA ILE A 410 -54.06 -3.67 -7.61
C ILE A 410 -55.07 -4.01 -6.52
N LEU A 411 -54.66 -4.88 -5.60
CA LEU A 411 -55.53 -5.26 -4.50
C LEU A 411 -55.39 -4.28 -3.33
N GLU A 412 -56.20 -4.50 -2.30
CA GLU A 412 -56.12 -3.67 -1.11
C GLU A 412 -54.87 -3.98 -0.29
N ASN A 413 -54.53 -5.26 -0.17
CA ASN A 413 -53.40 -5.71 0.64
C ASN A 413 -52.46 -6.57 -0.18
N GLY A 414 -52.13 -6.12 -1.39
CA GLY A 414 -51.20 -6.85 -2.22
C GLY A 414 -51.39 -6.51 -3.69
N PHE A 415 -50.97 -7.44 -4.53
CA PHE A 415 -51.01 -7.27 -5.97
C PHE A 415 -51.54 -8.53 -6.64
N LYS A 416 -52.08 -8.35 -7.84
CA LYS A 416 -52.51 -9.45 -8.70
C LYS A 416 -51.95 -9.17 -10.09
N VAL A 417 -51.09 -10.05 -10.58
CA VAL A 417 -50.36 -9.84 -11.82
C VAL A 417 -50.49 -11.08 -12.70
N VAL A 418 -50.61 -10.88 -14.00
CA VAL A 418 -50.59 -11.94 -15.00
C VAL A 418 -49.33 -11.74 -15.83
N LEU A 419 -48.51 -12.78 -15.91
CA LEU A 419 -47.19 -12.68 -16.52
C LEU A 419 -47.08 -13.63 -17.70
N SER A 420 -46.41 -13.17 -18.76
CA SER A 420 -46.10 -14.01 -19.92
C SER A 420 -44.95 -14.94 -19.54
N CYS A 421 -45.29 -16.02 -18.83
CA CYS A 421 -44.32 -16.92 -18.25
C CYS A 421 -44.56 -18.35 -18.70
N PRO A 422 -43.51 -19.12 -18.94
CA PRO A 422 -43.69 -20.56 -19.12
C PRO A 422 -44.13 -21.21 -17.82
N THR A 423 -44.84 -22.33 -17.95
CA THR A 423 -45.45 -23.00 -16.80
C THR A 423 -44.37 -23.60 -15.90
N LEU A 424 -44.40 -23.23 -14.62
CA LEU A 424 -43.41 -23.64 -13.64
C LEU A 424 -44.07 -24.43 -12.52
N PRO A 425 -43.38 -25.45 -11.98
CA PRO A 425 -44.07 -26.36 -11.05
C PRO A 425 -44.27 -25.79 -9.66
N ASN A 426 -43.33 -25.00 -9.14
CA ASN A 426 -43.43 -24.52 -7.77
C ASN A 426 -44.48 -23.41 -7.65
N ASP A 427 -45.05 -23.30 -6.46
CA ASP A 427 -46.14 -22.36 -6.21
C ASP A 427 -45.65 -20.98 -5.80
N ILE A 428 -44.54 -20.88 -5.09
CA ILE A 428 -44.03 -19.61 -4.59
C ILE A 428 -42.73 -19.31 -5.31
N TYR A 429 -42.68 -18.15 -5.97
CA TYR A 429 -41.50 -17.73 -6.72
C TYR A 429 -41.18 -16.28 -6.40
N LYS A 430 -39.89 -15.95 -6.47
CA LYS A 430 -39.46 -14.57 -6.28
C LYS A 430 -39.80 -13.75 -7.50
N LEU A 431 -40.47 -12.62 -7.29
CA LEU A 431 -40.85 -11.70 -8.36
C LEU A 431 -40.11 -10.39 -8.16
N SER A 432 -39.39 -9.94 -9.19
CA SER A 432 -38.67 -8.69 -9.12
C SER A 432 -38.95 -7.90 -10.39
N PHE A 433 -38.78 -6.58 -10.29
CA PHE A 433 -39.12 -5.65 -11.36
C PHE A 433 -37.93 -5.25 -12.20
N GLY A 434 -36.94 -6.14 -12.36
CA GLY A 434 -35.69 -5.67 -12.93
C GLY A 434 -35.67 -5.32 -14.40
N LYS A 435 -35.58 -6.31 -15.27
CA LYS A 435 -35.17 -6.06 -16.64
C LYS A 435 -36.37 -5.98 -17.56
N ASP A 436 -36.16 -5.35 -18.71
CA ASP A 436 -37.13 -5.37 -19.79
C ASP A 436 -36.91 -6.52 -20.76
N ASP A 437 -35.67 -7.04 -20.82
CA ASP A 437 -35.25 -8.13 -21.71
C ASP A 437 -35.56 -7.83 -23.17
N ILE A 438 -35.29 -6.59 -23.59
CA ILE A 438 -35.55 -6.15 -24.94
C ILE A 438 -34.26 -5.61 -25.54
N ASP A 439 -34.22 -5.58 -26.87
CA ASP A 439 -33.19 -4.87 -27.61
C ASP A 439 -33.78 -3.52 -27.98
N LEU A 440 -33.44 -2.49 -27.20
CA LEU A 440 -34.03 -1.17 -27.39
C LEU A 440 -33.56 -0.52 -28.69
N ALA A 441 -32.31 -0.76 -29.09
CA ALA A 441 -31.81 -0.25 -30.37
C ALA A 441 -32.55 -0.90 -31.53
N GLN A 442 -32.93 -2.17 -31.40
CA GLN A 442 -33.71 -2.84 -32.41
C GLN A 442 -35.10 -2.21 -32.56
N MET A 443 -35.74 -1.86 -31.43
CA MET A 443 -37.03 -1.16 -31.51
C MET A 443 -36.86 0.27 -31.99
N TYR A 444 -35.66 0.84 -31.87
CA TYR A 444 -35.40 2.14 -32.48
C TYR A 444 -35.19 2.05 -33.98
N LYS A 445 -34.69 0.91 -34.47
CA LYS A 445 -34.47 0.74 -35.90
C LYS A 445 -35.80 0.63 -36.66
N ASP A 446 -36.80 0.00 -36.04
CA ASP A 446 -38.09 -0.23 -36.70
C ASP A 446 -39.20 0.48 -35.94
N TYR A 447 -38.95 1.76 -35.64
CA TYR A 447 -39.83 2.58 -34.81
C TYR A 447 -41.20 2.75 -35.42
N ASN A 448 -42.23 2.48 -34.62
CA ASN A 448 -43.62 2.71 -35.01
C ASN A 448 -44.36 3.27 -33.81
N LEU A 449 -45.67 3.46 -33.97
CA LEU A 449 -46.48 4.04 -32.90
C LEU A 449 -46.66 3.07 -31.74
N ASN A 450 -46.84 1.78 -32.04
CA ASN A 450 -46.96 0.78 -30.98
C ASN A 450 -45.67 0.66 -30.18
N ILE A 451 -44.52 0.70 -30.86
CA ILE A 451 -43.23 0.70 -30.19
C ILE A 451 -43.04 1.98 -29.39
N ALA A 452 -43.51 3.11 -29.93
CA ALA A 452 -43.44 4.39 -29.22
C ALA A 452 -44.25 4.36 -27.93
N LEU A 453 -45.45 3.78 -27.98
CA LEU A 453 -46.28 3.70 -26.77
C LEU A 453 -45.73 2.68 -25.78
N ASP A 454 -45.14 1.59 -26.27
CA ASP A 454 -44.49 0.63 -25.38
C ASP A 454 -43.30 1.25 -24.65
N MET A 455 -42.45 1.98 -25.35
CA MET A 455 -41.37 2.64 -24.65
C MET A 455 -41.83 3.85 -23.85
N ALA A 456 -42.99 4.43 -24.17
CA ALA A 456 -43.59 5.42 -23.30
C ALA A 456 -44.01 4.79 -21.97
N ARG A 457 -44.56 3.57 -22.03
CA ARG A 457 -44.88 2.82 -20.82
C ARG A 457 -43.62 2.45 -20.03
N TYR A 458 -42.55 2.05 -20.73
CA TYR A 458 -41.30 1.72 -20.06
C TYR A 458 -40.64 2.98 -19.47
N CYS A 459 -40.75 4.11 -20.16
CA CYS A 459 -40.18 5.36 -19.67
C CYS A 459 -40.95 5.89 -18.48
N ILE A 460 -42.29 5.77 -18.50
CA ILE A 460 -43.04 6.19 -17.32
C ILE A 460 -42.87 5.19 -16.19
N HIS A 461 -42.55 3.93 -16.50
CA HIS A 461 -42.17 2.99 -15.46
C HIS A 461 -40.86 3.40 -14.80
N ASP A 462 -39.90 3.87 -15.60
CA ASP A 462 -38.63 4.35 -15.04
C ASP A 462 -38.80 5.64 -14.24
N ALA A 463 -39.62 6.56 -14.76
CA ALA A 463 -39.87 7.82 -14.06
C ALA A 463 -40.60 7.60 -12.74
N CYS A 464 -41.62 6.75 -12.73
CA CYS A 464 -42.27 6.41 -11.46
C CYS A 464 -41.40 5.50 -10.61
N LEU A 465 -40.49 4.75 -11.23
CA LEU A 465 -39.54 3.91 -10.51
C LEU A 465 -38.57 4.74 -9.70
N CYS A 466 -38.29 5.96 -10.17
CA CYS A 466 -37.58 6.94 -9.32
C CYS A 466 -38.38 7.24 -8.05
N GLN A 467 -39.70 7.37 -8.16
CA GLN A 467 -40.53 7.59 -6.97
C GLN A 467 -40.59 6.36 -6.09
N TYR A 468 -40.62 5.18 -6.70
CA TYR A 468 -40.73 3.96 -5.90
C TYR A 468 -39.41 3.66 -5.18
N LEU A 469 -38.28 4.04 -5.78
CA LEU A 469 -37.01 4.00 -5.08
C LEU A 469 -36.88 5.12 -4.06
N TRP A 470 -37.54 6.25 -4.31
CA TRP A 470 -37.58 7.33 -3.34
C TRP A 470 -38.30 6.92 -2.07
N GLU A 471 -39.44 6.25 -2.22
CA GLU A 471 -40.21 5.80 -1.07
C GLU A 471 -39.66 4.51 -0.49
N TYR A 472 -38.98 3.68 -1.30
CA TYR A 472 -38.40 2.45 -0.78
C TYR A 472 -37.21 2.74 0.13
N TYR A 473 -36.35 3.65 -0.27
CA TYR A 473 -35.21 4.02 0.55
C TYR A 473 -35.55 5.10 1.56
N GLY A 474 -36.73 5.71 1.46
CA GLY A 474 -37.18 6.72 2.40
C GLY A 474 -36.31 7.95 2.37
N VAL A 475 -36.09 8.49 1.18
CA VAL A 475 -34.98 9.42 1.01
C VAL A 475 -35.35 10.79 1.57
N GLU A 476 -36.64 11.13 1.67
CA GLU A 476 -36.96 12.41 2.29
C GLU A 476 -36.82 12.29 3.80
N THR A 477 -37.20 11.13 4.36
CA THR A 477 -36.96 10.87 5.78
C THR A 477 -35.47 10.75 6.10
N LYS A 478 -34.70 10.07 5.23
CA LYS A 478 -33.25 9.99 5.37
C LYS A 478 -32.62 11.37 5.27
N THR A 479 -33.11 12.20 4.35
CA THR A 479 -32.61 13.55 4.15
C THR A 479 -32.87 14.42 5.37
N ASP A 480 -34.09 14.35 5.92
CA ASP A 480 -34.43 15.14 7.10
C ASP A 480 -33.61 14.71 8.31
N ALA A 481 -33.44 13.40 8.52
CA ALA A 481 -32.67 12.96 9.67
C ALA A 481 -31.19 13.26 9.52
N GLY A 482 -30.66 13.15 8.31
CA GLY A 482 -29.28 13.53 8.08
C GLY A 482 -29.07 15.02 8.23
N ALA A 483 -30.05 15.83 7.82
CA ALA A 483 -29.96 17.27 7.98
C ALA A 483 -29.97 17.67 9.45
N ALA A 484 -30.85 17.03 10.23
CA ALA A 484 -30.90 17.34 11.66
C ALA A 484 -29.67 16.83 12.40
N THR A 485 -29.26 15.59 12.12
CA THR A 485 -28.16 14.96 12.85
C THR A 485 -26.82 15.55 12.46
N TYR A 486 -26.53 15.62 11.16
CA TYR A 486 -25.24 16.09 10.70
C TYR A 486 -25.15 17.60 10.55
N VAL A 487 -26.25 18.30 10.83
CA VAL A 487 -26.37 19.76 10.91
C VAL A 487 -25.91 20.30 9.56
N LEU A 488 -26.55 19.82 8.51
CA LEU A 488 -26.19 20.09 7.13
C LEU A 488 -27.44 20.46 6.37
N PRO A 489 -27.32 21.22 5.28
CA PRO A 489 -28.48 21.44 4.40
C PRO A 489 -28.96 20.14 3.78
N GLN A 490 -30.27 20.11 3.50
CA GLN A 490 -30.92 18.91 3.01
C GLN A 490 -30.35 18.46 1.66
N SER A 491 -29.99 19.44 0.82
CA SER A 491 -29.32 19.12 -0.43
C SER A 491 -27.85 18.72 -0.25
N MET A 492 -27.28 18.91 0.95
CA MET A 492 -25.88 18.60 1.24
C MET A 492 -25.72 17.27 1.99
N VAL A 493 -26.80 16.54 2.25
CA VAL A 493 -26.77 15.49 3.27
C VAL A 493 -25.94 14.30 2.79
N PHE A 494 -26.34 13.70 1.68
CA PHE A 494 -25.65 12.49 1.23
C PHE A 494 -24.40 12.81 0.42
N GLU A 495 -24.24 14.05 -0.02
CA GLU A 495 -23.20 14.37 -1.00
C GLU A 495 -21.82 14.25 -0.37
N TYR A 496 -21.66 14.79 0.82
CA TYR A 496 -20.50 14.47 1.64
C TYR A 496 -20.56 13.16 2.40
N ARG A 497 -19.36 12.65 2.61
CA ARG A 497 -19.04 11.41 3.29
C ARG A 497 -18.92 11.69 4.79
N ALA A 498 -18.25 10.78 5.49
CA ALA A 498 -18.22 10.77 6.95
C ALA A 498 -17.59 12.05 7.52
N SER A 499 -16.47 12.51 6.95
CA SER A 499 -15.64 13.54 7.59
C SER A 499 -16.39 14.87 7.74
N THR A 500 -17.20 15.23 6.75
CA THR A 500 -18.00 16.45 6.87
C THR A 500 -19.19 16.24 7.81
N ILE A 501 -19.87 15.09 7.71
CA ILE A 501 -21.10 14.90 8.47
C ILE A 501 -20.82 14.71 9.96
N ILE A 502 -19.58 14.36 10.30
CA ILE A 502 -19.15 14.42 11.71
C ILE A 502 -19.15 15.86 12.20
N LYS A 503 -18.74 16.80 11.34
CA LYS A 503 -18.33 18.14 11.79
C LYS A 503 -19.50 18.96 12.31
N GLY A 504 -20.71 18.71 11.80
CA GLY A 504 -21.90 19.38 12.27
C GLY A 504 -22.23 19.17 13.74
N PRO A 505 -22.50 17.92 14.14
CA PRO A 505 -22.66 17.65 15.57
C PRO A 505 -21.39 17.86 16.37
N LEU A 506 -20.22 17.70 15.74
CA LEU A 506 -18.96 18.03 16.39
C LEU A 506 -18.88 19.52 16.73
N LEU A 507 -19.35 20.37 15.84
CA LEU A 507 -19.35 21.81 16.12
C LEU A 507 -20.41 22.16 17.15
N LYS A 508 -21.59 21.51 17.07
CA LYS A 508 -22.61 21.64 18.11
C LYS A 508 -22.07 21.29 19.49
N LEU A 509 -21.28 20.23 19.54
CA LEU A 509 -20.69 19.75 20.79
C LEU A 509 -19.58 20.66 21.28
N LEU A 510 -18.69 21.08 20.39
CA LEU A 510 -17.56 21.91 20.78
C LEU A 510 -18.00 23.30 21.19
N LEU A 511 -19.14 23.77 20.67
CA LEU A 511 -19.75 24.97 21.24
C LEU A 511 -20.48 24.64 22.55
N GLU A 512 -21.02 23.43 22.68
CA GLU A 512 -21.68 23.06 23.93
C GLU A 512 -20.66 22.76 25.03
N THR A 513 -19.60 22.02 24.71
CA THR A 513 -18.59 21.65 25.69
C THR A 513 -17.48 22.68 25.82
N LYS A 514 -17.59 23.78 25.09
CA LYS A 514 -16.84 25.02 25.29
C LYS A 514 -15.36 24.78 24.99
N THR A 515 -15.09 24.07 23.89
CA THR A 515 -13.78 23.47 23.63
C THR A 515 -13.37 23.68 22.18
N ILE A 516 -12.08 23.96 21.96
CA ILE A 516 -11.51 24.14 20.63
C ILE A 516 -10.33 23.20 20.47
N LEU A 517 -10.29 22.48 19.35
CA LEU A 517 -9.18 21.59 19.02
C LEU A 517 -8.25 22.26 18.01
N VAL A 518 -6.96 22.33 18.36
CA VAL A 518 -5.93 22.87 17.49
C VAL A 518 -4.80 21.87 17.38
N ARG A 519 -3.98 22.02 16.34
CA ARG A 519 -2.81 21.18 16.12
C ARG A 519 -1.61 22.05 15.82
N SER A 520 -0.47 21.71 16.42
CA SER A 520 0.78 22.43 16.21
C SER A 520 1.67 21.71 15.21
N GLU A 521 2.00 20.45 15.47
CA GLU A 521 2.87 19.69 14.59
C GLU A 521 2.03 18.91 13.56
N THR A 522 2.73 18.36 12.57
CA THR A 522 2.07 17.61 11.52
C THR A 522 1.57 16.27 12.03
N LYS A 523 0.50 15.78 11.39
CA LYS A 523 -0.06 14.49 11.76
C LYS A 523 0.70 13.37 11.07
N GLN A 524 1.13 12.37 11.84
CA GLN A 524 1.96 11.28 11.35
C GLN A 524 1.20 9.98 11.41
N LYS A 525 1.24 9.22 10.32
CA LYS A 525 0.47 7.99 10.18
C LYS A 525 1.35 6.78 10.51
N PHE A 526 0.84 5.90 11.36
CA PHE A 526 1.48 4.63 11.67
C PHE A 526 0.47 3.50 11.49
N PRO A 527 0.90 2.34 11.04
CA PRO A 527 0.00 1.18 11.05
C PRO A 527 -0.21 0.67 12.47
N TYR A 528 -1.46 0.36 12.78
CA TYR A 528 -1.82 -0.21 14.07
C TYR A 528 -2.71 -1.42 13.85
N GLU A 529 -2.68 -2.35 14.80
CA GLU A 529 -3.45 -3.58 14.63
C GLU A 529 -4.90 -3.30 14.98
N GLY A 530 -5.81 -3.81 14.14
CA GLY A 530 -7.23 -3.59 14.32
C GLY A 530 -7.87 -4.63 15.21
N GLY A 531 -9.17 -4.83 14.98
CA GLY A 531 -9.93 -5.73 15.83
C GLY A 531 -9.55 -7.18 15.58
N LYS A 532 -9.57 -7.97 16.66
CA LYS A 532 -9.04 -9.31 16.60
C LYS A 532 -10.02 -10.26 15.96
N VAL A 533 -9.52 -11.09 15.05
CA VAL A 533 -10.31 -12.12 14.38
C VAL A 533 -9.74 -13.47 14.76
N PHE A 534 -10.61 -14.33 15.29
CA PHE A 534 -10.23 -15.66 15.74
C PHE A 534 -10.43 -16.67 14.60
N ALA A 535 -9.53 -17.64 14.52
CA ALA A 535 -9.71 -18.71 13.56
C ALA A 535 -10.88 -19.58 13.97
N PRO A 536 -11.70 -20.04 13.02
CA PRO A 536 -12.79 -20.96 13.35
C PRO A 536 -12.25 -22.28 13.89
N LYS A 537 -12.95 -22.82 14.89
CA LYS A 537 -12.50 -24.06 15.52
C LYS A 537 -12.64 -25.25 14.58
N GLN A 538 -13.79 -25.40 13.92
CA GLN A 538 -13.83 -26.29 12.78
C GLN A 538 -14.77 -25.74 11.72
N LYS A 539 -14.82 -26.43 10.59
CA LYS A 539 -15.51 -25.92 9.41
C LYS A 539 -17.03 -26.07 9.53
N MET A 540 -17.50 -27.27 9.89
CA MET A 540 -18.92 -27.55 10.03
C MET A 540 -19.35 -27.59 11.49
N PHE A 541 -20.47 -26.95 11.78
CA PHE A 541 -21.08 -27.00 13.10
C PHE A 541 -22.46 -27.63 12.94
N SER A 542 -22.55 -28.92 13.25
CA SER A 542 -23.86 -29.58 13.40
C SER A 542 -24.63 -29.02 14.58
N ASN A 543 -23.93 -28.35 15.47
CA ASN A 543 -24.38 -28.09 16.81
C ASN A 543 -24.55 -26.57 16.91
N ASN A 544 -25.57 -26.10 17.62
CA ASN A 544 -26.02 -24.70 17.48
C ASN A 544 -25.00 -23.71 18.03
N VAL A 545 -24.92 -22.54 17.36
CA VAL A 545 -23.93 -21.51 17.67
C VAL A 545 -24.66 -20.22 18.04
N LEU A 546 -24.41 -19.72 19.25
CA LEU A 546 -25.00 -18.48 19.72
C LEU A 546 -24.11 -17.31 19.35
N ILE A 547 -24.74 -16.23 18.90
CA ILE A 547 -24.03 -15.04 18.42
C ILE A 547 -24.26 -13.90 19.40
N PHE A 548 -23.17 -13.37 19.95
CA PHE A 548 -23.22 -12.27 20.91
C PHE A 548 -22.49 -11.08 20.31
N ASP A 549 -23.22 -9.98 20.14
CA ASP A 549 -22.79 -8.83 19.35
C ASP A 549 -22.84 -7.60 20.23
N TYR A 550 -21.68 -6.97 20.44
CA TYR A 550 -21.59 -5.75 21.24
C TYR A 550 -22.39 -4.62 20.63
N ASN A 551 -23.11 -3.89 21.46
CA ASN A 551 -23.85 -2.70 21.03
C ASN A 551 -22.85 -1.59 20.74
N SER A 552 -22.48 -1.44 19.47
CA SER A 552 -21.61 -0.36 18.98
C SER A 552 -20.25 -0.38 19.70
N LEU A 553 -19.48 -1.43 19.40
CA LEU A 553 -18.30 -1.80 20.19
C LEU A 553 -17.28 -0.67 20.26
N TYR A 554 -16.77 -0.24 19.10
CA TYR A 554 -15.79 0.85 19.10
C TYR A 554 -16.32 2.18 19.61
N PRO A 555 -17.57 2.61 19.32
CA PRO A 555 -18.14 3.73 20.09
C PRO A 555 -18.19 3.51 21.59
N ASN A 556 -18.54 2.31 22.06
CA ASN A 556 -18.59 2.07 23.50
C ASN A 556 -17.20 1.99 24.11
N VAL A 557 -16.21 1.59 23.32
CA VAL A 557 -14.82 1.68 23.70
C VAL A 557 -14.41 3.13 23.92
N CYS A 558 -14.72 3.99 22.94
CA CYS A 558 -14.31 5.38 23.05
C CYS A 558 -15.05 6.10 24.18
N ILE A 559 -16.33 5.77 24.39
CA ILE A 559 -17.08 6.36 25.49
C ILE A 559 -16.57 5.84 26.84
N PHE A 560 -16.23 4.55 26.89
CA PHE A 560 -15.84 3.90 28.15
C PHE A 560 -14.51 4.44 28.66
N GLY A 561 -13.49 4.45 27.82
CA GLY A 561 -12.20 4.92 28.24
C GLY A 561 -11.92 6.38 27.99
N ASN A 562 -12.93 7.14 27.54
CA ASN A 562 -12.82 8.56 27.19
C ASN A 562 -11.73 8.80 26.15
N LEU A 563 -11.71 7.94 25.13
CA LEU A 563 -10.74 8.02 24.04
C LEU A 563 -11.11 9.15 23.09
N SER A 564 -10.42 10.26 23.23
CA SER A 564 -10.48 11.41 22.36
C SER A 564 -9.05 11.87 22.13
N PRO A 565 -8.80 12.60 21.05
CA PRO A 565 -7.50 13.31 20.94
C PRO A 565 -7.27 14.31 22.05
N GLU A 566 -8.34 14.93 22.55
CA GLU A 566 -8.27 15.94 23.58
C GLU A 566 -8.12 15.39 25.00
N THR A 567 -8.51 14.14 25.24
CA THR A 567 -8.37 13.56 26.56
C THR A 567 -7.22 12.56 26.65
N LEU A 568 -6.43 12.43 25.59
CA LEU A 568 -5.18 11.68 25.67
C LEU A 568 -4.19 12.49 26.50
N VAL A 569 -3.89 12.01 27.71
CA VAL A 569 -2.90 12.66 28.55
C VAL A 569 -1.53 12.57 27.91
N GLY A 570 -1.19 11.41 27.37
CA GLY A 570 0.01 11.28 26.58
C GLY A 570 0.27 9.82 26.29
N VAL A 571 1.32 9.59 25.51
CA VAL A 571 1.69 8.25 25.05
C VAL A 571 3.02 7.89 25.69
N VAL A 572 3.03 6.83 26.48
CA VAL A 572 4.24 6.36 27.14
C VAL A 572 4.75 5.16 26.37
N VAL A 573 5.98 5.27 25.85
CA VAL A 573 6.57 4.22 25.03
C VAL A 573 7.87 3.78 25.66
N SER A 574 8.29 2.57 25.32
CA SER A 574 9.53 2.01 25.81
C SER A 574 10.15 1.15 24.73
N THR A 575 11.45 1.36 24.47
CA THR A 575 12.20 0.51 23.57
C THR A 575 12.68 -0.78 24.24
N ASN A 576 12.48 -0.89 25.55
CA ASN A 576 13.15 -1.88 26.37
C ASN A 576 12.21 -2.33 27.48
N ARG A 577 12.46 -3.52 28.04
CA ARG A 577 11.61 -4.01 29.12
C ARG A 577 11.92 -3.34 30.44
N LEU A 578 13.10 -2.72 30.56
CA LEU A 578 13.50 -2.05 31.79
C LEU A 578 12.68 -0.78 32.02
N GLU A 579 12.72 0.15 31.06
CA GLU A 579 11.90 1.34 31.16
C GLU A 579 10.42 1.02 30.97
N GLU A 580 10.08 -0.12 30.34
CA GLU A 580 8.70 -0.58 30.33
C GLU A 580 8.22 -0.90 31.74
N GLU A 581 9.02 -1.65 32.52
CA GLU A 581 8.62 -2.00 33.88
C GLU A 581 8.60 -0.77 34.79
N ILE A 582 9.60 0.12 34.62
CA ILE A 582 9.64 1.38 35.36
C ILE A 582 8.40 2.21 35.07
N ASN A 583 8.08 2.34 33.78
CA ASN A 583 6.92 3.14 33.38
C ASN A 583 5.62 2.47 33.78
N ASN A 584 5.59 1.13 33.84
CA ASN A 584 4.37 0.42 34.24
C ASN A 584 4.04 0.69 35.70
N GLN A 585 5.01 0.49 36.60
CA GLN A 585 4.76 0.75 38.01
C GLN A 585 4.55 2.24 38.29
N LEU A 586 5.37 3.08 37.67
CA LEU A 586 5.29 4.51 37.94
C LEU A 586 4.06 5.13 37.27
N LEU A 587 3.55 4.48 36.23
CA LEU A 587 2.27 4.75 35.59
C LEU A 587 1.10 4.41 36.49
N LEU A 588 1.17 3.27 37.16
CA LEU A 588 0.11 2.91 38.09
C LEU A 588 0.07 3.86 39.28
N GLN A 589 1.24 4.25 39.81
CA GLN A 589 1.20 5.16 40.95
C GLN A 589 0.90 6.61 40.56
N LYS A 590 1.26 7.05 39.36
CA LYS A 590 0.95 8.42 38.98
C LYS A 590 -0.52 8.57 38.58
N TYR A 591 -0.98 7.73 37.66
CA TYR A 591 -2.35 7.83 37.16
C TYR A 591 -3.22 6.78 37.84
N PRO A 592 -4.21 7.17 38.62
CA PRO A 592 -5.11 6.19 39.27
C PRO A 592 -5.92 5.42 38.24
N PRO A 593 -6.19 4.14 38.50
CA PRO A 593 -6.95 3.29 37.55
C PRO A 593 -8.38 3.75 37.27
N PRO A 594 -9.17 4.33 38.26
CA PRO A 594 -10.52 4.80 37.85
C PRO A 594 -10.52 6.00 36.90
N ARG A 595 -9.81 7.07 37.26
CA ARG A 595 -9.87 8.30 36.48
C ARG A 595 -9.06 8.21 35.19
N TYR A 596 -7.96 7.47 35.20
CA TYR A 596 -7.16 7.28 34.00
C TYR A 596 -7.12 5.79 33.63
N ILE A 597 -7.29 5.51 32.35
CA ILE A 597 -7.17 4.15 31.83
C ILE A 597 -5.88 4.09 31.01
N THR A 598 -5.05 3.10 31.31
CA THR A 598 -3.83 2.84 30.56
C THR A 598 -4.08 1.69 29.61
N VAL A 599 -3.92 1.94 28.32
CA VAL A 599 -4.19 0.95 27.30
C VAL A 599 -2.85 0.47 26.76
N HIS A 600 -2.50 -0.77 27.07
CA HIS A 600 -1.28 -1.36 26.53
C HIS A 600 -1.53 -1.72 25.07
N CYS A 601 -0.84 -1.01 24.18
CA CYS A 601 -1.11 -1.12 22.76
C CYS A 601 0.12 -1.58 22.01
N GLU A 602 -0.06 -1.62 20.72
CA GLU A 602 0.86 -2.27 19.84
C GLU A 602 1.82 -1.14 19.44
N PRO A 603 3.13 -1.38 19.34
CA PRO A 603 4.04 -0.25 19.12
C PRO A 603 3.94 0.34 17.71
N ARG A 604 4.05 1.67 17.63
CA ARG A 604 4.02 2.34 16.33
C ARG A 604 5.33 2.18 15.58
N LEU A 605 6.43 2.05 16.31
CA LEU A 605 7.78 1.96 15.77
C LEU A 605 8.37 0.59 16.06
N PRO A 606 9.28 0.10 15.21
CA PRO A 606 9.85 -1.23 15.46
C PRO A 606 10.76 -1.30 16.67
N ASN A 607 11.46 -0.21 17.01
CA ASN A 607 12.36 -0.25 18.17
C ASN A 607 11.60 -0.22 19.49
N LEU A 608 10.43 0.42 19.52
CA LEU A 608 9.58 0.35 20.70
C LEU A 608 8.99 -1.05 20.84
N ILE A 609 8.82 -1.48 22.09
CA ILE A 609 8.16 -2.74 22.38
C ILE A 609 6.83 -2.56 23.10
N SER A 610 6.58 -1.41 23.70
CA SER A 610 5.33 -1.13 24.38
C SER A 610 4.93 0.30 24.05
N GLU A 611 3.63 0.50 23.85
CA GLU A 611 3.08 1.82 23.57
C GLU A 611 1.81 1.95 24.39
N ILE A 612 1.91 2.61 25.54
CA ILE A 612 0.78 2.74 26.46
C ILE A 612 0.17 4.11 26.31
N ALA A 613 -1.14 4.14 26.06
CA ALA A 613 -1.88 5.37 25.88
C ALA A 613 -2.74 5.62 27.11
N ILE A 614 -2.67 6.84 27.64
CA ILE A 614 -3.33 7.21 28.89
C ILE A 614 -4.41 8.22 28.57
N PHE A 615 -5.63 7.96 29.04
CA PHE A 615 -6.77 8.80 28.74
C PHE A 615 -7.42 9.28 30.04
N ASP A 616 -7.72 10.57 30.10
CA ASP A 616 -8.35 11.18 31.25
C ASP A 616 -9.86 11.03 31.13
N ARG A 617 -10.46 10.30 32.06
CA ARG A 617 -11.90 10.09 32.08
C ARG A 617 -12.62 11.03 33.04
N SER A 618 -11.91 12.00 33.62
CA SER A 618 -12.54 12.95 34.54
C SER A 618 -13.47 13.89 33.79
N ILE A 619 -13.01 14.45 32.69
CA ILE A 619 -13.83 15.28 31.81
C ILE A 619 -14.03 14.52 30.51
N GLU A 620 -15.28 14.48 30.05
CA GLU A 620 -15.62 13.65 28.89
C GLU A 620 -15.20 14.33 27.60
N GLY A 621 -14.57 13.57 26.71
CA GLY A 621 -14.03 14.12 25.49
C GLY A 621 -15.09 14.42 24.45
N THR A 622 -14.66 15.08 23.38
CA THR A 622 -15.59 15.41 22.32
C THR A 622 -15.89 14.20 21.42
N ILE A 623 -14.93 13.32 21.19
CA ILE A 623 -15.19 12.08 20.47
C ILE A 623 -16.12 11.16 21.26
N PRO A 624 -15.94 10.90 22.58
CA PRO A 624 -16.93 10.06 23.29
C PRO A 624 -18.35 10.62 23.35
N ARG A 625 -18.54 11.88 23.70
CA ARG A 625 -19.93 12.32 23.79
C ARG A 625 -20.51 12.74 22.44
N LEU A 626 -19.66 12.97 21.43
CA LEU A 626 -20.12 12.96 20.05
C LEU A 626 -20.65 11.59 19.66
N LEU A 627 -19.96 10.53 20.09
CA LEU A 627 -20.47 9.19 19.90
C LEU A 627 -21.73 8.93 20.70
N ARG A 628 -21.86 9.57 21.87
CA ARG A 628 -23.10 9.47 22.64
C ARG A 628 -24.27 10.08 21.88
N THR A 629 -24.03 11.21 21.21
CA THR A 629 -25.04 11.81 20.32
C THR A 629 -25.38 10.86 19.16
N PHE A 630 -24.36 10.26 18.54
CA PHE A 630 -24.60 9.41 17.38
C PHE A 630 -25.31 8.10 17.75
N LEU A 631 -24.96 7.49 18.87
CA LEU A 631 -25.70 6.32 19.30
C LEU A 631 -27.05 6.67 19.92
N ALA A 632 -27.26 7.91 20.37
CA ALA A 632 -28.62 8.34 20.69
C ALA A 632 -29.49 8.38 19.45
N GLU A 633 -28.94 8.90 18.35
CA GLU A 633 -29.67 8.90 17.08
C GLU A 633 -29.90 7.47 16.56
N ARG A 634 -28.87 6.61 16.71
CA ARG A 634 -29.03 5.22 16.31
C ARG A 634 -30.03 4.48 17.17
N ALA A 635 -30.08 4.80 18.47
CA ALA A 635 -31.03 4.13 19.36
C ALA A 635 -32.46 4.57 19.10
N ARG A 636 -32.67 5.86 18.80
CA ARG A 636 -34.03 6.30 18.51
C ARG A 636 -34.50 5.77 17.16
N TYR A 637 -33.61 5.68 16.16
CA TYR A 637 -34.05 5.08 14.91
C TYR A 637 -34.12 3.56 15.00
N LYS A 638 -33.41 2.94 15.95
CA LYS A 638 -33.56 1.51 16.18
C LYS A 638 -34.90 1.20 16.86
N LYS A 639 -35.33 2.04 17.80
CA LYS A 639 -36.65 1.83 18.40
C LYS A 639 -37.79 2.26 17.48
N MET A 640 -37.52 3.13 16.50
CA MET A 640 -38.49 3.32 15.43
C MET A 640 -38.49 2.15 14.45
N LEU A 641 -37.36 1.47 14.30
CA LEU A 641 -37.33 0.23 13.53
C LEU A 641 -38.10 -0.89 14.23
N LYS A 642 -38.03 -0.92 15.56
CA LYS A 642 -38.75 -1.93 16.33
C LYS A 642 -40.26 -1.73 16.26
N GLN A 643 -40.70 -0.47 16.26
CA GLN A 643 -42.13 -0.18 16.13
C GLN A 643 -42.61 -0.20 14.69
N ALA A 644 -41.69 -0.29 13.71
CA ALA A 644 -42.08 -0.38 12.31
C ALA A 644 -42.68 -1.75 12.01
N THR A 645 -43.72 -1.76 11.19
CA THR A 645 -44.42 -2.98 10.81
C THR A 645 -44.29 -3.34 9.34
N SER A 646 -44.47 -2.37 8.45
CA SER A 646 -44.32 -2.63 7.02
C SER A 646 -42.85 -2.83 6.66
N SER A 647 -42.62 -3.68 5.65
CA SER A 647 -41.25 -4.04 5.28
C SER A 647 -40.51 -2.87 4.64
N THR A 648 -41.23 -1.96 3.98
CA THR A 648 -40.59 -0.79 3.41
C THR A 648 -40.08 0.15 4.50
N GLU A 649 -40.94 0.45 5.48
CA GLU A 649 -40.53 1.29 6.61
C GLU A 649 -39.50 0.59 7.48
N LYS A 650 -39.59 -0.74 7.61
CA LYS A 650 -38.56 -1.50 8.31
C LYS A 650 -37.23 -1.40 7.61
N ALA A 651 -37.23 -1.50 6.27
CA ALA A 651 -35.98 -1.37 5.51
C ALA A 651 -35.42 0.04 5.62
N ILE A 652 -36.29 1.05 5.62
CA ILE A 652 -35.86 2.43 5.78
C ILE A 652 -35.18 2.62 7.13
N TYR A 653 -35.85 2.22 8.21
CA TYR A 653 -35.32 2.47 9.56
C TYR A 653 -34.14 1.57 9.90
N ASP A 654 -34.07 0.38 9.29
CA ASP A 654 -32.88 -0.44 9.44
C ASP A 654 -31.69 0.19 8.73
N SER A 655 -31.93 0.80 7.56
CA SER A 655 -30.87 1.55 6.89
C SER A 655 -30.49 2.81 7.66
N MET A 656 -31.46 3.43 8.36
CA MET A 656 -31.22 4.58 9.23
C MET A 656 -30.25 4.22 10.34
N GLN A 657 -30.57 3.15 11.07
CA GLN A 657 -29.74 2.74 12.19
C GLN A 657 -28.41 2.16 11.73
N TYR A 658 -28.37 1.53 10.55
CA TYR A 658 -27.10 1.08 10.00
C TYR A 658 -26.24 2.26 9.59
N THR A 659 -26.84 3.31 9.04
CA THR A 659 -26.11 4.52 8.67
C THR A 659 -25.55 5.22 9.90
N TYR A 660 -26.32 5.24 10.99
CA TYR A 660 -25.82 5.86 12.21
C TYR A 660 -24.76 5.00 12.88
N LYS A 661 -24.85 3.67 12.76
CA LYS A 661 -23.76 2.80 13.20
C LYS A 661 -22.50 3.04 12.37
N ILE A 662 -22.66 3.24 11.06
CA ILE A 662 -21.53 3.49 10.17
C ILE A 662 -20.88 4.83 10.49
N VAL A 663 -21.68 5.86 10.80
CA VAL A 663 -21.08 7.16 11.08
C VAL A 663 -20.48 7.18 12.50
N ALA A 664 -20.97 6.35 13.42
CA ALA A 664 -20.33 6.19 14.72
C ALA A 664 -18.98 5.48 14.59
N ASN A 665 -18.93 4.41 13.79
CA ASN A 665 -17.66 3.79 13.45
C ASN A 665 -16.79 4.69 12.58
N SER A 666 -17.37 5.73 11.99
CA SER A 666 -16.57 6.76 11.36
C SER A 666 -15.99 7.75 12.36
N VAL A 667 -16.68 7.99 13.50
CA VAL A 667 -16.07 8.78 14.58
C VAL A 667 -14.85 8.05 15.11
N TYR A 668 -14.98 6.73 15.35
CA TYR A 668 -13.81 5.85 15.28
C TYR A 668 -12.82 6.13 14.15
N GLY A 669 -13.23 5.95 12.90
CA GLY A 669 -12.24 5.84 11.85
C GLY A 669 -11.50 7.12 11.51
N LEU A 670 -12.09 8.26 11.85
CA LEU A 670 -11.42 9.54 11.62
C LEU A 670 -10.25 9.74 12.58
N MET A 671 -10.27 9.07 13.74
CA MET A 671 -9.09 9.03 14.58
C MET A 671 -8.00 8.14 14.01
N GLY A 672 -8.36 7.20 13.15
CA GLY A 672 -7.35 6.41 12.47
C GLY A 672 -6.99 7.01 11.13
N PHE A 673 -7.82 7.94 10.66
CA PHE A 673 -7.60 8.58 9.37
C PHE A 673 -6.68 9.78 9.55
N ARG A 674 -5.55 9.77 8.85
CA ARG A 674 -4.49 10.75 9.12
C ARG A 674 -4.88 12.15 8.69
N ASN A 675 -5.54 12.30 7.54
CA ASN A 675 -5.82 13.62 7.01
C ASN A 675 -7.01 14.30 7.66
N SER A 676 -7.74 13.60 8.54
CA SER A 676 -8.75 14.24 9.36
C SER A 676 -8.09 15.09 10.44
N ALA A 677 -8.78 16.16 10.85
CA ALA A 677 -8.29 16.94 11.98
C ALA A 677 -8.67 16.34 13.31
N LEU A 678 -9.55 15.33 13.33
CA LEU A 678 -9.81 14.52 14.50
C LEU A 678 -8.90 13.30 14.59
N TYR A 679 -7.77 13.33 13.88
CA TYR A 679 -6.85 12.21 13.86
C TYR A 679 -6.19 12.06 15.22
N SER A 680 -6.29 10.85 15.78
CA SER A 680 -5.63 10.55 17.04
C SER A 680 -5.20 9.09 16.95
N TYR A 681 -3.92 8.88 16.64
CA TYR A 681 -3.40 7.53 16.45
C TYR A 681 -3.47 6.72 17.74
N ALA A 682 -3.19 7.37 18.87
CA ALA A 682 -3.30 6.69 20.15
C ALA A 682 -4.75 6.34 20.48
N SER A 683 -5.69 7.21 20.13
CA SER A 683 -7.10 6.93 20.44
C SER A 683 -7.64 5.81 19.57
N ALA A 684 -7.34 5.81 18.27
CA ALA A 684 -7.84 4.74 17.40
C ALA A 684 -7.11 3.42 17.66
N LYS A 685 -5.79 3.49 17.89
CA LYS A 685 -5.00 2.31 18.22
C LYS A 685 -5.43 1.71 19.56
N SER A 686 -5.66 2.55 20.57
CA SER A 686 -6.19 2.09 21.83
C SER A 686 -7.64 1.67 21.73
N CYS A 687 -8.40 2.20 20.76
CA CYS A 687 -9.76 1.73 20.56
C CYS A 687 -9.78 0.31 20.04
N THR A 688 -8.92 0.01 19.06
CA THR A 688 -8.74 -1.36 18.63
C THR A 688 -8.13 -2.24 19.71
N SER A 689 -7.27 -1.67 20.57
CA SER A 689 -6.67 -2.45 21.64
C SER A 689 -7.68 -2.81 22.73
N ILE A 690 -8.54 -1.86 23.10
CA ILE A 690 -9.59 -2.15 24.08
C ILE A 690 -10.64 -3.08 23.48
N GLY A 691 -10.99 -2.89 22.21
CA GLY A 691 -11.88 -3.83 21.56
C GLY A 691 -11.29 -5.22 21.42
N ARG A 692 -9.97 -5.29 21.20
CA ARG A 692 -9.23 -6.55 21.20
C ARG A 692 -9.27 -7.22 22.57
N ARG A 693 -9.04 -6.44 23.63
CA ARG A 693 -9.05 -7.00 24.97
C ARG A 693 -10.47 -7.36 25.40
N MET A 694 -11.47 -6.65 24.90
CA MET A 694 -12.86 -6.97 25.22
C MET A 694 -13.33 -8.21 24.49
N ILE A 695 -12.94 -8.39 23.23
CA ILE A 695 -13.31 -9.63 22.54
C ILE A 695 -12.53 -10.81 23.11
N LEU A 696 -11.27 -10.59 23.53
CA LEU A 696 -10.52 -11.65 24.20
C LEU A 696 -11.14 -11.99 25.55
N TYR A 697 -11.64 -10.97 26.26
CA TYR A 697 -12.27 -11.17 27.56
C TYR A 697 -13.59 -11.92 27.42
N LEU A 698 -14.45 -11.48 26.48
CA LEU A 698 -15.72 -12.15 26.25
C LEU A 698 -15.54 -13.55 25.69
N GLU A 699 -14.47 -13.78 24.91
CA GLU A 699 -14.18 -15.13 24.46
C GLU A 699 -13.71 -16.03 25.59
N SER A 700 -12.75 -15.57 26.39
CA SER A 700 -12.18 -16.40 27.43
C SER A 700 -13.20 -16.67 28.53
N VAL A 701 -14.12 -15.74 28.75
CA VAL A 701 -15.22 -15.97 29.67
C VAL A 701 -16.21 -16.99 29.10
N LEU A 702 -16.52 -16.88 27.80
CA LEU A 702 -17.53 -17.78 27.22
C LEU A 702 -16.95 -19.13 26.80
N ASN A 703 -15.67 -19.20 26.45
CA ASN A 703 -15.05 -20.48 26.15
C ASN A 703 -14.84 -21.27 27.43
N GLY A 704 -15.23 -22.54 27.42
CA GLY A 704 -15.11 -23.36 28.61
C GLY A 704 -16.13 -23.03 29.68
N ALA A 705 -17.22 -22.36 29.33
CA ALA A 705 -18.27 -22.01 30.26
C ALA A 705 -19.38 -23.03 30.17
N GLU A 706 -19.79 -23.57 31.31
CA GLU A 706 -20.84 -24.58 31.36
C GLU A 706 -21.99 -24.11 32.23
N LEU A 707 -23.19 -24.57 31.90
CA LEU A 707 -24.38 -24.33 32.68
C LEU A 707 -24.72 -25.60 33.45
N SER A 708 -24.97 -25.48 34.75
CA SER A 708 -25.20 -26.66 35.57
C SER A 708 -26.12 -26.29 36.73
N ASN A 709 -27.21 -27.06 36.87
CA ASN A 709 -28.18 -26.96 37.97
C ASN A 709 -28.80 -25.57 38.06
N GLY A 710 -29.04 -24.95 36.91
CA GLY A 710 -29.56 -23.60 36.89
C GLY A 710 -28.55 -22.53 37.24
N MET A 711 -27.26 -22.86 37.27
CA MET A 711 -26.20 -21.95 37.64
C MET A 711 -25.19 -21.90 36.50
N LEU A 712 -24.89 -20.70 36.01
CA LEU A 712 -23.98 -20.53 34.89
C LEU A 712 -22.61 -20.12 35.42
N ARG A 713 -21.60 -20.93 35.11
CA ARG A 713 -20.24 -20.66 35.51
C ARG A 713 -19.37 -20.50 34.27
N PHE A 714 -18.37 -19.65 34.39
CA PHE A 714 -17.42 -19.39 33.30
C PHE A 714 -16.04 -19.93 33.67
N ALA A 715 -15.21 -20.08 32.65
CA ALA A 715 -13.87 -20.63 32.86
C ALA A 715 -12.96 -19.63 33.58
N ASN A 716 -13.00 -18.37 33.16
CA ASN A 716 -12.19 -17.32 33.75
C ASN A 716 -13.06 -16.40 34.58
N THR A 717 -12.41 -15.66 35.49
CA THR A 717 -13.13 -14.78 36.39
C THR A 717 -13.64 -13.54 35.64
N LEU A 718 -14.61 -12.87 36.24
CA LEU A 718 -15.28 -11.74 35.60
C LEU A 718 -14.63 -10.42 36.01
N SER A 719 -13.32 -10.33 35.76
CA SER A 719 -12.56 -9.16 36.08
C SER A 719 -12.60 -8.17 34.92
N ASN A 720 -12.68 -6.88 35.25
CA ASN A 720 -12.45 -5.83 34.29
C ASN A 720 -11.01 -5.96 33.80
N PRO A 721 -10.77 -6.14 32.50
CA PRO A 721 -9.43 -6.50 32.03
C PRO A 721 -8.41 -5.37 32.09
N PHE A 722 -8.83 -4.15 32.41
CA PHE A 722 -7.91 -3.02 32.46
C PHE A 722 -7.58 -2.55 33.87
N TYR A 723 -8.50 -2.71 34.82
CA TYR A 723 -8.27 -2.29 36.19
C TYR A 723 -9.19 -3.08 37.11
N MET A 724 -9.00 -2.90 38.41
CA MET A 724 -9.89 -3.47 39.40
C MET A 724 -11.18 -2.65 39.45
N ASP A 725 -12.32 -3.32 39.38
CA ASP A 725 -13.59 -2.62 39.29
C ASP A 725 -14.43 -3.02 40.50
N ASP A 726 -15.43 -2.20 40.82
CA ASP A 726 -16.23 -2.41 42.02
C ASP A 726 -17.17 -3.61 41.91
N ARG A 727 -17.54 -4.01 40.70
CA ARG A 727 -18.43 -5.15 40.52
C ARG A 727 -17.71 -6.46 40.85
N ASP A 728 -18.49 -7.44 41.30
CA ASP A 728 -17.92 -8.72 41.71
C ASP A 728 -17.42 -9.52 40.51
N ILE A 729 -16.34 -10.25 40.73
CA ILE A 729 -15.66 -10.95 39.65
C ILE A 729 -15.97 -12.45 39.67
N ASN A 730 -16.98 -12.86 40.41
CA ASN A 730 -17.28 -14.28 40.57
C ASN A 730 -17.89 -14.84 39.29
N PRO A 731 -17.30 -15.85 38.67
CA PRO A 731 -17.92 -16.46 37.48
C PRO A 731 -19.15 -17.27 37.79
N ILE A 732 -19.41 -17.59 39.05
CA ILE A 732 -20.57 -18.38 39.44
C ILE A 732 -21.77 -17.44 39.42
N VAL A 733 -22.61 -17.54 38.38
CA VAL A 733 -23.70 -16.59 38.16
C VAL A 733 -25.02 -17.34 38.22
N LYS A 734 -25.95 -16.82 39.04
CA LYS A 734 -27.28 -17.40 39.15
C LYS A 734 -28.14 -16.98 37.96
N THR A 735 -28.83 -17.95 37.38
CA THR A 735 -29.68 -17.76 36.21
C THR A 735 -31.16 -17.71 36.61
N SER A 736 -32.00 -17.52 35.60
CA SER A 736 -33.45 -17.68 35.74
C SER A 736 -33.94 -18.84 34.87
N LEU A 737 -33.11 -19.84 34.69
CA LEU A 737 -33.32 -21.01 33.84
C LEU A 737 -33.70 -22.21 34.69
N PRO A 738 -34.35 -23.22 34.10
CA PRO A 738 -34.64 -24.46 34.84
C PRO A 738 -33.38 -25.22 35.20
N ILE A 739 -33.51 -26.06 36.23
CA ILE A 739 -32.39 -26.76 36.83
C ILE A 739 -31.82 -27.81 35.89
N ASP A 740 -32.68 -28.51 35.15
CA ASP A 740 -32.25 -29.63 34.33
C ASP A 740 -31.49 -29.22 33.08
N TYR A 741 -31.43 -27.93 32.75
CA TYR A 741 -30.75 -27.44 31.55
C TYR A 741 -29.25 -27.42 31.84
N ARG A 742 -28.57 -28.51 31.54
CA ARG A 742 -27.13 -28.64 31.72
C ARG A 742 -26.46 -28.66 30.36
N PHE A 743 -25.92 -27.52 29.94
CA PHE A 743 -25.34 -27.38 28.61
C PHE A 743 -24.06 -26.57 28.69
N ARG A 744 -23.08 -26.99 27.87
CA ARG A 744 -21.74 -26.42 27.89
C ARG A 744 -21.52 -25.52 26.67
N PHE A 745 -20.98 -24.33 26.91
CA PHE A 745 -20.71 -23.36 25.87
C PHE A 745 -19.21 -23.31 25.61
N ARG A 746 -18.85 -23.14 24.33
CA ARG A 746 -17.46 -22.89 23.98
C ARG A 746 -17.43 -21.95 22.79
N SER A 747 -16.39 -21.12 22.75
CA SER A 747 -16.21 -20.18 21.66
C SER A 747 -15.47 -20.84 20.52
N VAL A 748 -16.05 -20.80 19.33
CA VAL A 748 -15.45 -21.42 18.16
C VAL A 748 -14.95 -20.40 17.15
N TYR A 749 -15.54 -19.21 17.09
CA TYR A 749 -15.12 -18.18 16.16
C TYR A 749 -15.29 -16.84 16.85
N GLY A 750 -14.43 -15.90 16.51
CA GLY A 750 -14.66 -14.54 16.90
C GLY A 750 -14.18 -13.58 15.85
N ASP A 751 -15.10 -12.77 15.33
CA ASP A 751 -14.77 -11.59 14.56
C ASP A 751 -15.18 -10.39 15.41
N THR A 752 -14.64 -9.22 15.06
CA THR A 752 -14.54 -8.06 15.96
C THR A 752 -15.89 -7.64 16.54
N ASP A 753 -16.04 -7.91 17.85
CA ASP A 753 -17.15 -7.84 18.80
C ASP A 753 -18.11 -9.03 18.76
N SER A 754 -17.99 -9.95 17.81
CA SER A 754 -18.95 -11.04 17.65
C SER A 754 -18.26 -12.35 17.99
N VAL A 755 -18.49 -12.84 19.19
CA VAL A 755 -18.01 -14.16 19.59
C VAL A 755 -19.06 -15.18 19.21
N PHE A 756 -18.62 -16.31 18.67
CA PHE A 756 -19.50 -17.35 18.16
C PHE A 756 -19.51 -18.46 19.20
N THR A 757 -20.59 -18.53 19.98
CA THR A 757 -20.67 -19.40 21.15
C THR A 757 -21.42 -20.67 20.79
N GLU A 758 -20.70 -21.78 20.66
CA GLU A 758 -21.31 -23.06 20.29
C GLU A 758 -21.88 -23.72 21.54
N ILE A 759 -23.20 -23.66 21.69
CA ILE A 759 -23.89 -24.43 22.71
C ILE A 759 -24.02 -25.87 22.21
N ASP A 760 -23.91 -26.84 23.11
CA ASP A 760 -23.98 -28.23 22.68
C ASP A 760 -25.41 -28.70 22.41
N SER A 761 -26.41 -27.88 22.73
CA SER A 761 -27.78 -28.22 22.37
C SER A 761 -28.03 -27.91 20.89
N GLN A 762 -28.89 -28.73 20.27
CA GLN A 762 -29.35 -28.47 18.91
C GLN A 762 -30.78 -27.97 18.86
N ASP A 763 -31.47 -27.90 20.00
CA ASP A 763 -32.81 -27.36 20.05
C ASP A 763 -32.78 -25.85 19.87
N VAL A 764 -33.59 -25.34 18.96
CA VAL A 764 -33.48 -23.93 18.56
C VAL A 764 -34.09 -23.02 19.61
N ASP A 765 -35.31 -23.33 20.06
CA ASP A 765 -35.99 -22.49 21.05
C ASP A 765 -35.27 -22.51 22.38
N LYS A 766 -34.78 -23.69 22.77
CA LYS A 766 -33.99 -23.83 23.99
C LYS A 766 -32.70 -23.01 23.92
N SER A 767 -31.99 -23.09 22.79
CA SER A 767 -30.77 -22.30 22.62
C SER A 767 -31.08 -20.81 22.58
N ILE A 768 -32.23 -20.42 22.03
CA ILE A 768 -32.59 -19.01 21.95
C ILE A 768 -32.88 -18.44 23.33
N GLU A 769 -33.66 -19.13 24.17
CA GLU A 769 -33.99 -18.45 25.42
C GLU A 769 -32.91 -18.68 26.48
N ILE A 770 -32.10 -19.75 26.32
CA ILE A 770 -30.85 -19.85 27.07
C ILE A 770 -29.89 -18.71 26.68
N ALA A 771 -29.79 -18.39 25.39
CA ALA A 771 -28.89 -17.35 24.95
C ALA A 771 -29.37 -15.96 25.32
N LYS A 772 -30.69 -15.76 25.40
CA LYS A 772 -31.22 -14.51 25.96
C LYS A 772 -30.86 -14.39 27.43
N GLU A 773 -30.93 -15.51 28.18
CA GLU A 773 -30.46 -15.51 29.55
C GLU A 773 -28.97 -15.21 29.64
N LEU A 774 -28.17 -15.76 28.72
CA LEU A 774 -26.74 -15.47 28.68
C LEU A 774 -26.49 -14.00 28.38
N GLU A 775 -27.25 -13.42 27.44
CA GLU A 775 -27.10 -12.00 27.11
C GLU A 775 -27.41 -11.12 28.31
N ARG A 776 -28.47 -11.46 29.04
CA ARG A 776 -28.81 -10.72 30.26
C ARG A 776 -27.72 -10.86 31.33
N LEU A 777 -27.16 -12.07 31.47
CA LEU A 777 -26.18 -12.29 32.53
C LEU A 777 -24.83 -11.65 32.22
N ILE A 778 -24.39 -11.71 30.96
CA ILE A 778 -23.20 -10.96 30.54
C ILE A 778 -23.40 -9.45 30.67
N ASN A 779 -24.55 -8.93 30.24
CA ASN A 779 -24.82 -7.50 30.38
C ASN A 779 -24.96 -7.05 31.83
N SER A 780 -25.34 -7.95 32.74
CA SER A 780 -25.48 -7.58 34.13
C SER A 780 -24.19 -7.75 34.93
N ARG A 781 -23.40 -8.79 34.65
CA ARG A 781 -22.25 -9.11 35.47
C ARG A 781 -20.93 -9.09 34.70
N VAL A 782 -20.88 -9.69 33.51
CA VAL A 782 -19.59 -9.89 32.85
C VAL A 782 -19.10 -8.57 32.26
N LEU A 783 -19.99 -7.82 31.62
CA LEU A 783 -19.64 -6.52 31.07
C LEU A 783 -19.76 -5.44 32.13
N PHE A 784 -19.37 -4.23 31.75
CA PHE A 784 -19.30 -3.11 32.68
C PHE A 784 -19.56 -1.82 31.93
N ASN A 785 -20.15 -0.85 32.64
CA ASN A 785 -20.33 0.54 32.20
C ASN A 785 -21.22 0.56 30.97
N ASN A 786 -20.78 1.11 29.85
CA ASN A 786 -21.60 1.24 28.65
C ASN A 786 -21.68 -0.03 27.83
N PHE A 787 -20.83 -1.02 28.13
CA PHE A 787 -20.72 -2.20 27.28
C PHE A 787 -21.93 -3.10 27.45
N LYS A 788 -22.67 -3.31 26.36
CA LYS A 788 -23.78 -4.23 26.31
C LYS A 788 -23.65 -5.09 25.06
N ILE A 789 -24.15 -6.32 25.14
CA ILE A 789 -24.22 -7.19 23.98
C ILE A 789 -25.68 -7.53 23.72
N GLU A 790 -25.97 -7.92 22.48
CA GLU A 790 -27.27 -8.47 22.11
C GLU A 790 -27.08 -9.87 21.54
N PHE A 791 -27.90 -10.79 22.00
CA PHE A 791 -28.05 -12.07 21.32
C PHE A 791 -28.76 -11.82 20.00
N GLU A 792 -28.01 -11.90 18.90
CA GLU A 792 -28.58 -11.64 17.59
C GLU A 792 -29.22 -12.89 16.99
N ALA A 793 -28.49 -14.01 16.95
CA ALA A 793 -28.95 -15.13 16.17
C ALA A 793 -28.40 -16.44 16.72
N VAL A 794 -29.10 -17.51 16.39
CA VAL A 794 -28.61 -18.87 16.55
C VAL A 794 -28.19 -19.35 15.17
N TYR A 795 -26.95 -19.78 15.03
CA TYR A 795 -26.39 -20.18 13.74
C TYR A 795 -26.45 -21.70 13.63
N LYS A 796 -27.38 -22.19 12.82
CA LYS A 796 -27.48 -23.61 12.52
C LYS A 796 -26.87 -23.91 11.16
N ASN A 797 -26.18 -25.05 11.08
CA ASN A 797 -25.39 -25.48 9.93
C ASN A 797 -24.40 -24.39 9.51
N LEU A 798 -23.62 -23.93 10.48
CA LEU A 798 -22.64 -22.86 10.29
C LEU A 798 -21.44 -23.43 9.53
N ILE A 799 -21.36 -23.12 8.24
CA ILE A 799 -20.30 -23.61 7.38
C ILE A 799 -19.27 -22.48 7.24
N MET A 800 -18.25 -22.50 8.10
CA MET A 800 -17.17 -21.52 8.07
C MET A 800 -16.09 -22.02 7.14
N GLN A 801 -15.98 -21.48 5.92
CA GLN A 801 -14.84 -21.90 5.11
C GLN A 801 -13.55 -21.24 5.57
N SER A 802 -13.62 -20.03 6.13
CA SER A 802 -12.43 -19.37 6.65
C SER A 802 -12.84 -18.31 7.67
N LYS A 803 -11.89 -17.47 8.06
CA LYS A 803 -12.21 -16.26 8.80
C LYS A 803 -13.02 -15.33 7.89
N LYS A 804 -14.02 -14.66 8.49
CA LYS A 804 -14.90 -13.68 7.85
C LYS A 804 -15.70 -14.27 6.68
N LYS A 805 -15.84 -15.60 6.63
CA LYS A 805 -16.51 -16.25 5.51
C LYS A 805 -17.29 -17.43 6.06
N TYR A 806 -18.62 -17.28 6.14
CA TYR A 806 -19.45 -18.34 6.69
C TYR A 806 -20.85 -18.28 6.08
N THR A 807 -21.46 -19.45 5.99
CA THR A 807 -22.85 -19.62 5.53
C THR A 807 -23.60 -20.38 6.60
N THR A 808 -24.77 -19.89 6.99
CA THR A 808 -25.51 -20.48 8.09
C THR A 808 -26.99 -20.18 7.97
N MET A 809 -27.76 -20.85 8.82
CA MET A 809 -29.18 -20.57 9.01
C MET A 809 -29.34 -19.74 10.27
N LYS A 810 -30.00 -18.60 10.14
CA LYS A 810 -30.13 -17.66 11.25
C LYS A 810 -31.53 -17.73 11.84
N TYR A 811 -31.61 -17.93 13.15
CA TYR A 811 -32.83 -17.79 13.93
C TYR A 811 -32.62 -16.63 14.88
N SER A 812 -33.32 -15.53 14.64
CA SER A 812 -33.17 -14.35 15.47
C SER A 812 -33.84 -14.56 16.83
N ALA A 813 -33.63 -13.60 17.73
CA ALA A 813 -34.22 -13.67 19.06
C ALA A 813 -35.73 -13.54 19.02
N SER A 814 -36.26 -12.76 18.07
CA SER A 814 -37.71 -12.69 17.90
C SER A 814 -38.24 -13.96 17.25
N SER A 815 -37.46 -14.60 16.39
CA SER A 815 -37.87 -15.82 15.73
C SER A 815 -37.84 -17.01 16.69
N ASN A 816 -38.59 -18.04 16.35
CA ASN A 816 -38.69 -19.26 17.13
C ASN A 816 -38.12 -20.45 16.36
N SER A 817 -38.25 -21.64 16.94
CA SER A 817 -37.83 -22.85 16.25
C SER A 817 -38.73 -23.17 15.06
N LYS A 818 -40.04 -22.99 15.23
CA LYS A 818 -40.98 -23.24 14.15
C LYS A 818 -40.91 -22.17 13.06
N SER A 819 -40.40 -20.99 13.38
CA SER A 819 -40.24 -19.93 12.40
C SER A 819 -39.17 -20.29 11.38
N VAL A 820 -39.37 -19.80 10.16
CA VAL A 820 -38.45 -20.13 9.06
C VAL A 820 -37.13 -19.39 9.26
N PRO A 821 -35.99 -20.07 9.12
CA PRO A 821 -34.70 -19.37 9.23
C PRO A 821 -34.40 -18.55 7.99
N GLU A 822 -33.52 -17.56 8.17
CA GLU A 822 -33.02 -16.75 7.08
C GLU A 822 -31.57 -17.18 6.81
N ARG A 823 -31.31 -17.60 5.59
CA ARG A 823 -29.99 -18.11 5.22
C ARG A 823 -29.03 -16.94 5.09
N ILE A 824 -28.10 -16.83 6.04
CA ILE A 824 -27.16 -15.71 6.11
C ILE A 824 -25.86 -16.13 5.46
N ASN A 825 -25.45 -15.38 4.44
CA ASN A 825 -24.14 -15.51 3.82
C ASN A 825 -23.33 -14.27 4.16
N LYS A 826 -22.12 -14.46 4.68
CA LYS A 826 -21.25 -13.37 5.08
C LYS A 826 -19.87 -13.62 4.48
N GLY A 827 -19.53 -12.90 3.41
CA GLY A 827 -18.22 -12.99 2.80
C GLY A 827 -18.04 -14.14 1.83
N THR A 828 -19.04 -15.00 1.68
CA THR A 828 -18.96 -16.12 0.75
C THR A 828 -19.25 -15.63 -0.66
N SER A 829 -19.31 -16.56 -1.62
CA SER A 829 -19.39 -16.21 -3.04
C SER A 829 -20.70 -15.53 -3.40
N GLU A 830 -21.79 -15.83 -2.68
CA GLU A 830 -23.06 -15.17 -2.93
C GLU A 830 -23.02 -13.69 -2.55
N THR A 831 -22.23 -13.35 -1.53
CA THR A 831 -22.10 -11.95 -1.13
C THR A 831 -21.24 -11.15 -2.10
N ARG A 832 -20.10 -11.73 -2.51
CA ARG A 832 -19.06 -10.97 -3.19
C ARG A 832 -19.48 -10.54 -4.59
N ARG A 833 -19.14 -9.30 -4.92
CA ARG A 833 -19.53 -8.70 -6.19
C ARG A 833 -18.57 -9.04 -7.32
N ASP A 834 -17.38 -9.56 -7.02
CA ASP A 834 -16.46 -10.04 -8.04
C ASP A 834 -16.66 -11.52 -8.34
N VAL A 835 -17.85 -12.05 -8.04
CA VAL A 835 -18.19 -13.45 -8.25
C VAL A 835 -19.42 -13.50 -9.15
N SER A 836 -19.33 -14.28 -10.22
CA SER A 836 -20.39 -14.32 -11.21
C SER A 836 -21.61 -15.07 -10.67
N LYS A 837 -22.75 -14.85 -11.32
CA LYS A 837 -24.00 -15.45 -10.86
C LYS A 837 -24.02 -16.97 -11.05
N PHE A 838 -23.34 -17.48 -12.09
CA PHE A 838 -23.20 -18.92 -12.25
C PHE A 838 -22.35 -19.53 -11.14
N HIS A 839 -21.29 -18.82 -10.76
CA HIS A 839 -20.47 -19.21 -9.62
C HIS A 839 -21.28 -19.24 -8.33
N LYS A 840 -22.12 -18.22 -8.11
CA LYS A 840 -22.97 -18.17 -6.94
C LYS A 840 -23.99 -19.31 -6.94
N ASN A 841 -24.56 -19.61 -8.11
CA ASN A 841 -25.55 -20.67 -8.21
C ASN A 841 -24.95 -22.05 -7.95
N MET A 842 -23.78 -22.34 -8.52
CA MET A 842 -23.19 -23.65 -8.24
C MET A 842 -22.59 -23.75 -6.86
N ILE A 843 -22.12 -22.63 -6.28
CA ILE A 843 -21.70 -22.69 -4.87
C ILE A 843 -22.90 -22.93 -3.97
N LYS A 844 -24.06 -22.35 -4.28
CA LYS A 844 -25.26 -22.62 -3.49
C LYS A 844 -25.73 -24.07 -3.63
N THR A 845 -25.77 -24.60 -4.85
CA THR A 845 -26.22 -25.97 -5.05
C THR A 845 -25.24 -26.98 -4.46
N TYR A 846 -23.94 -26.74 -4.61
CA TYR A 846 -22.95 -27.67 -4.08
C TYR A 846 -22.80 -27.53 -2.57
N LYS A 847 -23.09 -26.35 -2.02
CA LYS A 847 -23.22 -26.21 -0.57
C LYS A 847 -24.39 -27.02 -0.04
N THR A 848 -25.52 -26.99 -0.74
CA THR A 848 -26.66 -27.82 -0.37
C THR A 848 -26.34 -29.31 -0.46
N ARG A 849 -25.63 -29.71 -1.52
CA ARG A 849 -25.26 -31.11 -1.70
C ARG A 849 -24.29 -31.57 -0.63
N LEU A 850 -23.25 -30.79 -0.34
CA LEU A 850 -22.29 -31.14 0.69
C LEU A 850 -22.92 -31.15 2.06
N SER A 851 -23.84 -30.20 2.33
CA SER A 851 -24.53 -30.15 3.61
C SER A 851 -25.42 -31.38 3.81
N GLU A 852 -26.13 -31.82 2.76
CA GLU A 852 -27.01 -32.96 2.97
C GLU A 852 -26.24 -34.28 3.01
N MET A 853 -25.17 -34.44 2.24
CA MET A 853 -24.38 -35.67 2.37
C MET A 853 -23.51 -35.70 3.62
N LEU A 854 -23.22 -34.55 4.23
CA LEU A 854 -22.53 -34.59 5.51
C LEU A 854 -23.49 -34.69 6.69
N SER A 855 -24.72 -34.20 6.52
CA SER A 855 -25.72 -34.33 7.57
C SER A 855 -26.31 -35.73 7.63
N GLU A 856 -26.45 -36.40 6.48
CA GLU A 856 -26.92 -37.78 6.48
C GLU A 856 -25.90 -38.72 7.13
N GLY A 857 -24.61 -38.53 6.81
CA GLY A 857 -23.56 -39.33 7.40
C GLY A 857 -23.48 -40.76 6.93
N ARG A 858 -24.19 -41.11 5.86
CA ARG A 858 -24.18 -42.48 5.35
C ARG A 858 -22.87 -42.78 4.63
N MET A 859 -22.29 -41.75 4.03
CA MET A 859 -21.43 -41.88 2.86
C MET A 859 -20.05 -41.36 3.25
N ASN A 860 -18.98 -42.08 2.89
CA ASN A 860 -17.65 -41.74 3.38
C ASN A 860 -17.05 -40.54 2.65
N SER A 861 -15.94 -40.04 3.21
CA SER A 861 -15.39 -38.75 2.78
C SER A 861 -14.65 -38.84 1.45
N ASN A 862 -13.88 -39.91 1.24
CA ASN A 862 -13.14 -40.05 -0.01
C ASN A 862 -14.07 -40.26 -1.19
N GLN A 863 -15.09 -41.09 -1.02
CA GLN A 863 -16.03 -41.33 -2.11
C GLN A 863 -17.03 -40.19 -2.29
N VAL A 864 -17.31 -39.38 -1.26
CA VAL A 864 -18.10 -38.19 -1.52
C VAL A 864 -17.24 -37.15 -2.25
N CYS A 865 -15.92 -37.16 -2.02
CA CYS A 865 -15.03 -36.38 -2.87
C CYS A 865 -15.07 -36.88 -4.31
N ILE A 866 -15.09 -38.21 -4.50
CA ILE A 866 -15.23 -38.81 -5.84
C ILE A 866 -16.49 -38.33 -6.54
N ASP A 867 -17.66 -38.51 -5.92
CA ASP A 867 -18.88 -38.24 -6.68
C ASP A 867 -19.14 -36.74 -6.82
N ILE A 868 -18.65 -35.91 -5.89
CA ILE A 868 -18.97 -34.50 -6.04
C ILE A 868 -17.98 -33.86 -7.01
N LEU A 869 -16.76 -34.42 -7.13
CA LEU A 869 -15.84 -33.98 -8.18
C LEU A 869 -16.25 -34.50 -9.54
N ARG A 870 -16.84 -35.70 -9.61
CA ARG A 870 -17.34 -36.19 -10.89
C ARG A 870 -18.56 -35.40 -11.34
N SER A 871 -19.42 -35.00 -10.40
CA SER A 871 -20.53 -34.10 -10.71
C SER A 871 -20.03 -32.74 -11.16
N LEU A 872 -18.96 -32.24 -10.52
CA LEU A 872 -18.32 -31.00 -10.99
C LEU A 872 -17.75 -31.18 -12.39
N GLU A 873 -17.20 -32.36 -12.69
CA GLU A 873 -16.59 -32.64 -13.98
C GLU A 873 -17.65 -32.60 -15.08
N THR A 874 -18.76 -33.29 -14.86
CA THR A 874 -19.83 -33.32 -15.84
C THR A 874 -20.54 -31.96 -15.99
N ASP A 875 -20.71 -31.21 -14.88
CA ASP A 875 -21.33 -29.89 -14.97
C ASP A 875 -20.44 -28.90 -15.72
N LEU A 876 -19.14 -28.89 -15.44
CA LEU A 876 -18.25 -27.92 -16.08
C LEU A 876 -18.00 -28.27 -17.54
N ARG A 877 -17.89 -29.56 -17.88
CA ARG A 877 -17.74 -29.91 -19.29
C ARG A 877 -19.03 -29.68 -20.07
N SER A 878 -20.20 -29.88 -19.44
CA SER A 878 -21.46 -29.56 -20.09
C SER A 878 -21.61 -28.06 -20.31
N GLU A 879 -21.13 -27.25 -19.36
CA GLU A 879 -21.17 -25.80 -19.53
C GLU A 879 -20.19 -25.33 -20.58
N PHE A 880 -19.02 -25.96 -20.66
CA PHE A 880 -18.04 -25.57 -21.67
C PHE A 880 -18.48 -25.97 -23.07
N ASP A 881 -19.13 -27.13 -23.21
CA ASP A 881 -19.51 -27.61 -24.53
C ASP A 881 -20.84 -27.02 -25.00
N SER A 882 -21.89 -27.15 -24.18
CA SER A 882 -23.21 -26.71 -24.60
C SER A 882 -23.33 -25.19 -24.60
N ARG A 883 -22.74 -24.53 -23.59
CA ARG A 883 -22.79 -23.07 -23.39
C ARG A 883 -24.23 -22.56 -23.32
N SER A 884 -25.08 -23.29 -22.60
CA SER A 884 -26.50 -22.96 -22.54
C SER A 884 -26.76 -21.72 -21.71
N SER A 885 -25.99 -21.53 -20.63
CA SER A 885 -26.20 -20.38 -19.76
C SER A 885 -25.71 -19.11 -20.44
N PRO A 886 -26.44 -18.01 -20.32
CA PRO A 886 -26.10 -16.79 -21.07
C PRO A 886 -24.94 -16.01 -20.47
N LEU A 887 -24.66 -14.85 -21.06
CA LEU A 887 -23.54 -14.03 -20.61
C LEU A 887 -23.82 -13.35 -19.27
N GLU A 888 -25.09 -13.01 -19.01
CA GLU A 888 -25.42 -12.23 -17.81
C GLU A 888 -25.20 -12.98 -16.52
N LEU A 889 -25.09 -14.29 -16.57
CA LEU A 889 -24.77 -15.05 -15.39
C LEU A 889 -23.29 -15.44 -15.34
N PHE A 890 -22.48 -14.90 -16.25
CA PHE A 890 -21.02 -14.92 -16.14
C PHE A 890 -20.43 -13.52 -16.02
N MET A 891 -21.23 -12.51 -15.72
CA MET A 891 -20.71 -11.15 -15.62
C MET A 891 -20.16 -10.93 -14.22
N LEU A 892 -18.87 -10.63 -14.13
CA LEU A 892 -18.33 -10.04 -12.92
C LEU A 892 -18.63 -8.55 -12.92
N SER A 893 -18.23 -7.87 -11.85
CA SER A 893 -18.32 -6.43 -11.79
C SER A 893 -17.25 -5.91 -10.85
N ARG A 894 -16.79 -4.68 -11.13
CA ARG A 894 -15.94 -3.98 -10.18
C ARG A 894 -16.13 -2.49 -10.35
N MET A 895 -15.78 -1.77 -9.29
CA MET A 895 -15.87 -0.31 -9.24
C MET A 895 -14.74 0.33 -10.03
N HIS A 896 -15.09 1.24 -10.93
CA HIS A 896 -14.09 1.97 -11.69
C HIS A 896 -13.58 3.14 -10.87
N HIS A 897 -12.29 3.12 -10.54
CA HIS A 897 -11.64 4.21 -9.84
C HIS A 897 -10.33 4.53 -10.55
N SER A 898 -9.59 5.50 -10.00
CA SER A 898 -8.25 5.80 -10.46
C SER A 898 -7.20 5.51 -9.41
N ASN A 899 -7.59 5.00 -8.24
CA ASN A 899 -6.66 4.72 -7.15
C ASN A 899 -5.84 3.49 -7.50
N TYR A 900 -4.79 3.70 -8.29
CA TYR A 900 -3.92 2.63 -8.74
C TYR A 900 -2.48 3.04 -8.52
N LYS A 901 -1.70 2.17 -7.88
CA LYS A 901 -0.28 2.43 -7.68
C LYS A 901 0.48 2.39 -8.99
N SER A 902 0.11 1.47 -9.88
CA SER A 902 0.74 1.35 -11.17
C SER A 902 0.03 2.24 -12.19
N ALA A 903 0.81 2.88 -13.04
CA ALA A 903 0.25 3.67 -14.13
C ALA A 903 -0.42 2.77 -15.18
N ASP A 904 0.11 1.57 -15.38
CA ASP A 904 -0.34 0.64 -16.41
C ASP A 904 -1.15 -0.51 -15.82
N ASN A 905 -2.03 -0.21 -14.87
CA ASN A 905 -2.90 -1.23 -14.29
C ASN A 905 -3.90 -1.72 -15.34
N PRO A 906 -4.12 -3.04 -15.45
CA PRO A 906 -4.95 -3.56 -16.55
C PRO A 906 -6.43 -3.25 -16.40
N ASN A 907 -6.95 -3.12 -15.19
CA ASN A 907 -8.36 -2.75 -15.00
C ASN A 907 -8.59 -1.32 -15.46
N MET A 908 -7.71 -0.41 -15.05
CA MET A 908 -7.80 0.99 -15.44
C MET A 908 -7.62 1.14 -16.95
N TYR A 909 -6.68 0.36 -17.52
CA TYR A 909 -6.46 0.37 -18.97
C TYR A 909 -7.67 -0.16 -19.72
N LEU A 910 -8.33 -1.18 -19.16
CA LEU A 910 -9.57 -1.71 -19.73
C LEU A 910 -10.68 -0.66 -19.76
N VAL A 911 -10.87 0.06 -18.67
CA VAL A 911 -11.94 1.06 -18.65
C VAL A 911 -11.61 2.23 -19.56
N THR A 912 -10.33 2.62 -19.66
CA THR A 912 -9.97 3.70 -20.58
C THR A 912 -10.14 3.28 -22.03
N GLU A 913 -9.82 2.02 -22.36
CA GLU A 913 -10.04 1.53 -23.72
C GLU A 913 -11.53 1.47 -24.04
N TYR A 914 -12.36 1.08 -23.08
CA TYR A 914 -13.79 1.03 -23.34
C TYR A 914 -14.36 2.44 -23.45
N ASN A 915 -13.80 3.40 -22.70
CA ASN A 915 -14.26 4.78 -22.80
C ASN A 915 -13.84 5.40 -24.13
N LYS A 916 -12.70 5.00 -24.67
CA LYS A 916 -12.30 5.46 -26.01
C LYS A 916 -13.20 4.85 -27.09
N ASN A 917 -13.38 3.53 -27.06
CA ASN A 917 -14.11 2.87 -28.15
C ASN A 917 -15.61 3.06 -28.05
N ASN A 918 -16.18 3.04 -26.84
CA ASN A 918 -17.62 3.03 -26.77
C ASN A 918 -18.19 4.39 -26.40
N PRO A 919 -19.40 4.72 -26.88
CA PRO A 919 -20.05 5.99 -26.49
C PRO A 919 -20.40 6.06 -25.01
N GLU A 920 -20.48 4.93 -24.31
CA GLU A 920 -20.48 4.94 -22.86
C GLU A 920 -19.15 5.47 -22.35
N THR A 921 -19.22 6.45 -21.46
CA THR A 921 -18.06 6.84 -20.65
C THR A 921 -18.33 6.33 -19.25
N ILE A 922 -17.63 5.27 -18.85
CA ILE A 922 -17.76 4.73 -17.50
C ILE A 922 -17.13 5.73 -16.54
N GLU A 923 -17.94 6.37 -15.73
CA GLU A 923 -17.45 7.38 -14.81
C GLU A 923 -16.73 6.72 -13.64
N LEU A 924 -16.07 7.54 -12.84
CA LEU A 924 -15.39 7.02 -11.66
C LEU A 924 -16.41 6.71 -10.58
N GLY A 925 -16.26 5.56 -9.95
CA GLY A 925 -17.25 5.08 -9.02
C GLY A 925 -18.38 4.30 -9.66
N GLU A 926 -18.44 4.26 -10.99
CA GLU A 926 -19.42 3.42 -11.67
C GLU A 926 -19.03 1.96 -11.53
N ARG A 927 -20.04 1.13 -11.31
CA ARG A 927 -19.85 -0.32 -11.27
C ARG A 927 -20.23 -0.87 -12.63
N TYR A 928 -19.24 -1.33 -13.37
CA TYR A 928 -19.43 -1.85 -14.72
C TYR A 928 -19.38 -3.37 -14.69
N TYR A 929 -20.22 -3.98 -15.51
CA TYR A 929 -20.17 -5.42 -15.67
C TYR A 929 -19.04 -5.78 -16.64
N PHE A 930 -18.19 -6.71 -16.25
CA PHE A 930 -17.14 -7.19 -17.12
C PHE A 930 -17.07 -8.71 -17.04
N ALA A 931 -16.69 -9.34 -18.14
CA ALA A 931 -16.55 -10.78 -18.20
C ALA A 931 -15.26 -11.14 -18.92
N TYR A 932 -14.76 -12.34 -18.63
CA TYR A 932 -13.59 -12.86 -19.31
C TYR A 932 -14.04 -13.44 -20.64
N ILE A 933 -13.61 -12.81 -21.73
CA ILE A 933 -14.05 -13.17 -23.08
C ILE A 933 -12.83 -13.51 -23.91
N CYS A 934 -12.86 -14.67 -24.56
CA CYS A 934 -11.83 -15.15 -25.47
C CYS A 934 -12.51 -15.60 -26.75
N PRO A 935 -11.77 -15.67 -27.86
CA PRO A 935 -12.33 -16.26 -29.08
C PRO A 935 -12.69 -17.73 -28.91
N ALA A 936 -13.77 -18.14 -29.57
CA ALA A 936 -14.37 -19.46 -29.35
C ALA A 936 -13.55 -20.59 -29.94
N ASN A 937 -12.62 -20.32 -30.86
CA ASN A 937 -11.77 -21.37 -31.39
C ASN A 937 -10.66 -21.78 -30.43
N VAL A 938 -10.45 -21.02 -29.37
CA VAL A 938 -9.50 -21.41 -28.32
C VAL A 938 -10.05 -22.62 -27.57
N PRO A 939 -9.27 -23.70 -27.42
CA PRO A 939 -9.75 -24.86 -26.65
C PRO A 939 -9.64 -24.65 -25.15
N TRP A 940 -9.86 -25.72 -24.38
CA TRP A 940 -9.67 -25.66 -22.94
C TRP A 940 -8.21 -25.35 -22.62
N THR A 941 -8.00 -24.31 -21.82
CA THR A 941 -6.67 -23.81 -21.50
C THR A 941 -6.24 -24.39 -20.16
N LYS A 942 -5.09 -25.08 -20.15
CA LYS A 942 -4.60 -25.65 -18.89
C LYS A 942 -3.98 -24.57 -18.02
N LYS A 943 -2.86 -24.01 -18.46
CA LYS A 943 -2.15 -23.02 -17.66
C LYS A 943 -2.60 -21.62 -18.05
N LEU A 944 -3.02 -20.84 -17.06
CA LEU A 944 -3.74 -19.59 -17.28
C LEU A 944 -2.80 -18.41 -17.02
N VAL A 945 -2.52 -17.66 -18.08
CA VAL A 945 -1.76 -16.41 -18.00
C VAL A 945 -2.51 -15.37 -18.82
N ASN A 946 -2.15 -14.09 -18.57
CA ASN A 946 -2.76 -12.92 -19.19
C ASN A 946 -4.29 -12.90 -19.02
N ILE A 947 -4.72 -13.22 -17.79
CA ILE A 947 -6.14 -13.34 -17.48
C ILE A 947 -6.83 -11.98 -17.53
N LYS A 948 -6.11 -10.92 -17.11
CA LYS A 948 -6.66 -9.57 -17.18
C LYS A 948 -6.85 -9.09 -18.61
N THR A 949 -6.08 -9.63 -19.55
CA THR A 949 -6.22 -9.25 -20.95
C THR A 949 -7.47 -9.82 -21.59
N TYR A 950 -8.04 -10.87 -21.01
CA TYR A 950 -9.26 -11.48 -21.55
C TYR A 950 -10.53 -10.80 -21.03
N GLU A 951 -10.39 -9.82 -20.16
CA GLU A 951 -11.56 -9.13 -19.62
C GLU A 951 -12.17 -8.22 -20.67
N THR A 952 -13.50 -8.31 -20.82
CA THR A 952 -14.26 -7.43 -21.69
C THR A 952 -15.42 -6.88 -20.90
N ILE A 953 -15.58 -5.55 -20.93
CA ILE A 953 -16.65 -4.91 -20.17
C ILE A 953 -17.98 -5.16 -20.86
N ILE A 954 -18.94 -5.68 -20.11
CA ILE A 954 -20.25 -6.06 -20.65
C ILE A 954 -21.23 -4.92 -20.39
N ASP A 955 -21.91 -4.52 -21.45
CA ASP A 955 -22.94 -3.48 -21.44
C ASP A 955 -24.29 -4.17 -21.62
N ARG A 956 -25.38 -3.44 -21.33
CA ARG A 956 -26.70 -4.01 -21.57
C ARG A 956 -27.00 -4.10 -23.06
N SER A 957 -26.41 -3.20 -23.86
CA SER A 957 -26.50 -3.30 -25.31
C SER A 957 -25.44 -4.21 -25.91
N PHE A 958 -24.51 -4.70 -25.09
CA PHE A 958 -23.46 -5.59 -25.58
C PHE A 958 -24.03 -6.99 -25.82
N LYS A 959 -23.68 -7.57 -26.96
CA LYS A 959 -24.02 -8.94 -27.29
C LYS A 959 -22.75 -9.70 -27.60
N LEU A 960 -22.67 -10.94 -27.11
CA LEU A 960 -21.49 -11.76 -27.36
C LEU A 960 -21.46 -12.22 -28.80
N GLY A 961 -20.31 -12.03 -29.45
CA GLY A 961 -20.18 -12.39 -30.85
C GLY A 961 -20.10 -13.88 -31.06
N SER A 962 -20.30 -14.28 -32.32
CA SER A 962 -20.20 -15.69 -32.68
C SER A 962 -18.77 -16.19 -32.60
N ASN A 963 -17.80 -15.34 -32.95
CA ASN A 963 -16.41 -15.72 -32.84
C ASN A 963 -15.94 -15.71 -31.38
N GLN A 964 -16.57 -14.89 -30.54
CA GLN A 964 -16.19 -14.79 -29.14
C GLN A 964 -16.94 -15.80 -28.29
N ARG A 965 -16.39 -16.06 -27.11
CA ARG A 965 -17.02 -16.94 -26.13
C ARG A 965 -16.62 -16.48 -24.74
N ILE A 966 -17.37 -16.93 -23.75
CA ILE A 966 -16.98 -16.71 -22.36
C ILE A 966 -15.76 -17.56 -22.05
N PHE A 967 -14.74 -16.94 -21.46
CA PHE A 967 -13.55 -17.67 -21.02
C PHE A 967 -13.96 -18.43 -19.76
N TYR A 968 -14.51 -19.62 -19.97
CA TYR A 968 -15.07 -20.42 -18.87
C TYR A 968 -14.00 -20.94 -17.92
N GLU A 969 -12.74 -21.01 -18.37
CA GLU A 969 -11.70 -21.74 -17.64
C GLU A 969 -11.35 -21.05 -16.33
N VAL A 970 -11.31 -19.72 -16.30
CA VAL A 970 -10.88 -19.06 -15.08
C VAL A 970 -12.02 -18.95 -14.06
N TYR A 971 -13.27 -18.81 -14.54
CA TYR A 971 -14.43 -18.93 -13.66
C TYR A 971 -14.50 -20.31 -13.03
N PHE A 972 -14.22 -21.34 -13.83
CA PHE A 972 -14.25 -22.71 -13.33
C PHE A 972 -13.07 -22.94 -12.39
N LYS A 973 -11.95 -22.25 -12.61
CA LYS A 973 -10.81 -22.34 -11.71
C LYS A 973 -11.15 -21.79 -10.33
N ARG A 974 -11.80 -20.62 -10.29
CA ARG A 974 -12.23 -20.05 -9.00
C ARG A 974 -13.27 -20.93 -8.33
N LEU A 975 -14.23 -21.45 -9.11
CA LEU A 975 -15.27 -22.32 -8.58
C LEU A 975 -14.68 -23.60 -8.02
N THR A 976 -13.72 -24.18 -8.73
CA THR A 976 -13.07 -25.41 -8.28
C THR A 976 -12.20 -25.17 -7.05
N SER A 977 -11.53 -24.01 -6.95
CA SER A 977 -10.70 -23.78 -5.78
C SER A 977 -11.56 -23.54 -4.54
N GLU A 978 -12.72 -22.88 -4.71
CA GLU A 978 -13.65 -22.77 -3.58
C GLU A 978 -14.23 -24.13 -3.19
N ILE A 979 -14.55 -24.98 -4.18
CA ILE A 979 -15.13 -26.28 -3.90
C ILE A 979 -14.12 -27.19 -3.20
N VAL A 980 -12.86 -27.20 -3.63
CA VAL A 980 -11.86 -27.98 -2.93
C VAL A 980 -11.44 -27.33 -1.61
N ASN A 981 -11.72 -26.03 -1.43
CA ASN A 981 -11.59 -25.44 -0.10
C ASN A 981 -12.70 -25.92 0.83
N LEU A 982 -13.86 -26.26 0.27
CA LEU A 982 -14.98 -26.70 1.09
C LEU A 982 -14.73 -28.09 1.68
N LEU A 983 -14.15 -28.99 0.89
CA LEU A 983 -14.19 -30.41 1.19
C LEU A 983 -12.79 -30.99 1.36
N ASP A 984 -12.75 -32.22 1.88
CA ASP A 984 -11.53 -32.87 2.34
C ASP A 984 -10.87 -33.63 1.19
N ASN A 985 -9.93 -34.53 1.52
CA ASN A 985 -9.14 -35.34 0.58
C ASN A 985 -8.34 -34.45 -0.37
N LYS A 986 -7.37 -33.74 0.25
CA LYS A 986 -6.65 -32.68 -0.44
C LYS A 986 -5.76 -33.18 -1.58
N VAL A 987 -5.23 -34.40 -1.48
CA VAL A 987 -4.32 -34.91 -2.51
C VAL A 987 -5.07 -35.17 -3.82
N LEU A 988 -6.26 -35.77 -3.73
CA LEU A 988 -7.11 -35.94 -4.89
C LEU A 988 -7.58 -34.61 -5.45
N CYS A 989 -7.81 -33.63 -4.57
CA CYS A 989 -8.18 -32.28 -5.00
C CYS A 989 -7.05 -31.61 -5.77
N ILE A 990 -5.81 -31.81 -5.30
CA ILE A 990 -4.64 -31.29 -6.00
C ILE A 990 -4.50 -31.93 -7.38
N SER A 991 -4.69 -33.26 -7.45
CA SER A 991 -4.62 -33.96 -8.73
C SER A 991 -5.73 -33.52 -9.68
N PHE A 992 -6.92 -33.30 -9.14
CA PHE A 992 -8.07 -32.89 -9.95
C PHE A 992 -7.88 -31.47 -10.49
N PHE A 993 -7.41 -30.57 -9.62
CA PHE A 993 -7.11 -29.20 -10.03
C PHE A 993 -5.94 -29.15 -11.01
N GLN A 994 -4.97 -30.05 -10.86
CA GLN A 994 -3.84 -30.07 -11.77
C GLN A 994 -4.24 -30.64 -13.13
N ARG A 995 -5.11 -31.64 -13.16
CA ARG A 995 -5.49 -32.22 -14.44
C ARG A 995 -6.46 -31.30 -15.19
N MET A 996 -7.28 -30.53 -14.47
CA MET A 996 -8.20 -29.65 -15.18
C MET A 996 -7.60 -28.26 -15.44
N PHE A 997 -6.83 -27.70 -14.51
CA PHE A 997 -6.30 -26.35 -14.65
C PHE A 997 -4.79 -26.21 -14.53
N GLY A 998 -4.04 -27.31 -14.54
CA GLY A 998 -2.57 -27.22 -14.62
C GLY A 998 -1.90 -26.50 -13.47
N SER A 999 -2.53 -26.50 -12.30
CA SER A 999 -2.08 -25.65 -11.21
C SER A 999 -2.39 -26.32 -9.88
N ARG A 1000 -1.64 -25.91 -8.87
CA ARG A 1000 -1.92 -26.35 -7.51
C ARG A 1000 -3.05 -25.52 -6.93
N PRO A 1001 -4.09 -26.15 -6.38
CA PRO A 1001 -5.23 -25.37 -5.86
C PRO A 1001 -4.86 -24.61 -4.60
N THR A 1002 -5.43 -23.42 -4.46
CA THR A 1002 -5.30 -22.65 -3.24
C THR A 1002 -6.03 -23.37 -2.11
N PHE A 1003 -5.39 -23.47 -0.95
CA PHE A 1003 -5.94 -24.19 0.18
C PHE A 1003 -5.86 -23.33 1.43
N TYR A 1004 -6.93 -23.33 2.22
CA TYR A 1004 -6.92 -22.63 3.48
C TYR A 1004 -6.17 -23.45 4.54
N GLU A 1005 -5.46 -22.75 5.41
CA GLU A 1005 -4.82 -23.34 6.57
C GLU A 1005 -5.45 -22.78 7.83
N ALA A 1006 -5.94 -23.65 8.70
CA ALA A 1006 -6.61 -23.23 9.91
C ALA A 1006 -5.59 -22.79 10.97
N MET B 1 -23.70 24.01 -4.56
CA MET B 1 -23.14 22.72 -4.22
C MET B 1 -21.95 22.46 -5.18
N HIS B 2 -21.87 23.28 -6.24
CA HIS B 2 -20.64 23.40 -7.03
C HIS B 2 -19.66 24.38 -6.41
N HIS B 3 -20.06 25.10 -5.37
CA HIS B 3 -19.19 26.09 -4.74
C HIS B 3 -18.07 25.47 -3.93
N HIS B 4 -18.11 24.15 -3.71
CA HIS B 4 -17.02 23.44 -3.07
C HIS B 4 -16.17 22.66 -4.07
N HIS B 5 -16.00 23.22 -5.27
CA HIS B 5 -15.23 22.69 -6.42
C HIS B 5 -15.77 21.38 -6.97
N HIS B 6 -15.28 21.02 -8.16
CA HIS B 6 -15.47 19.66 -8.65
C HIS B 6 -14.65 18.67 -7.83
N HIS B 7 -13.40 19.01 -7.60
CA HIS B 7 -12.53 18.27 -6.69
C HIS B 7 -11.52 19.28 -6.17
N GLY B 8 -11.53 19.50 -4.86
CA GLY B 8 -10.74 20.60 -4.30
C GLY B 8 -9.26 20.37 -4.48
N THR B 9 -8.58 21.41 -4.95
CA THR B 9 -7.17 21.35 -5.27
C THR B 9 -6.40 22.15 -4.24
N GLY B 10 -5.31 21.57 -3.73
CA GLY B 10 -4.46 22.29 -2.81
C GLY B 10 -3.73 23.42 -3.49
N SER B 11 -3.16 24.31 -2.70
CA SER B 11 -2.36 25.38 -3.28
C SER B 11 -0.97 24.83 -3.57
N MET B 12 -0.90 24.01 -4.65
CA MET B 12 0.39 23.62 -5.21
C MET B 12 1.26 24.82 -5.53
N THR B 13 0.66 25.83 -6.11
CA THR B 13 1.39 26.92 -6.72
C THR B 13 1.91 27.92 -5.69
N SER B 14 1.55 27.76 -4.41
CA SER B 14 2.01 28.64 -3.36
C SER B 14 3.50 28.49 -3.11
N SER B 15 4.10 29.54 -2.52
CA SER B 15 5.55 29.62 -2.40
C SER B 15 6.11 28.58 -1.45
N ALA B 16 5.37 28.25 -0.39
CA ALA B 16 5.83 27.25 0.58
C ALA B 16 5.95 25.88 -0.07
N ASP B 17 5.00 25.54 -0.94
CA ASP B 17 5.09 24.29 -1.68
C ASP B 17 6.19 24.32 -2.73
N LEU B 18 6.56 25.51 -3.21
CA LEU B 18 7.74 25.64 -4.05
C LEU B 18 9.00 25.39 -3.23
N THR B 19 9.04 25.84 -1.98
CA THR B 19 10.18 25.54 -1.12
C THR B 19 10.26 24.04 -0.82
N ASN B 20 9.10 23.38 -0.65
CA ASN B 20 9.08 21.93 -0.50
C ASN B 20 9.58 21.23 -1.77
N LEU B 21 9.21 21.74 -2.95
CA LEU B 21 9.68 21.14 -4.20
C LEU B 21 11.17 21.35 -4.41
N LYS B 22 11.68 22.54 -4.05
CA LYS B 22 13.10 22.82 -4.15
C LYS B 22 13.89 21.98 -3.16
N GLU B 23 13.34 21.76 -1.96
CA GLU B 23 13.96 20.84 -1.00
C GLU B 23 13.93 19.41 -1.52
N LEU B 24 12.86 19.02 -2.20
CA LEU B 24 12.78 17.70 -2.81
C LEU B 24 13.83 17.51 -3.88
N LEU B 25 14.05 18.55 -4.70
CA LEU B 25 15.10 18.49 -5.71
C LEU B 25 16.50 18.46 -5.08
N SER B 26 16.69 19.25 -4.01
CA SER B 26 18.00 19.32 -3.36
C SER B 26 18.36 18.00 -2.67
N LEU B 27 17.41 17.37 -2.00
CA LEU B 27 17.66 16.05 -1.43
C LEU B 27 17.60 14.93 -2.45
N TYR B 28 17.02 15.18 -3.64
CA TYR B 28 17.15 14.20 -4.72
C TYR B 28 18.55 14.21 -5.30
N LYS B 29 19.15 15.40 -5.44
CA LYS B 29 20.54 15.49 -5.86
C LYS B 29 21.50 15.01 -4.78
N SER B 30 21.05 14.93 -3.53
CA SER B 30 21.87 14.52 -2.40
C SER B 30 21.51 13.15 -1.87
N LEU B 31 20.91 12.30 -2.71
CA LEU B 31 20.41 11.00 -2.26
C LEU B 31 21.55 10.06 -1.86
N ARG B 32 22.63 10.05 -2.62
CA ARG B 32 23.72 9.11 -2.39
C ARG B 32 24.61 9.50 -1.22
N PHE B 33 24.46 10.71 -0.67
CA PHE B 33 25.24 11.09 0.50
C PHE B 33 24.37 11.68 1.60
N SER B 34 23.15 11.15 1.76
CA SER B 34 22.25 11.58 2.83
C SER B 34 22.05 10.45 3.84
N ASP B 35 21.64 10.83 5.05
CA ASP B 35 21.35 9.85 6.09
C ASP B 35 19.94 9.30 5.92
N SER B 36 19.57 8.41 6.85
CA SER B 36 18.23 7.85 6.84
C SER B 36 17.18 8.91 7.17
N VAL B 37 17.56 9.95 7.92
CA VAL B 37 16.64 11.04 8.24
C VAL B 37 16.28 11.82 6.98
N ALA B 38 17.29 12.17 6.18
CA ALA B 38 17.02 12.87 4.92
C ALA B 38 16.43 11.94 3.86
N ILE B 39 16.67 10.63 3.96
CA ILE B 39 15.98 9.69 3.08
C ILE B 39 14.49 9.64 3.39
N GLU B 40 14.14 9.63 4.68
CA GLU B 40 12.74 9.69 5.08
C GLU B 40 12.11 11.04 4.74
N LYS B 41 12.88 12.13 4.85
CA LYS B 41 12.39 13.44 4.44
C LYS B 41 12.17 13.50 2.93
N TYR B 42 13.06 12.87 2.16
CA TYR B 42 12.89 12.77 0.71
C TYR B 42 11.68 11.94 0.36
N ASN B 43 11.44 10.84 1.06
CA ASN B 43 10.27 10.01 0.79
C ASN B 43 8.98 10.73 1.19
N SER B 44 9.03 11.51 2.28
CA SER B 44 7.88 12.32 2.66
C SER B 44 7.60 13.39 1.62
N LEU B 45 8.64 14.02 1.08
CA LEU B 45 8.43 15.02 0.03
C LEU B 45 8.00 14.38 -1.29
N VAL B 46 8.44 13.15 -1.56
CA VAL B 46 7.98 12.41 -2.74
C VAL B 46 6.50 12.08 -2.62
N GLU B 47 6.08 11.59 -1.45
CA GLU B 47 4.67 11.22 -1.33
C GLU B 47 3.80 12.46 -1.24
N TRP B 48 4.34 13.58 -0.71
CA TRP B 48 3.64 14.85 -0.78
C TRP B 48 3.50 15.32 -2.22
N GLY B 49 4.57 15.24 -3.01
CA GLY B 49 4.53 15.68 -4.38
C GLY B 49 3.72 14.78 -5.28
N THR B 50 3.52 13.53 -4.88
CA THR B 50 2.68 12.59 -5.62
C THR B 50 1.21 12.73 -5.22
N SER B 51 0.93 13.08 -3.97
CA SER B 51 -0.43 13.41 -3.59
C SER B 51 -0.84 14.80 -4.08
N THR B 52 0.14 15.66 -4.35
CA THR B 52 -0.06 17.06 -4.67
C THR B 52 -0.09 17.28 -6.18
N TYR B 53 0.92 16.77 -6.88
CA TYR B 53 0.95 16.70 -8.34
C TYR B 53 0.73 15.25 -8.72
N TRP B 54 -0.02 15.01 -9.80
CA TRP B 54 -0.44 13.65 -10.11
C TRP B 54 0.70 12.74 -10.54
N LYS B 55 1.84 13.30 -10.92
CA LYS B 55 3.08 12.55 -11.07
C LYS B 55 4.24 13.46 -10.73
N ILE B 56 5.35 12.86 -10.29
CA ILE B 56 6.62 13.57 -10.18
C ILE B 56 7.69 12.69 -10.81
N GLY B 57 8.79 13.32 -11.20
CA GLY B 57 9.84 12.58 -11.89
C GLY B 57 10.62 11.64 -10.99
N VAL B 58 10.65 11.92 -9.70
CA VAL B 58 11.41 11.12 -8.76
C VAL B 58 10.49 10.11 -8.08
N GLN B 59 11.07 9.01 -7.62
CA GLN B 59 10.29 7.97 -6.96
C GLN B 59 10.79 7.77 -5.53
N LYS B 60 10.00 7.04 -4.76
CA LYS B 60 10.40 6.64 -3.42
C LYS B 60 11.56 5.65 -3.50
N VAL B 61 12.49 5.76 -2.56
CA VAL B 61 13.61 4.85 -2.45
C VAL B 61 13.46 4.03 -1.17
N THR B 62 13.65 2.72 -1.28
CA THR B 62 13.63 1.86 -0.11
C THR B 62 15.00 1.80 0.55
N ASN B 63 16.05 1.67 -0.25
CA ASN B 63 17.42 1.71 0.23
C ASN B 63 18.27 2.45 -0.79
N VAL B 64 19.21 3.26 -0.31
CA VAL B 64 20.13 3.98 -1.15
C VAL B 64 21.53 3.47 -0.87
N GLU B 65 22.22 3.02 -1.92
CA GLU B 65 23.62 2.61 -1.79
C GLU B 65 24.46 3.86 -1.60
N THR B 66 24.87 4.10 -0.36
CA THR B 66 25.59 5.32 0.00
C THR B 66 27.00 5.25 -0.55
N SER B 67 27.22 5.91 -1.68
CA SER B 67 28.52 5.98 -2.33
C SER B 67 28.72 7.37 -2.90
N ILE B 68 29.94 7.88 -2.79
CA ILE B 68 30.25 9.23 -3.25
C ILE B 68 31.21 9.15 -4.44
N SER B 69 31.10 8.07 -5.22
CA SER B 69 31.99 7.81 -6.33
C SER B 69 31.66 8.64 -7.58
N ASP B 70 30.62 9.46 -7.55
CA ASP B 70 30.41 10.39 -8.64
C ASP B 70 31.41 11.54 -8.57
N TYR B 71 31.68 12.05 -7.37
CA TYR B 71 32.70 13.08 -7.20
C TYR B 71 34.10 12.49 -7.25
N TYR B 72 34.25 11.21 -6.96
CA TYR B 72 35.54 10.61 -6.70
C TYR B 72 35.81 9.56 -7.78
N ASP B 73 36.83 9.80 -8.59
CA ASP B 73 37.09 8.95 -9.74
C ASP B 73 37.73 7.63 -9.32
N GLU B 74 38.13 6.83 -10.30
CA GLU B 74 38.67 5.50 -10.03
C GLU B 74 40.07 5.60 -9.44
N VAL B 75 40.35 4.71 -8.50
CA VAL B 75 41.63 4.73 -7.79
C VAL B 75 42.70 4.13 -8.69
N LYS B 76 43.78 4.89 -8.93
CA LYS B 76 44.84 4.48 -9.82
C LYS B 76 45.93 3.76 -9.02
N ASN B 77 46.13 2.48 -9.33
CA ASN B 77 47.12 1.66 -8.64
C ASN B 77 48.46 1.65 -9.34
N LYS B 78 48.63 2.44 -10.40
CA LYS B 78 49.86 2.49 -11.18
C LYS B 78 50.33 3.93 -11.27
N PRO B 79 51.64 4.15 -11.43
CA PRO B 79 52.14 5.52 -11.63
C PRO B 79 51.63 6.14 -12.92
N PHE B 80 51.43 7.45 -12.88
CA PHE B 80 50.81 8.18 -13.98
C PHE B 80 51.48 9.53 -14.13
N ASN B 81 51.12 10.25 -15.19
CA ASN B 81 51.63 11.58 -15.46
C ASN B 81 50.59 12.61 -15.04
N ILE B 82 50.97 13.49 -14.12
CA ILE B 82 50.07 14.52 -13.64
C ILE B 82 50.21 15.77 -14.52
N ASP B 83 49.09 16.41 -14.81
CA ASP B 83 49.07 17.58 -15.66
C ASP B 83 49.65 18.80 -14.93
N PRO B 84 50.14 19.79 -15.66
CA PRO B 84 50.49 21.07 -15.04
C PRO B 84 49.27 21.75 -14.44
N GLY B 85 49.48 22.46 -13.34
CA GLY B 85 48.42 23.19 -12.69
C GLY B 85 48.59 23.19 -11.19
N TYR B 86 47.61 23.78 -10.53
CA TYR B 86 47.57 23.89 -9.08
C TYR B 86 46.72 22.76 -8.50
N TYR B 87 47.22 22.13 -7.44
CA TYR B 87 46.58 20.96 -6.86
C TYR B 87 46.54 21.08 -5.35
N ILE B 88 45.54 20.42 -4.75
CA ILE B 88 45.36 20.37 -3.30
C ILE B 88 45.51 18.91 -2.90
N PHE B 89 46.68 18.55 -2.39
CA PHE B 89 46.97 17.15 -2.12
C PHE B 89 46.44 16.82 -0.73
N LEU B 90 45.48 15.92 -0.64
CA LEU B 90 44.85 15.60 0.63
C LEU B 90 45.03 14.12 0.95
N PRO B 91 45.50 13.78 2.15
CA PRO B 91 45.75 12.37 2.46
C PRO B 91 44.49 11.67 2.95
N VAL B 92 44.20 10.51 2.34
CA VAL B 92 43.09 9.67 2.77
C VAL B 92 43.56 8.78 3.90
N TYR B 93 42.82 8.79 5.01
CA TYR B 93 43.19 8.02 6.19
C TYR B 93 42.56 6.63 6.15
N PHE B 94 42.90 5.81 7.14
CA PHE B 94 42.60 4.39 7.09
C PHE B 94 41.19 4.07 7.57
N GLY B 95 40.66 4.82 8.54
CA GLY B 95 39.40 4.48 9.17
C GLY B 95 38.21 4.63 8.26
N SER B 96 37.03 4.34 8.82
CA SER B 96 35.79 4.32 8.05
C SER B 96 35.45 5.71 7.55
N VAL B 97 35.16 5.81 6.25
CA VAL B 97 34.88 7.09 5.63
C VAL B 97 33.46 7.51 5.99
N PHE B 98 33.34 8.64 6.67
CA PHE B 98 32.05 9.21 7.02
C PHE B 98 31.84 10.50 6.27
N ILE B 99 30.59 10.84 6.02
CA ILE B 99 30.22 12.00 5.24
C ILE B 99 29.12 12.76 5.97
N TYR B 100 29.28 14.08 6.06
CA TYR B 100 28.34 14.94 6.80
C TYR B 100 27.42 15.61 5.79
N SER B 101 26.16 15.19 5.75
CA SER B 101 25.21 15.72 4.78
C SER B 101 24.76 17.13 5.18
N LYS B 102 23.91 17.72 4.35
CA LYS B 102 23.33 19.02 4.64
C LYS B 102 22.22 18.96 5.68
N GLY B 103 21.79 17.76 6.08
CA GLY B 103 20.81 17.56 7.12
C GLY B 103 21.35 17.56 8.54
N LYS B 104 22.61 18.00 8.71
CA LYS B 104 23.27 18.17 10.01
C LYS B 104 23.35 16.87 10.81
N ASN B 105 23.57 15.76 10.10
CA ASN B 105 23.80 14.48 10.78
C ASN B 105 24.74 13.67 9.90
N MET B 106 25.48 12.77 10.52
CA MET B 106 26.67 12.15 9.93
C MET B 106 26.30 10.81 9.30
N VAL B 107 26.81 10.56 8.09
CA VAL B 107 26.38 9.43 7.27
C VAL B 107 27.58 8.51 7.07
N GLU B 108 27.35 7.20 7.13
CA GLU B 108 28.41 6.21 6.93
C GLU B 108 28.39 5.68 5.51
N LEU B 109 29.56 5.67 4.86
CA LEU B 109 29.66 5.08 3.52
C LEU B 109 29.54 3.57 3.57
N GLY B 110 28.75 3.02 2.66
CA GLY B 110 28.55 1.60 2.56
C GLY B 110 27.42 1.04 3.40
N SER B 111 26.95 1.79 4.37
CA SER B 111 25.83 1.40 5.21
C SER B 111 24.71 2.43 5.22
N GLY B 112 25.05 3.71 5.21
CA GLY B 112 24.06 4.77 5.28
C GLY B 112 23.55 5.08 6.65
N ASN B 113 24.02 4.37 7.68
CA ASN B 113 23.54 4.56 9.04
C ASN B 113 24.09 5.85 9.63
N SER B 114 23.36 6.39 10.60
CA SER B 114 23.80 7.57 11.33
C SER B 114 24.53 7.12 12.58
N PHE B 115 25.85 7.30 12.59
CA PHE B 115 26.65 7.02 13.77
C PHE B 115 26.55 8.18 14.74
N GLN B 116 26.62 7.87 16.02
CA GLN B 116 26.32 8.91 16.99
C GLN B 116 27.64 9.50 17.47
N ILE B 117 27.69 10.83 17.53
CA ILE B 117 28.95 11.57 17.61
C ILE B 117 28.94 12.46 18.85
N PRO B 118 30.08 12.86 19.39
CA PRO B 118 30.08 13.82 20.51
C PRO B 118 29.57 15.19 20.07
N ASP B 119 29.12 15.96 21.07
CA ASP B 119 28.35 17.17 20.82
C ASP B 119 29.20 18.30 20.25
N GLU B 120 30.44 18.47 20.74
CA GLU B 120 31.27 19.59 20.30
C GLU B 120 31.69 19.44 18.85
N ILE B 121 31.83 18.20 18.38
CA ILE B 121 32.38 18.00 17.05
C ILE B 121 31.23 18.11 16.04
N ARG B 122 30.00 17.78 16.49
CA ARG B 122 28.79 18.04 15.73
C ARG B 122 28.51 19.53 15.63
N SER B 123 28.71 20.27 16.73
CA SER B 123 28.50 21.71 16.71
C SER B 123 29.51 22.40 15.79
N ALA B 124 30.76 21.94 15.80
CA ALA B 124 31.76 22.48 14.89
C ALA B 124 31.40 22.18 13.44
N CYS B 125 30.94 20.96 13.15
CA CYS B 125 30.55 20.62 11.79
C CYS B 125 29.32 21.40 11.32
N ASN B 126 28.35 21.61 12.22
CA ASN B 126 27.17 22.41 11.87
C ASN B 126 27.54 23.86 11.65
N LYS B 127 28.51 24.39 12.39
CA LYS B 127 28.95 25.76 12.14
C LYS B 127 29.75 25.86 10.83
N VAL B 128 30.43 24.78 10.44
CA VAL B 128 31.10 24.75 9.14
C VAL B 128 30.07 24.78 8.00
N LEU B 129 28.99 23.97 8.13
CA LEU B 129 27.91 24.03 7.14
C LEU B 129 27.16 25.36 7.17
N ASP B 130 27.09 26.02 8.33
CA ASP B 130 26.51 27.36 8.37
C ASP B 130 27.44 28.39 7.74
N SER B 131 28.75 28.13 7.71
CA SER B 131 29.67 29.05 7.06
C SER B 131 29.52 29.00 5.53
N ASP B 132 29.39 27.80 4.97
CA ASP B 132 29.30 27.63 3.52
C ASP B 132 28.10 26.73 3.22
N ASN B 133 27.08 27.28 2.58
CA ASN B 133 25.91 26.51 2.18
C ASN B 133 26.11 25.76 0.87
N GLY B 134 27.19 26.05 0.13
CA GLY B 134 27.47 25.35 -1.10
C GLY B 134 28.14 24.01 -0.94
N ILE B 135 28.45 23.63 0.29
CA ILE B 135 29.12 22.34 0.55
C ILE B 135 28.10 21.23 0.38
N ASP B 136 28.41 20.26 -0.49
CA ASP B 136 27.57 19.08 -0.63
C ASP B 136 27.68 18.18 0.59
N PHE B 137 28.90 17.77 0.93
CA PHE B 137 29.13 16.96 2.11
C PHE B 137 30.56 17.18 2.61
N LEU B 138 30.79 16.82 3.87
CA LEU B 138 32.12 16.86 4.48
C LEU B 138 32.61 15.43 4.69
N ARG B 139 33.64 15.06 3.95
CA ARG B 139 34.18 13.71 4.03
C ARG B 139 35.04 13.59 5.29
N PHE B 140 34.65 12.69 6.18
CA PHE B 140 35.34 12.47 7.45
C PHE B 140 35.84 11.05 7.52
N VAL B 141 36.73 10.81 8.48
CA VAL B 141 37.28 9.49 8.71
C VAL B 141 37.26 9.21 10.21
N LEU B 142 36.83 8.02 10.59
CA LEU B 142 36.79 7.61 12.00
C LEU B 142 37.83 6.52 12.19
N LEU B 143 38.99 6.92 12.70
CA LEU B 143 40.08 6.00 13.00
C LEU B 143 40.59 6.30 14.39
N ASN B 144 40.70 5.24 15.22
CA ASN B 144 41.18 5.33 16.59
C ASN B 144 40.38 6.32 17.44
N ASN B 145 39.05 6.31 17.24
CA ASN B 145 38.09 7.19 17.91
C ASN B 145 38.43 8.67 17.70
N ARG B 146 38.88 8.99 16.48
CA ARG B 146 39.18 10.37 16.08
C ARG B 146 38.41 10.66 14.81
N TRP B 147 37.84 11.85 14.73
CA TRP B 147 37.24 12.31 13.49
C TRP B 147 38.17 13.34 12.85
N ILE B 148 38.85 12.94 11.77
CA ILE B 148 39.55 13.86 10.88
C ILE B 148 38.69 14.19 9.67
N MET B 149 38.52 15.49 9.44
CA MET B 149 37.94 16.03 8.23
C MET B 149 38.92 15.82 7.09
N GLU B 150 38.64 14.83 6.24
CA GLU B 150 39.48 14.55 5.09
C GLU B 150 39.35 15.62 4.02
N ASP B 151 38.12 15.99 3.69
CA ASP B 151 37.86 16.76 2.48
C ASP B 151 36.55 17.51 2.65
N ALA B 152 36.44 18.60 1.90
CA ALA B 152 35.23 19.43 1.89
C ALA B 152 34.82 19.62 0.43
N ILE B 153 34.05 18.67 -0.08
CA ILE B 153 33.58 18.75 -1.47
C ILE B 153 32.45 19.78 -1.54
N SER B 154 32.71 20.87 -2.26
CA SER B 154 31.77 21.97 -2.38
C SER B 154 31.67 22.38 -3.84
N LYS B 155 30.55 23.02 -4.17
CA LYS B 155 30.32 23.43 -5.56
C LYS B 155 31.19 24.63 -5.93
N TYR B 156 31.39 25.56 -4.99
CA TYR B 156 32.06 26.82 -5.29
C TYR B 156 33.38 26.97 -4.55
N GLN B 157 33.37 26.90 -3.22
CA GLN B 157 34.56 27.24 -2.44
C GLN B 157 35.54 26.08 -2.40
N SER B 158 36.83 26.43 -2.54
CA SER B 158 37.90 25.44 -2.42
C SER B 158 37.99 24.93 -0.99
N PRO B 159 38.42 23.67 -0.80
CA PRO B 159 38.52 23.12 0.57
C PRO B 159 39.61 23.75 1.43
N VAL B 160 40.56 24.48 0.83
CA VAL B 160 41.69 25.04 1.56
C VAL B 160 41.21 26.09 2.56
N ASN B 161 40.33 26.99 2.11
CA ASN B 161 39.78 27.99 3.03
C ASN B 161 38.77 27.37 3.99
N ILE B 162 38.19 26.22 3.64
CA ILE B 162 37.31 25.50 4.54
C ILE B 162 38.10 24.94 5.71
N PHE B 163 39.30 24.41 5.42
CA PHE B 163 40.07 23.65 6.39
C PHE B 163 40.57 24.50 7.54
N LYS B 164 41.05 25.72 7.25
CA LYS B 164 41.54 26.60 8.30
C LYS B 164 40.42 27.08 9.20
N LEU B 165 39.25 27.34 8.62
CA LEU B 165 38.08 27.71 9.42
C LEU B 165 37.58 26.55 10.27
N ALA B 166 37.68 25.32 9.75
CA ALA B 166 37.32 24.16 10.55
C ALA B 166 38.33 23.90 11.66
N SER B 167 39.61 24.20 11.41
CA SER B 167 40.63 24.07 12.44
C SER B 167 40.45 25.12 13.53
N GLU B 168 40.00 26.32 13.17
CA GLU B 168 39.63 27.31 14.18
C GLU B 168 38.39 26.88 14.95
N TYR B 169 37.52 26.08 14.32
CA TYR B 169 36.27 25.64 14.92
C TYR B 169 36.43 24.42 15.79
N GLY B 170 37.63 23.83 15.84
CA GLY B 170 37.89 22.66 16.66
C GLY B 170 37.98 21.35 15.92
N LEU B 171 37.69 21.33 14.62
CA LEU B 171 37.76 20.10 13.85
C LEU B 171 39.21 19.73 13.56
N ASN B 172 39.41 18.44 13.27
CA ASN B 172 40.74 17.90 13.03
C ASN B 172 41.00 17.83 11.54
N ILE B 173 42.07 18.47 11.09
CA ILE B 173 42.40 18.53 9.66
C ILE B 173 43.81 17.99 9.47
N PRO B 174 44.14 17.43 8.31
CA PRO B 174 45.53 17.03 8.06
C PRO B 174 46.43 18.25 7.82
N ASN B 175 47.72 18.06 8.10
CA ASN B 175 48.71 19.01 7.62
C ASN B 175 48.89 18.80 6.12
N TYR B 176 48.19 19.59 5.33
CA TYR B 176 48.15 19.45 3.89
C TYR B 176 48.94 20.58 3.24
N LEU B 177 49.48 20.29 2.06
CA LEU B 177 50.21 21.26 1.25
C LEU B 177 49.52 21.43 -0.10
N GLU B 178 49.60 22.64 -0.62
CA GLU B 178 49.14 22.93 -1.98
C GLU B 178 50.36 23.39 -2.79
N ILE B 179 50.56 22.76 -3.95
CA ILE B 179 51.75 23.02 -4.77
C ILE B 179 51.35 23.08 -6.24
N GLU B 180 52.27 23.65 -7.02
CA GLU B 180 52.20 23.65 -8.48
C GLU B 180 52.93 22.43 -8.99
N ILE B 181 52.54 21.92 -10.14
CA ILE B 181 53.37 20.96 -10.85
C ILE B 181 53.95 21.66 -12.08
N GLU B 182 55.28 21.74 -12.14
CA GLU B 182 55.93 22.55 -13.16
C GLU B 182 55.92 21.86 -14.52
N GLU B 183 56.03 20.54 -14.54
CA GLU B 183 56.19 19.81 -15.79
C GLU B 183 55.50 18.46 -15.65
N ASP B 184 55.29 17.79 -16.78
CA ASP B 184 54.75 16.44 -16.79
C ASP B 184 55.76 15.49 -16.15
N THR B 185 55.50 15.09 -14.91
CA THR B 185 56.38 14.24 -14.14
C THR B 185 55.64 12.97 -13.78
N LEU B 186 56.32 11.83 -13.90
CA LEU B 186 55.74 10.54 -13.55
C LEU B 186 55.51 10.49 -12.05
N PHE B 187 54.24 10.47 -11.65
CA PHE B 187 53.85 10.41 -10.24
C PHE B 187 54.19 9.02 -9.71
N ASP B 188 55.38 8.88 -9.13
CA ASP B 188 55.93 7.58 -8.77
C ASP B 188 55.88 7.39 -7.26
N ASP B 189 56.45 6.26 -6.82
CA ASP B 189 56.41 5.90 -5.41
C ASP B 189 57.30 6.78 -4.55
N GLU B 190 58.39 7.31 -5.12
CA GLU B 190 59.29 8.17 -4.36
C GLU B 190 58.66 9.53 -4.08
N LEU B 191 58.02 10.11 -5.10
CA LEU B 191 57.38 11.41 -4.91
C LEU B 191 56.13 11.26 -4.02
N TYR B 192 55.46 10.11 -4.14
CA TYR B 192 54.36 9.75 -3.22
C TYR B 192 54.86 9.63 -1.78
N SER B 193 56.03 9.03 -1.59
CA SER B 193 56.56 8.84 -0.24
C SER B 193 57.00 10.17 0.38
N ILE B 194 57.64 11.04 -0.40
CA ILE B 194 58.00 12.34 0.16
C ILE B 194 56.76 13.23 0.31
N MET B 195 55.70 12.97 -0.46
CA MET B 195 54.44 13.69 -0.26
C MET B 195 53.80 13.26 1.07
N GLU B 196 53.87 11.95 1.36
CA GLU B 196 53.39 11.40 2.63
C GLU B 196 54.19 11.96 3.80
N ARG B 197 55.51 12.08 3.63
CA ARG B 197 56.34 12.68 4.68
C ARG B 197 56.07 14.18 4.81
N SER B 198 55.64 14.83 3.73
CA SER B 198 55.22 16.22 3.80
C SER B 198 53.91 16.36 4.58
N PHE B 199 53.03 15.37 4.48
CA PHE B 199 51.84 15.33 5.34
C PHE B 199 52.31 15.02 6.76
N ASP B 200 52.43 16.05 7.60
CA ASP B 200 52.91 15.87 8.97
C ASP B 200 51.74 15.39 9.83
N ASP B 201 51.41 14.12 9.68
CA ASP B 201 50.24 13.52 10.30
C ASP B 201 50.69 12.23 10.96
N THR B 202 50.50 12.14 12.28
CA THR B 202 50.88 10.91 12.99
C THR B 202 49.94 9.76 12.63
N PHE B 203 48.71 10.07 12.26
CA PHE B 203 47.70 9.04 12.11
C PHE B 203 47.75 8.50 10.68
N PRO B 204 47.48 7.21 10.48
CA PRO B 204 47.87 6.54 9.22
C PRO B 204 47.09 7.01 8.00
N LYS B 205 47.83 7.27 6.92
CA LYS B 205 47.26 7.74 5.66
C LYS B 205 47.45 6.68 4.58
N ILE B 206 46.35 6.21 4.00
CA ILE B 206 46.42 5.10 3.06
C ILE B 206 46.62 5.53 1.60
N SER B 207 46.19 6.74 1.25
CA SER B 207 46.25 7.20 -0.13
C SER B 207 46.10 8.71 -0.14
N ILE B 208 46.28 9.30 -1.32
CA ILE B 208 46.26 10.75 -1.51
C ILE B 208 45.21 11.09 -2.55
N SER B 209 44.35 12.06 -2.23
CA SER B 209 43.38 12.60 -3.17
C SER B 209 43.77 14.03 -3.51
N TYR B 210 43.87 14.32 -4.81
CA TYR B 210 44.26 15.65 -5.29
C TYR B 210 43.09 16.27 -6.05
N ILE B 211 42.94 17.58 -5.91
CA ILE B 211 41.79 18.31 -6.46
C ILE B 211 42.34 19.30 -7.48
N LYS B 212 41.85 19.20 -8.72
CA LYS B 212 42.16 20.20 -9.73
C LYS B 212 41.41 21.50 -9.44
N LEU B 213 42.05 22.62 -9.78
CA LEU B 213 41.35 23.90 -9.70
C LEU B 213 40.41 24.10 -10.89
N GLY B 214 40.77 23.56 -12.06
CA GLY B 214 39.94 23.68 -13.23
C GLY B 214 38.73 22.79 -13.25
N GLU B 215 38.84 21.60 -12.65
CA GLU B 215 37.77 20.61 -12.63
C GLU B 215 37.35 20.33 -11.19
N LEU B 216 36.04 20.31 -10.96
CA LEU B 216 35.52 20.04 -9.62
C LEU B 216 35.75 18.59 -9.21
N LYS B 217 35.78 17.67 -10.17
CA LYS B 217 35.93 16.26 -9.86
C LYS B 217 37.36 15.95 -9.42
N ARG B 218 37.48 15.15 -8.36
CA ARG B 218 38.76 14.82 -7.76
C ARG B 218 38.97 13.31 -7.80
N GLN B 219 40.23 12.91 -7.75
CA GLN B 219 40.61 11.51 -7.91
C GLN B 219 41.59 11.10 -6.81
N VAL B 220 41.38 9.90 -6.26
CA VAL B 220 42.29 9.31 -5.28
C VAL B 220 43.32 8.48 -6.01
N VAL B 221 44.60 8.71 -5.69
CA VAL B 221 45.70 7.90 -6.21
C VAL B 221 46.28 7.10 -5.05
N ASP B 222 46.68 5.86 -5.33
CA ASP B 222 47.13 4.94 -4.28
C ASP B 222 48.16 3.99 -4.87
N PHE B 223 49.37 4.01 -4.34
CA PHE B 223 50.42 3.08 -4.74
C PHE B 223 50.66 2.11 -3.60
N PHE B 224 50.44 0.82 -3.88
CA PHE B 224 50.61 -0.22 -2.89
C PHE B 224 50.82 -1.53 -3.63
N LYS B 225 51.31 -2.52 -2.89
CA LYS B 225 51.33 -3.90 -3.35
C LYS B 225 50.43 -4.73 -2.44
N PHE B 226 49.60 -5.57 -3.05
CA PHE B 226 48.78 -6.49 -2.27
C PHE B 226 49.68 -7.53 -1.62
N SER B 227 49.41 -7.81 -0.35
CA SER B 227 50.18 -8.79 0.39
C SER B 227 49.24 -9.68 1.18
N PHE B 228 49.69 -10.90 1.44
CA PHE B 228 48.93 -11.90 2.19
C PHE B 228 49.86 -12.44 3.28
N MET B 229 49.66 -11.98 4.51
CA MET B 229 50.60 -12.24 5.59
C MET B 229 49.97 -13.17 6.61
N TYR B 230 50.76 -14.13 7.10
CA TYR B 230 50.31 -15.01 8.15
C TYR B 230 50.15 -14.24 9.45
N ILE B 231 49.19 -14.68 10.26
CA ILE B 231 48.75 -13.91 11.43
C ILE B 231 49.12 -14.67 12.69
N GLU B 232 49.86 -14.01 13.58
CA GLU B 232 50.23 -14.63 14.85
C GLU B 232 49.07 -14.58 15.84
N SER B 233 48.56 -13.38 16.11
CA SER B 233 47.50 -13.20 17.09
C SER B 233 46.74 -11.91 16.78
N ILE B 234 45.58 -11.78 17.40
CA ILE B 234 44.74 -10.59 17.27
C ILE B 234 44.68 -9.90 18.64
N LYS B 235 44.98 -8.61 18.65
CA LYS B 235 45.07 -7.85 19.90
C LYS B 235 44.19 -6.61 19.81
N VAL B 236 43.85 -6.09 20.98
CA VAL B 236 43.13 -4.82 21.10
C VAL B 236 43.94 -3.91 22.01
N ASP B 237 44.12 -2.67 21.60
CA ASP B 237 44.77 -1.67 22.44
C ASP B 237 43.86 -0.45 22.58
N ARG B 238 43.91 0.15 23.76
CA ARG B 238 42.88 1.04 24.28
C ARG B 238 43.14 2.48 23.80
N ILE B 239 42.21 2.97 22.99
CA ILE B 239 42.32 4.27 22.34
C ILE B 239 41.55 5.35 23.09
N GLY B 240 40.39 5.01 23.65
CA GLY B 240 39.76 5.82 24.65
C GLY B 240 39.42 4.93 25.82
N ASP B 241 38.96 5.54 26.90
CA ASP B 241 38.46 4.75 28.02
C ASP B 241 37.22 3.94 27.63
N ASN B 242 37.28 2.64 27.93
CA ASN B 242 36.32 1.61 27.50
C ASN B 242 36.15 1.55 25.98
N ILE B 243 37.18 1.93 25.22
CA ILE B 243 37.14 1.94 23.76
C ILE B 243 38.44 1.30 23.26
N PHE B 244 38.33 0.23 22.48
CA PHE B 244 39.48 -0.54 22.02
C PHE B 244 39.41 -0.71 20.51
N ILE B 245 40.50 -0.40 19.81
CA ILE B 245 40.56 -0.66 18.37
C ILE B 245 41.07 -2.09 18.18
N PRO B 246 40.49 -2.87 17.28
CA PRO B 246 41.09 -4.16 16.94
C PRO B 246 42.42 -3.96 16.22
N SER B 247 43.34 -4.89 16.43
CA SER B 247 44.63 -4.88 15.75
C SER B 247 45.03 -6.30 15.45
N VAL B 248 45.80 -6.47 14.38
CA VAL B 248 46.22 -7.77 13.89
C VAL B 248 47.75 -7.81 13.85
N ILE B 249 48.33 -8.80 14.52
CA ILE B 249 49.78 -8.95 14.62
C ILE B 249 50.19 -10.16 13.79
N THR B 250 51.19 -9.96 12.92
CA THR B 250 51.70 -11.03 12.08
C THR B 250 52.76 -11.84 12.83
N LYS B 251 53.17 -12.94 12.19
CA LYS B 251 54.22 -13.78 12.77
C LYS B 251 55.58 -13.09 12.69
N SER B 252 55.79 -12.22 11.70
CA SER B 252 57.03 -11.49 11.59
C SER B 252 57.14 -10.41 12.67
N GLY B 253 56.02 -9.94 13.18
CA GLY B 253 55.99 -8.90 14.20
C GLY B 253 55.40 -7.58 13.74
N LYS B 254 55.30 -7.37 12.43
CA LYS B 254 54.69 -6.15 11.91
C LYS B 254 53.18 -6.17 12.14
N LYS B 255 52.63 -5.03 12.50
CA LYS B 255 51.25 -4.92 12.97
C LYS B 255 50.36 -4.43 11.83
N ILE B 256 49.32 -5.22 11.53
CA ILE B 256 48.33 -4.84 10.52
C ILE B 256 47.25 -4.02 11.21
N LEU B 257 47.05 -2.80 10.74
CA LEU B 257 46.01 -1.94 11.29
C LEU B 257 44.64 -2.42 10.85
N VAL B 258 43.66 -2.34 11.75
CA VAL B 258 42.28 -2.72 11.47
C VAL B 258 41.42 -1.49 11.60
N LYS B 259 40.54 -1.28 10.62
CA LYS B 259 39.71 -0.09 10.51
C LYS B 259 38.72 0.03 11.67
N ASP B 260 37.76 -0.89 11.74
CA ASP B 260 36.82 -0.97 12.86
C ASP B 260 36.68 -2.42 13.29
N VAL B 261 35.69 -2.69 14.14
CA VAL B 261 35.35 -4.07 14.44
C VAL B 261 34.72 -4.74 13.23
N ASP B 262 33.77 -4.07 12.57
CA ASP B 262 33.05 -4.70 11.46
C ASP B 262 33.93 -4.94 10.25
N HIS B 263 35.07 -4.26 10.14
CA HIS B 263 36.08 -4.66 9.18
C HIS B 263 36.71 -6.01 9.57
N LEU B 264 36.99 -6.20 10.86
CA LEU B 264 37.57 -7.44 11.33
C LEU B 264 36.60 -8.61 11.21
N ILE B 265 35.31 -8.35 11.39
CA ILE B 265 34.28 -9.39 11.26
C ILE B 265 33.89 -9.62 9.81
N ARG B 266 33.85 -8.57 9.00
CA ARG B 266 33.50 -8.71 7.60
C ARG B 266 34.59 -9.43 6.81
N SER B 267 35.85 -9.10 7.07
CA SER B 267 36.96 -9.78 6.44
C SER B 267 37.31 -11.10 7.11
N LYS B 268 36.69 -11.39 8.26
CA LYS B 268 36.76 -12.70 8.95
C LYS B 268 38.20 -13.07 9.33
N VAL B 269 38.88 -12.15 9.99
CA VAL B 269 40.28 -12.37 10.36
C VAL B 269 40.35 -13.40 11.48
N ARG B 270 41.06 -14.49 11.23
CA ARG B 270 41.30 -15.54 12.21
C ARG B 270 42.80 -15.66 12.41
N GLU B 271 43.21 -16.00 13.64
CA GLU B 271 44.61 -16.25 13.91
C GLU B 271 45.08 -17.48 13.13
N HIS B 272 46.37 -17.45 12.75
CA HIS B 272 47.02 -18.47 11.93
C HIS B 272 46.33 -18.64 10.58
N THR B 273 45.87 -17.52 10.01
CA THR B 273 45.31 -17.49 8.65
C THR B 273 45.99 -16.39 7.85
N PHE B 274 45.59 -16.26 6.60
CA PHE B 274 46.08 -15.20 5.72
C PHE B 274 44.99 -14.16 5.50
N VAL B 275 45.37 -12.90 5.52
CA VAL B 275 44.46 -11.79 5.27
C VAL B 275 45.02 -10.94 4.14
N LYS B 276 44.14 -10.24 3.45
CA LYS B 276 44.56 -9.32 2.39
C LYS B 276 44.99 -8.01 3.04
N VAL B 277 46.28 -7.71 2.94
CA VAL B 277 46.82 -6.49 3.52
C VAL B 277 47.49 -5.68 2.42
N LYS B 278 47.18 -4.37 2.37
CA LYS B 278 47.90 -3.47 1.50
C LYS B 278 49.21 -3.08 2.15
N LYS B 279 50.31 -3.23 1.43
CA LYS B 279 51.63 -3.07 2.00
C LYS B 279 52.21 -1.70 1.65
N LYS B 280 52.72 -1.01 2.65
CA LYS B 280 53.48 0.22 2.47
C LYS B 280 54.83 0.07 3.15
N ASN B 281 55.71 1.04 2.92
CA ASN B 281 56.99 1.05 3.61
C ASN B 281 56.84 1.44 5.08
N THR B 282 55.80 2.21 5.40
CA THR B 282 55.62 2.73 6.74
C THR B 282 54.76 1.85 7.63
N PHE B 283 53.62 1.37 7.13
CA PHE B 283 52.73 0.53 7.92
C PHE B 283 51.98 -0.42 7.00
N SER B 284 50.98 -1.10 7.55
CA SER B 284 50.20 -2.11 6.87
C SER B 284 48.73 -1.75 6.91
N ILE B 285 48.02 -2.02 5.81
CA ILE B 285 46.65 -1.57 5.59
C ILE B 285 45.79 -2.78 5.26
N LEU B 286 44.86 -3.12 6.16
CA LEU B 286 43.98 -4.25 5.89
C LEU B 286 42.96 -3.89 4.81
N TYR B 287 42.77 -4.79 3.86
CA TYR B 287 41.86 -4.54 2.75
C TYR B 287 40.41 -4.70 3.20
N ASP B 288 39.53 -3.91 2.59
CA ASP B 288 38.09 -3.98 2.89
C ASP B 288 37.42 -5.02 1.99
N TYR B 289 37.74 -6.28 2.26
CA TYR B 289 37.20 -7.41 1.52
C TYR B 289 36.22 -8.19 2.39
N ASP B 290 35.32 -8.91 1.74
CA ASP B 290 34.44 -9.83 2.44
C ASP B 290 35.13 -11.18 2.60
N GLY B 291 34.92 -11.82 3.75
CA GLY B 291 35.51 -13.11 4.00
C GLY B 291 34.85 -14.19 3.18
N ASN B 292 35.66 -15.12 2.68
CA ASN B 292 35.19 -16.18 1.79
C ASN B 292 34.82 -17.46 2.52
N GLY B 293 34.95 -17.48 3.85
CA GLY B 293 34.56 -18.67 4.59
C GLY B 293 33.06 -18.81 4.71
N THR B 294 32.63 -20.03 5.05
CA THR B 294 31.23 -20.32 5.26
C THR B 294 30.77 -19.99 6.67
N GLU B 295 31.67 -19.50 7.51
CA GLU B 295 31.32 -19.17 8.89
C GLU B 295 30.41 -17.95 8.93
N THR B 296 29.30 -18.09 9.65
CA THR B 296 28.34 -16.99 9.76
C THR B 296 28.89 -15.89 10.65
N ARG B 297 28.25 -14.72 10.59
CA ARG B 297 28.75 -13.53 11.27
C ARG B 297 28.71 -13.68 12.78
N GLY B 298 27.68 -14.33 13.31
CA GLY B 298 27.61 -14.60 14.73
C GLY B 298 28.71 -15.53 15.21
N GLU B 299 29.07 -16.51 14.39
CA GLU B 299 30.17 -17.41 14.77
C GLU B 299 31.53 -16.73 14.61
N VAL B 300 31.64 -15.74 13.72
CA VAL B 300 32.86 -14.93 13.69
C VAL B 300 32.96 -14.11 14.96
N ILE B 301 31.81 -13.61 15.45
CA ILE B 301 31.78 -12.85 16.71
C ILE B 301 32.18 -13.76 17.88
N LYS B 302 31.60 -14.98 17.92
CA LYS B 302 32.01 -16.08 18.82
C LYS B 302 33.52 -16.24 18.87
N ARG B 303 34.14 -16.50 17.71
CA ARG B 303 35.56 -16.83 17.66
C ARG B 303 36.44 -15.64 18.01
N ILE B 304 36.04 -14.44 17.59
CA ILE B 304 36.84 -13.24 17.85
C ILE B 304 36.85 -12.90 19.33
N ILE B 305 35.66 -12.93 19.97
CA ILE B 305 35.58 -12.69 21.41
C ILE B 305 36.26 -13.82 22.19
N ASP B 306 36.20 -15.06 21.69
CA ASP B 306 36.89 -16.16 22.37
C ASP B 306 38.40 -16.02 22.30
N THR B 307 38.92 -15.51 21.18
CA THR B 307 40.37 -15.31 21.07
C THR B 307 40.83 -14.11 21.88
N ILE B 308 40.07 -13.02 21.86
CA ILE B 308 40.50 -11.81 22.56
C ILE B 308 40.23 -11.92 24.06
N GLY B 309 39.03 -12.27 24.44
CA GLY B 309 38.67 -12.41 25.85
C GLY B 309 37.17 -12.27 26.03
N ARG B 310 36.64 -13.05 26.98
CA ARG B 310 35.20 -13.12 27.20
C ARG B 310 34.60 -11.86 27.80
N ASP B 311 35.38 -11.10 28.55
CA ASP B 311 34.87 -9.82 29.02
C ASP B 311 35.24 -8.64 28.12
N TYR B 312 35.48 -8.91 26.83
CA TYR B 312 35.42 -7.92 25.75
C TYR B 312 34.13 -8.11 24.96
N TYR B 313 33.55 -7.01 24.49
CA TYR B 313 32.36 -7.09 23.66
C TYR B 313 32.45 -6.08 22.52
N VAL B 314 31.66 -6.35 21.48
CA VAL B 314 31.59 -5.46 20.32
C VAL B 314 30.72 -4.26 20.67
N ASN B 315 31.29 -3.06 20.56
CA ASN B 315 30.56 -1.82 20.81
C ASN B 315 30.65 -0.97 19.54
N GLY B 316 29.75 -1.23 18.60
CA GLY B 316 29.75 -0.52 17.35
C GLY B 316 30.97 -0.80 16.50
N LYS B 317 31.86 0.19 16.42
CA LYS B 317 33.08 0.07 15.62
C LYS B 317 34.31 -0.24 16.46
N TYR B 318 34.19 -0.29 17.79
CA TYR B 318 35.31 -0.50 18.67
C TYR B 318 34.96 -1.56 19.71
N PHE B 319 35.95 -2.34 20.10
CA PHE B 319 35.75 -3.28 21.19
C PHE B 319 35.74 -2.53 22.52
N SER B 320 35.03 -3.09 23.49
CA SER B 320 34.96 -2.50 24.82
C SER B 320 35.10 -3.59 25.85
N LYS B 321 35.85 -3.30 26.92
CA LYS B 321 36.04 -4.22 28.01
C LYS B 321 35.16 -3.81 29.18
N VAL B 322 34.60 -4.79 29.86
CA VAL B 322 33.75 -4.50 31.01
C VAL B 322 34.61 -4.47 32.27
N GLY B 323 34.09 -3.81 33.29
CA GLY B 323 34.80 -3.70 34.55
C GLY B 323 33.84 -3.26 35.63
N ILE B 324 34.38 -3.09 36.84
CA ILE B 324 33.58 -2.64 37.97
C ILE B 324 33.29 -1.15 37.77
N ALA B 325 32.05 -0.84 37.44
CA ALA B 325 31.65 0.53 37.14
C ALA B 325 31.22 1.26 38.40
N GLY B 326 31.56 2.54 38.47
CA GLY B 326 31.23 3.35 39.62
C GLY B 326 31.04 4.80 39.26
N LEU B 327 31.21 5.69 40.24
CA LEU B 327 31.02 7.12 40.00
C LEU B 327 32.09 7.71 39.08
N LYS B 328 33.25 7.04 38.98
CA LYS B 328 34.34 7.52 38.14
C LYS B 328 33.97 7.50 36.67
N GLN B 329 33.37 6.40 36.21
CA GLN B 329 33.01 6.28 34.79
C GLN B 329 31.85 7.19 34.44
N LEU B 330 30.90 7.39 35.35
CA LEU B 330 29.81 8.32 35.12
C LEU B 330 30.30 9.76 35.05
N THR B 331 31.24 10.14 35.92
CA THR B 331 31.78 11.49 35.85
C THR B 331 32.69 11.67 34.64
N ASN B 332 33.33 10.59 34.17
CA ASN B 332 34.14 10.69 32.96
C ASN B 332 33.27 10.84 31.72
N LYS B 333 32.13 10.12 31.67
CA LYS B 333 31.23 10.27 30.53
C LYS B 333 30.50 11.60 30.56
N LEU B 334 30.19 12.12 31.75
CA LEU B 334 29.58 13.44 31.86
C LEU B 334 30.56 14.58 31.64
N ASP B 335 31.86 14.28 31.48
CA ASP B 335 32.94 15.25 31.26
C ASP B 335 33.00 16.29 32.38
N ILE B 336 32.92 15.80 33.62
CA ILE B 336 32.82 16.63 34.81
C ILE B 336 33.88 16.16 35.79
N ASN B 337 34.07 16.92 36.88
CA ASN B 337 35.08 16.62 37.89
C ASN B 337 34.80 15.28 38.55
N GLU B 338 35.88 14.56 38.88
CA GLU B 338 35.78 13.26 39.51
C GLU B 338 35.16 13.39 40.90
N CYS B 339 34.28 12.46 41.24
CA CYS B 339 33.38 12.64 42.36
C CYS B 339 33.36 11.41 43.26
N ALA B 340 33.29 11.65 44.57
CA ALA B 340 33.34 10.54 45.53
C ALA B 340 31.98 9.91 45.76
N THR B 341 30.94 10.72 45.99
CA THR B 341 29.62 10.21 46.37
C THR B 341 28.55 10.76 45.42
N VAL B 342 27.37 10.14 45.42
CA VAL B 342 26.30 10.59 44.52
C VAL B 342 25.76 11.97 44.91
N ASP B 343 25.79 12.30 46.20
CA ASP B 343 25.32 13.62 46.66
C ASP B 343 26.19 14.74 46.09
N GLU B 344 27.51 14.55 46.13
CA GLU B 344 28.45 15.51 45.59
C GLU B 344 28.32 15.61 44.08
N LEU B 345 27.93 14.50 43.44
CA LEU B 345 27.71 14.50 42.00
C LEU B 345 26.48 15.32 41.63
N VAL B 346 25.38 15.13 42.38
CA VAL B 346 24.18 15.97 42.26
C VAL B 346 24.53 17.44 42.39
N ASP B 347 25.38 17.76 43.37
CA ASP B 347 25.81 19.15 43.56
C ASP B 347 26.58 19.68 42.35
N GLU B 348 27.53 18.91 41.80
CA GLU B 348 28.36 19.50 40.74
C GLU B 348 27.59 19.58 39.42
N ILE B 349 26.65 18.64 39.18
CA ILE B 349 25.74 18.79 38.04
C ILE B 349 24.86 20.01 38.20
N ASN B 350 24.48 20.35 39.45
CA ASN B 350 23.75 21.60 39.64
C ASN B 350 24.64 22.81 39.38
N LYS B 351 25.94 22.71 39.70
CA LYS B 351 26.88 23.79 39.42
C LYS B 351 27.06 24.04 37.94
N SER B 352 27.17 22.96 37.14
CA SER B 352 27.38 23.06 35.70
C SER B 352 26.01 22.98 35.01
N GLY B 353 25.49 24.14 34.62
CA GLY B 353 24.11 24.23 34.16
C GLY B 353 23.85 23.50 32.86
N THR B 354 24.83 23.47 31.95
CA THR B 354 24.65 22.76 30.70
C THR B 354 24.71 21.24 30.92
N VAL B 355 25.47 20.78 31.92
CA VAL B 355 25.46 19.36 32.26
C VAL B 355 24.11 18.98 32.86
N LYS B 356 23.51 19.89 33.65
CA LYS B 356 22.16 19.69 34.16
C LYS B 356 21.12 19.66 33.03
N ARG B 357 21.34 20.49 32.00
CA ARG B 357 20.49 20.42 30.81
C ARG B 357 20.63 19.07 30.11
N LYS B 358 21.85 18.53 30.07
CA LYS B 358 22.08 17.24 29.44
C LYS B 358 21.44 16.10 30.24
N ILE B 359 21.47 16.20 31.58
CA ILE B 359 20.80 15.21 32.42
C ILE B 359 19.29 15.27 32.25
N LYS B 360 18.73 16.48 32.16
CA LYS B 360 17.28 16.61 31.97
C LYS B 360 16.86 16.15 30.57
N ASN B 361 17.69 16.40 29.56
CA ASN B 361 17.27 16.18 28.18
C ASN B 361 17.29 14.71 27.76
N GLN B 362 18.26 13.91 28.19
CA GLN B 362 18.19 12.47 27.88
C GLN B 362 17.85 11.67 29.13
N SER B 363 17.33 10.48 28.88
CA SER B 363 16.71 9.65 29.91
C SER B 363 17.77 8.98 30.78
N VAL B 364 17.27 8.31 31.82
CA VAL B 364 18.12 7.55 32.74
C VAL B 364 18.76 6.37 32.02
N PHE B 365 17.98 5.69 31.19
CA PHE B 365 18.48 4.49 30.51
C PHE B 365 19.54 4.82 29.47
N ASP B 366 19.35 5.91 28.71
CA ASP B 366 20.35 6.31 27.72
C ASP B 366 21.63 6.78 28.39
N LEU B 367 21.51 7.48 29.51
CA LEU B 367 22.67 7.91 30.29
C LEU B 367 23.45 6.72 30.83
N SER B 368 22.74 5.77 31.45
CA SER B 368 23.41 4.60 32.03
C SER B 368 23.93 3.64 30.96
N ARG B 369 23.34 3.66 29.76
CA ARG B 369 23.87 2.87 28.65
C ARG B 369 25.12 3.51 28.08
N GLU B 370 25.13 4.83 27.97
CA GLU B 370 26.29 5.52 27.41
C GLU B 370 27.46 5.54 28.38
N CYS B 371 27.18 5.56 29.69
CA CYS B 371 28.25 5.65 30.69
C CYS B 371 29.11 4.39 30.71
N LEU B 372 28.49 3.22 30.54
CA LEU B 372 29.26 1.99 30.45
C LEU B 372 29.68 1.69 29.01
N GLY B 373 29.25 2.50 28.06
CA GLY B 373 29.59 2.29 26.66
C GLY B 373 28.95 1.06 26.05
N TYR B 374 27.70 0.80 26.37
CA TYR B 374 26.99 -0.27 25.70
C TYR B 374 26.51 0.19 24.32
N PRO B 375 26.39 -0.72 23.37
CA PRO B 375 25.82 -0.34 22.07
C PRO B 375 24.31 -0.13 22.18
N GLU B 376 23.78 0.46 21.12
CA GLU B 376 22.34 0.74 21.03
C GLU B 376 21.57 -0.56 20.89
N ALA B 377 21.77 -1.25 19.77
CA ALA B 377 20.91 -2.36 19.37
C ALA B 377 21.18 -3.61 20.18
N ASP B 378 22.44 -3.87 20.53
CA ASP B 378 22.79 -5.06 21.31
C ASP B 378 22.20 -4.98 22.72
N PHE B 379 22.23 -3.80 23.34
CA PHE B 379 21.71 -3.67 24.69
C PHE B 379 20.20 -3.61 24.74
N ILE B 380 19.55 -3.00 23.73
CA ILE B 380 18.09 -3.13 23.61
C ILE B 380 17.69 -4.59 23.42
N THR B 381 18.48 -5.35 22.64
CA THR B 381 18.22 -6.77 22.45
C THR B 381 18.41 -7.56 23.73
N LEU B 382 19.41 -7.20 24.54
CA LEU B 382 19.62 -7.91 25.81
C LEU B 382 18.50 -7.62 26.80
N VAL B 383 18.14 -6.34 26.97
CA VAL B 383 17.10 -5.97 27.91
C VAL B 383 15.73 -6.50 27.47
N ASN B 384 15.52 -6.63 26.16
CA ASN B 384 14.27 -7.15 25.63
C ASN B 384 14.08 -8.66 25.82
N ASN B 385 14.99 -9.35 26.51
CA ASN B 385 14.78 -10.73 26.93
C ASN B 385 14.71 -10.89 28.44
N MET B 386 14.73 -9.79 29.20
CA MET B 386 14.85 -9.85 30.64
C MET B 386 13.60 -9.29 31.32
N ARG B 387 13.23 -9.89 32.44
CA ARG B 387 12.25 -9.33 33.39
C ARG B 387 12.97 -8.71 34.57
N PHE B 388 12.46 -7.56 35.00
CA PHE B 388 13.07 -6.77 36.06
C PHE B 388 12.08 -6.55 37.19
N LYS B 389 12.54 -6.77 38.42
CA LYS B 389 11.82 -6.35 39.62
C LYS B 389 12.38 -5.00 40.03
N ILE B 390 11.49 -4.04 40.31
CA ILE B 390 11.88 -2.63 40.45
C ILE B 390 11.12 -1.99 41.60
N GLU B 391 11.86 -1.39 42.55
CA GLU B 391 11.37 -0.36 43.48
C GLU B 391 11.92 1.01 43.07
N ASN B 392 11.07 2.06 43.14
CA ASN B 392 11.48 3.48 42.90
C ASN B 392 12.30 3.70 41.64
N CYS B 393 11.88 3.10 40.53
CA CYS B 393 12.57 3.17 39.24
C CYS B 393 14.01 2.67 39.32
N LYS B 394 14.29 1.76 40.26
CA LYS B 394 15.63 1.25 40.50
C LYS B 394 15.57 -0.28 40.45
N VAL B 395 16.56 -0.89 39.81
CA VAL B 395 16.55 -2.33 39.61
C VAL B 395 17.02 -3.01 40.89
N VAL B 396 16.11 -3.64 41.63
CA VAL B 396 16.53 -4.42 42.77
C VAL B 396 16.93 -5.82 42.34
N ASN B 397 16.27 -6.35 41.31
CA ASN B 397 16.51 -7.71 40.85
C ASN B 397 16.33 -7.77 39.34
N PHE B 398 17.25 -8.45 38.67
CA PHE B 398 17.19 -8.63 37.23
C PHE B 398 17.38 -10.11 36.92
N ASN B 399 16.56 -10.63 36.00
CA ASN B 399 16.66 -12.01 35.56
C ASN B 399 16.28 -12.07 34.10
N ILE B 400 16.79 -13.09 33.40
CA ILE B 400 16.55 -13.26 31.98
C ILE B 400 15.70 -14.50 31.76
N GLU B 401 14.77 -14.44 30.81
CA GLU B 401 13.90 -15.55 30.50
C GLU B 401 14.34 -16.34 29.27
N ASN B 402 14.73 -15.64 28.21
CA ASN B 402 15.11 -16.28 26.96
C ASN B 402 16.63 -16.26 26.84
N THR B 403 17.21 -17.44 26.60
CA THR B 403 18.66 -17.58 26.50
C THR B 403 19.14 -17.66 25.06
N ASN B 404 18.28 -17.38 24.08
CA ASN B 404 18.72 -17.36 22.69
C ASN B 404 19.64 -16.18 22.41
N CYS B 405 19.44 -15.06 23.10
CA CYS B 405 20.33 -13.93 22.94
C CYS B 405 21.68 -14.13 23.61
N LEU B 406 21.80 -15.12 24.50
CA LEU B 406 23.10 -15.32 25.14
C LEU B 406 24.08 -16.05 24.23
N ASN B 407 23.60 -16.57 23.09
CA ASN B 407 24.51 -17.06 22.06
C ASN B 407 25.33 -15.93 21.46
N ASN B 408 24.80 -14.71 21.46
CA ASN B 408 25.59 -13.54 21.09
C ASN B 408 26.57 -13.23 22.21
N PRO B 409 27.87 -13.24 21.95
CA PRO B 409 28.86 -13.07 23.03
C PRO B 409 28.95 -11.65 23.54
N SER B 410 28.63 -10.66 22.70
CA SER B 410 28.54 -9.29 23.18
C SER B 410 27.40 -9.13 24.18
N ILE B 411 26.25 -9.72 23.86
CA ILE B 411 25.10 -9.70 24.77
C ILE B 411 25.39 -10.50 26.04
N GLU B 412 26.14 -11.61 25.91
CA GLU B 412 26.53 -12.40 27.07
C GLU B 412 27.50 -11.63 27.98
N THR B 413 28.45 -10.91 27.39
CA THR B 413 29.38 -10.09 28.15
C THR B 413 28.67 -8.94 28.86
N ILE B 414 27.72 -8.30 28.17
CA ILE B 414 26.97 -7.22 28.78
C ILE B 414 26.02 -7.74 29.86
N TYR B 415 25.48 -8.95 29.69
CA TYR B 415 24.81 -9.66 30.78
C TYR B 415 25.74 -9.91 31.96
N GLY B 416 27.01 -10.20 31.69
CA GLY B 416 27.98 -10.35 32.77
C GLY B 416 28.20 -9.05 33.53
N ASN B 417 28.19 -7.93 32.83
CA ASN B 417 28.38 -6.62 33.45
C ASN B 417 27.06 -5.92 33.81
N PHE B 418 25.94 -6.64 33.70
CA PHE B 418 24.64 -6.04 34.02
C PHE B 418 24.50 -5.67 35.49
N ASN B 419 25.26 -6.29 36.40
CA ASN B 419 25.26 -5.85 37.80
C ASN B 419 25.82 -4.44 37.94
N GLN B 420 26.92 -4.16 37.23
CA GLN B 420 27.46 -2.81 37.22
C GLN B 420 26.54 -1.84 36.49
N PHE B 421 25.84 -2.33 35.45
CA PHE B 421 24.84 -1.49 34.80
C PHE B 421 23.71 -1.14 35.75
N VAL B 422 23.27 -2.09 36.58
CA VAL B 422 22.22 -1.85 37.56
C VAL B 422 22.69 -0.86 38.61
N SER B 423 23.96 -0.95 39.03
CA SER B 423 24.51 -0.01 40.00
C SER B 423 24.55 1.41 39.45
N ILE B 424 25.04 1.58 38.22
CA ILE B 424 25.08 2.90 37.60
C ILE B 424 23.67 3.39 37.27
N PHE B 425 22.76 2.47 36.95
CA PHE B 425 21.37 2.85 36.67
C PHE B 425 20.67 3.39 37.91
N ASN B 426 20.88 2.72 39.05
CA ASN B 426 20.32 3.23 40.31
C ASN B 426 20.97 4.54 40.72
N THR B 427 22.26 4.69 40.44
CA THR B 427 22.96 5.95 40.72
C THR B 427 22.40 7.10 39.89
N VAL B 428 22.22 6.89 38.59
CA VAL B 428 21.67 7.92 37.70
C VAL B 428 20.20 8.19 38.02
N THR B 429 19.47 7.15 38.45
CA THR B 429 18.09 7.33 38.90
C THR B 429 18.00 8.22 40.13
N ASP B 430 18.89 7.99 41.11
CA ASP B 430 18.93 8.83 42.30
C ASP B 430 19.35 10.26 41.97
N VAL B 431 20.27 10.40 41.01
CA VAL B 431 20.70 11.73 40.56
C VAL B 431 19.55 12.47 39.89
N LYS B 432 18.80 11.78 39.02
CA LYS B 432 17.67 12.40 38.33
C LYS B 432 16.53 12.73 39.29
N LYS B 433 16.38 11.95 40.37
CA LYS B 433 15.35 12.27 41.35
C LYS B 433 15.78 13.45 42.22
N ARG B 434 17.07 13.53 42.58
CA ARG B 434 17.52 14.60 43.46
C ARG B 434 17.67 15.94 42.74
N LEU B 435 18.07 15.93 41.46
CA LEU B 435 18.00 17.15 40.66
C LEU B 435 16.56 17.59 40.42
N PHE B 436 15.68 16.66 40.09
CA PHE B 436 14.30 17.00 39.75
C PHE B 436 13.31 16.21 40.58
N MET C 1 3.56 16.12 -40.30
CA MET C 1 2.85 17.33 -40.70
C MET C 1 1.84 16.93 -41.77
N ASN C 2 0.66 16.49 -41.34
CA ASN C 2 -0.34 15.93 -42.25
C ASN C 2 -1.65 16.68 -42.10
N SER C 3 -2.52 16.51 -43.08
CA SER C 3 -3.84 17.14 -43.10
C SER C 3 -4.91 16.10 -43.33
N VAL C 4 -6.01 16.18 -42.56
CA VAL C 4 -7.11 15.24 -42.64
C VAL C 4 -8.39 16.02 -42.90
N THR C 5 -9.23 15.50 -43.80
CA THR C 5 -10.42 16.21 -44.25
C THR C 5 -11.52 16.17 -43.20
N ILE C 6 -12.14 17.33 -42.95
CA ILE C 6 -13.30 17.47 -42.07
C ILE C 6 -14.50 17.91 -42.92
N SER C 7 -15.66 17.32 -42.63
CA SER C 7 -16.88 17.63 -43.38
C SER C 7 -17.32 19.08 -43.19
N HIS C 8 -17.04 19.67 -42.04
CA HIS C 8 -17.58 20.97 -41.67
C HIS C 8 -16.60 22.09 -42.03
N ALA C 9 -16.81 23.28 -41.46
CA ALA C 9 -16.09 24.49 -41.84
C ALA C 9 -14.56 24.41 -41.75
N PRO C 10 -13.92 23.82 -40.71
CA PRO C 10 -12.45 23.66 -40.89
C PRO C 10 -12.14 22.44 -41.73
N TYR C 11 -12.29 22.58 -43.06
CA TYR C 11 -12.27 21.45 -43.98
C TYR C 11 -10.92 20.74 -43.98
N THR C 12 -9.83 21.50 -43.96
CA THR C 12 -8.49 20.94 -43.84
C THR C 12 -7.92 21.37 -42.49
N ILE C 13 -7.60 20.39 -41.65
CA ILE C 13 -6.95 20.65 -40.36
C ILE C 13 -5.57 19.99 -40.40
N THR C 14 -4.56 20.75 -40.01
CA THR C 14 -3.18 20.32 -40.17
C THR C 14 -2.64 19.87 -38.83
N TYR C 15 -2.14 18.63 -38.78
CA TYR C 15 -1.63 18.06 -37.54
C TYR C 15 -0.21 17.56 -37.75
N HIS C 16 0.60 17.71 -36.71
CA HIS C 16 1.95 17.18 -36.71
C HIS C 16 1.91 15.66 -36.56
N ASP C 17 3.02 15.01 -36.91
CA ASP C 17 3.12 13.56 -36.85
C ASP C 17 3.00 13.01 -35.42
N ASP C 18 3.27 13.86 -34.42
CA ASP C 18 3.07 13.45 -33.03
C ASP C 18 1.59 13.34 -32.69
N TRP C 19 0.74 14.13 -33.35
CA TRP C 19 -0.70 14.11 -33.09
C TRP C 19 -1.42 12.97 -33.79
N GLU C 20 -0.72 12.25 -34.67
CA GLU C 20 -1.34 11.20 -35.50
C GLU C 20 -2.09 10.09 -34.76
N PRO C 21 -1.67 9.55 -33.59
CA PRO C 21 -2.47 8.48 -32.96
C PRO C 21 -3.89 8.87 -32.52
N VAL C 22 -4.20 10.15 -32.37
CA VAL C 22 -5.52 10.56 -31.90
C VAL C 22 -6.31 11.31 -32.96
N MET C 23 -5.85 11.33 -34.21
CA MET C 23 -6.59 12.08 -35.21
C MET C 23 -7.74 11.29 -35.81
N SER C 24 -7.64 9.97 -35.85
CA SER C 24 -8.73 9.16 -36.38
C SER C 24 -9.96 9.21 -35.48
N GLN C 25 -9.76 9.48 -34.19
CA GLN C 25 -10.85 9.67 -33.24
C GLN C 25 -11.29 11.12 -33.14
N LEU C 26 -10.37 12.07 -33.36
CA LEU C 26 -10.73 13.49 -33.35
C LEU C 26 -11.66 13.84 -34.50
N VAL C 27 -11.42 13.27 -35.68
CA VAL C 27 -12.29 13.52 -36.82
C VAL C 27 -13.67 12.95 -36.58
N GLU C 28 -13.73 11.77 -35.94
CA GLU C 28 -14.99 11.13 -35.59
C GLU C 28 -15.77 11.96 -34.58
N PHE C 29 -15.10 12.54 -33.60
CA PHE C 29 -15.79 13.39 -32.63
C PHE C 29 -16.18 14.73 -33.23
N TYR C 30 -15.32 15.31 -34.05
CA TYR C 30 -15.58 16.65 -34.58
C TYR C 30 -16.67 16.63 -35.64
N ASN C 31 -16.79 15.53 -36.40
CA ASN C 31 -17.85 15.44 -37.39
C ASN C 31 -19.23 15.31 -36.77
N GLU C 32 -19.31 14.91 -35.49
CA GLU C 32 -20.61 14.92 -34.83
C GLU C 32 -20.83 16.18 -34.01
N VAL C 33 -19.78 16.83 -33.50
CA VAL C 33 -20.02 18.04 -32.70
C VAL C 33 -20.03 19.34 -33.52
N ALA C 34 -19.47 19.34 -34.72
CA ALA C 34 -19.26 20.60 -35.43
C ALA C 34 -20.55 21.16 -36.04
N SER C 35 -21.48 20.28 -36.45
CA SER C 35 -22.73 20.73 -37.07
C SER C 35 -23.58 21.54 -36.10
N TRP C 36 -23.44 21.31 -34.80
CA TRP C 36 -24.06 22.14 -33.79
C TRP C 36 -23.10 23.17 -33.19
N LEU C 37 -21.79 22.96 -33.33
CA LEU C 37 -20.82 23.92 -32.82
C LEU C 37 -20.81 25.21 -33.63
N LEU C 38 -20.83 25.09 -34.95
CA LEU C 38 -20.58 26.25 -35.81
C LEU C 38 -21.82 27.12 -36.03
N ARG C 39 -22.95 26.77 -35.41
CA ARG C 39 -24.10 27.66 -35.45
C ARG C 39 -23.82 28.94 -34.65
N ASP C 40 -23.23 28.79 -33.46
CA ASP C 40 -22.84 29.94 -32.67
C ASP C 40 -21.57 30.55 -33.21
N GLU C 41 -21.47 31.88 -33.11
CA GLU C 41 -20.27 32.57 -33.54
C GLU C 41 -19.13 32.30 -32.56
N THR C 42 -18.09 31.64 -33.03
CA THR C 42 -17.01 31.18 -32.18
C THR C 42 -15.94 32.26 -32.03
N SER C 43 -15.40 32.38 -30.83
CA SER C 43 -14.39 33.39 -30.52
C SER C 43 -13.08 33.19 -31.27
N PRO C 44 -12.53 31.97 -31.42
CA PRO C 44 -11.56 31.80 -32.52
C PRO C 44 -12.29 31.43 -33.80
N ILE C 45 -11.68 31.80 -34.92
CA ILE C 45 -12.18 31.38 -36.22
C ILE C 45 -12.06 29.86 -36.33
N PRO C 46 -13.05 29.17 -36.89
CA PRO C 46 -12.93 27.70 -37.06
C PRO C 46 -11.76 27.28 -37.93
N ASP C 47 -11.29 28.15 -38.85
CA ASP C 47 -10.08 27.85 -39.61
C ASP C 47 -8.84 27.77 -38.73
N LYS C 48 -8.85 28.42 -37.56
CA LYS C 48 -7.73 28.37 -36.63
C LYS C 48 -8.11 27.74 -35.29
N PHE C 49 -9.07 26.80 -35.30
CA PHE C 49 -9.32 25.98 -34.11
C PHE C 49 -8.13 25.10 -33.80
N PHE C 50 -7.50 24.54 -34.83
CA PHE C 50 -6.50 23.49 -34.70
C PHE C 50 -5.13 23.96 -35.19
N ILE C 51 -4.76 25.19 -34.85
CA ILE C 51 -3.42 25.67 -35.21
C ILE C 51 -2.38 25.26 -34.19
N GLN C 52 -2.80 24.77 -33.03
CA GLN C 52 -1.88 24.10 -32.13
C GLN C 52 -1.87 22.59 -32.33
N LEU C 53 -2.63 22.11 -33.32
CA LEU C 53 -2.39 20.77 -33.84
C LEU C 53 -1.14 20.73 -34.70
N LYS C 54 -0.70 21.89 -35.21
CA LYS C 54 0.53 21.96 -36.00
C LYS C 54 1.78 21.83 -35.14
N GLN C 55 1.69 22.11 -33.84
CA GLN C 55 2.85 22.07 -32.97
C GLN C 55 3.26 20.63 -32.69
N PRO C 56 4.55 20.32 -32.73
CA PRO C 56 5.00 18.98 -32.35
C PRO C 56 4.91 18.78 -30.86
N LEU C 57 4.86 17.52 -30.45
CA LEU C 57 4.74 17.18 -29.04
C LEU C 57 5.99 16.53 -28.46
N ARG C 58 6.97 16.18 -29.30
CA ARG C 58 8.19 15.56 -28.79
C ARG C 58 9.08 16.59 -28.09
N ASN C 59 9.23 17.78 -28.69
CA ASN C 59 10.05 18.81 -28.07
C ASN C 59 9.37 19.46 -26.88
N LYS C 60 8.03 19.43 -26.83
CA LYS C 60 7.32 19.99 -25.70
C LYS C 60 7.42 19.06 -24.49
N ARG C 61 7.85 19.62 -23.37
CA ARG C 61 7.84 18.92 -22.09
C ARG C 61 6.87 19.55 -21.11
N VAL C 62 6.34 20.73 -21.40
CA VAL C 62 5.40 21.43 -20.53
C VAL C 62 4.15 21.75 -21.33
N CYS C 63 3.00 21.36 -20.81
CA CYS C 63 1.71 21.80 -21.35
C CYS C 63 1.12 22.83 -20.41
N VAL C 64 0.90 24.03 -20.94
CA VAL C 64 0.17 25.06 -20.22
C VAL C 64 -1.26 25.06 -20.75
N CYS C 65 -2.22 24.78 -19.88
CA CYS C 65 -3.58 24.51 -20.30
C CYS C 65 -4.53 25.54 -19.70
N GLY C 66 -5.21 26.29 -20.58
CA GLY C 66 -6.39 27.04 -20.20
C GLY C 66 -7.63 26.23 -20.57
N ILE C 67 -8.76 26.63 -20.03
CA ILE C 67 -9.97 25.84 -20.26
C ILE C 67 -10.62 26.17 -21.60
N ASP C 68 -10.41 27.38 -22.12
CA ASP C 68 -11.05 27.81 -23.37
C ASP C 68 -10.29 29.05 -23.86
N PRO C 69 -10.54 29.48 -25.11
CA PRO C 69 -10.03 30.79 -25.53
C PRO C 69 -10.68 31.96 -24.80
N TYR C 70 -10.22 33.16 -25.11
CA TYR C 70 -10.84 34.37 -24.60
C TYR C 70 -12.25 34.49 -25.19
N PRO C 71 -13.19 35.07 -24.44
CA PRO C 71 -14.55 35.26 -24.97
C PRO C 71 -14.63 36.13 -26.21
N LYS C 72 -13.72 37.10 -26.35
CA LYS C 72 -13.62 37.91 -27.56
C LYS C 72 -12.19 37.87 -28.06
N ASP C 73 -12.04 38.07 -29.38
CA ASP C 73 -10.75 38.23 -30.07
C ASP C 73 -9.83 37.01 -29.88
N GLY C 74 -10.41 35.82 -29.92
CA GLY C 74 -9.61 34.62 -29.83
C GLY C 74 -8.84 34.39 -31.12
N THR C 75 -7.52 34.23 -31.01
CA THR C 75 -6.66 34.06 -32.17
C THR C 75 -6.38 32.59 -32.48
N GLY C 76 -6.96 31.67 -31.72
CA GLY C 76 -6.68 30.26 -31.89
C GLY C 76 -5.46 29.75 -31.16
N VAL C 77 -4.47 30.60 -30.92
CA VAL C 77 -3.34 30.28 -30.06
C VAL C 77 -3.72 30.68 -28.64
N PRO C 78 -3.63 29.76 -27.68
CA PRO C 78 -3.95 30.12 -26.28
C PRO C 78 -2.95 31.11 -25.71
N PHE C 79 -3.49 32.10 -24.99
CA PHE C 79 -2.73 33.19 -24.36
C PHE C 79 -1.87 33.94 -25.38
N GLU C 80 -2.46 34.27 -26.52
CA GLU C 80 -1.87 35.22 -27.46
C GLU C 80 -2.90 36.29 -27.77
N SER C 81 -2.53 37.54 -27.56
CA SER C 81 -3.27 38.67 -28.08
C SER C 81 -2.27 39.68 -28.63
N PRO C 82 -2.25 39.91 -29.94
CA PRO C 82 -1.31 40.89 -30.52
C PRO C 82 -1.56 42.32 -30.05
N ASN C 83 -2.80 42.65 -29.70
CA ASN C 83 -3.08 43.94 -29.10
C ASN C 83 -2.69 43.99 -27.62
N PHE C 84 -2.48 42.82 -27.01
CA PHE C 84 -2.11 42.66 -25.59
C PHE C 84 -3.12 43.31 -24.66
N THR C 85 -4.40 43.25 -25.04
CA THR C 85 -5.47 43.80 -24.23
C THR C 85 -5.97 42.81 -23.19
N LYS C 86 -5.79 41.52 -23.43
CA LYS C 86 -6.33 40.48 -22.57
C LYS C 86 -5.60 40.46 -21.22
N LYS C 87 -6.39 40.43 -20.14
CA LYS C 87 -5.83 40.49 -18.79
C LYS C 87 -5.10 39.21 -18.41
N SER C 88 -5.46 38.08 -19.01
CA SER C 88 -4.84 36.81 -18.65
C SER C 88 -3.38 36.76 -19.10
N ILE C 89 -3.13 37.13 -20.36
CA ILE C 89 -1.75 37.17 -20.83
C ILE C 89 -0.98 38.33 -20.19
N LYS C 90 -1.68 39.39 -19.77
CA LYS C 90 -1.04 40.47 -19.04
C LYS C 90 -0.53 40.01 -17.67
N GLU C 91 -1.34 39.23 -16.95
CA GLU C 91 -0.90 38.72 -15.65
C GLU C 91 0.11 37.60 -15.80
N ILE C 92 0.04 36.82 -16.89
CA ILE C 92 1.09 35.84 -17.20
C ILE C 92 2.42 36.55 -17.43
N ALA C 93 2.39 37.64 -18.20
CA ALA C 93 3.59 38.43 -18.44
C ALA C 93 4.09 39.10 -17.18
N SER C 94 3.20 39.50 -16.27
CA SER C 94 3.62 40.07 -14.99
C SER C 94 4.32 39.02 -14.12
N SER C 95 3.77 37.81 -14.07
CA SER C 95 4.39 36.73 -13.29
C SER C 95 5.75 36.35 -13.87
N ILE C 96 5.85 36.28 -15.19
CA ILE C 96 7.13 35.96 -15.83
C ILE C 96 8.10 37.15 -15.69
N SER C 97 7.56 38.38 -15.60
CA SER C 97 8.40 39.55 -15.36
C SER C 97 9.09 39.47 -14.00
N ARG C 98 8.34 39.04 -12.99
CA ARG C 98 8.95 38.83 -11.67
C ARG C 98 9.90 37.64 -11.68
N LEU C 99 9.55 36.57 -12.40
CA LEU C 99 10.43 35.42 -12.62
C LEU C 99 11.76 35.80 -13.25
N THR C 100 11.74 36.23 -14.51
CA THR C 100 12.91 36.39 -15.33
C THR C 100 13.58 37.74 -15.15
N GLY C 101 13.00 38.63 -14.34
CA GLY C 101 13.54 39.95 -14.16
C GLY C 101 13.49 40.81 -15.40
N VAL C 102 12.50 40.59 -16.26
CA VAL C 102 12.36 41.33 -17.51
C VAL C 102 11.20 42.29 -17.35
N ILE C 103 11.49 43.59 -17.34
CA ILE C 103 10.47 44.60 -17.13
C ILE C 103 10.00 45.21 -18.45
N ASP C 104 10.83 45.18 -19.49
CA ASP C 104 10.53 45.82 -20.77
C ASP C 104 10.07 44.78 -21.77
N TYR C 105 8.80 44.88 -22.18
CA TYR C 105 8.23 44.00 -23.18
C TYR C 105 6.97 44.63 -23.75
N LYS C 106 6.57 44.16 -24.92
CA LYS C 106 5.39 44.66 -25.61
C LYS C 106 4.29 43.62 -25.68
N GLY C 107 4.63 42.36 -25.48
CA GLY C 107 3.65 41.30 -25.38
C GLY C 107 4.32 40.03 -24.88
N TYR C 108 3.49 39.05 -24.57
CA TYR C 108 3.97 37.74 -24.16
C TYR C 108 3.26 36.68 -24.98
N ASN C 109 4.01 35.64 -25.37
CA ASN C 109 3.52 34.61 -26.27
C ASN C 109 4.07 33.28 -25.83
N LEU C 110 3.19 32.36 -25.45
CA LEU C 110 3.67 31.07 -24.96
C LEU C 110 3.94 30.08 -26.08
N ASN C 111 3.51 30.38 -27.30
CA ASN C 111 3.71 29.49 -28.43
C ASN C 111 5.15 29.52 -28.92
N ILE C 112 5.84 30.65 -28.76
CA ILE C 112 7.22 30.77 -29.21
C ILE C 112 8.21 30.21 -28.19
N ILE C 113 7.74 29.79 -27.03
CA ILE C 113 8.59 29.18 -26.02
C ILE C 113 8.90 27.75 -26.42
N ASP C 114 10.19 27.40 -26.42
CA ASP C 114 10.59 26.02 -26.63
C ASP C 114 10.23 25.18 -25.41
N GLY C 115 9.58 24.05 -25.65
CA GLY C 115 9.21 23.13 -24.59
C GLY C 115 7.87 23.39 -23.94
N VAL C 116 7.23 24.51 -24.26
CA VAL C 116 5.91 24.85 -23.73
C VAL C 116 4.93 24.89 -24.89
N ILE C 117 3.88 24.09 -24.81
CA ILE C 117 2.76 24.18 -25.73
C ILE C 117 1.60 24.85 -25.00
N PRO C 118 1.20 26.06 -25.38
CA PRO C 118 0.00 26.65 -24.79
C PRO C 118 -1.23 25.94 -25.28
N TRP C 119 -2.06 25.49 -24.37
CA TRP C 119 -3.23 24.70 -24.72
C TRP C 119 -4.50 25.34 -24.18
N ASN C 120 -5.54 25.28 -24.98
CA ASN C 120 -6.90 25.52 -24.53
C ASN C 120 -7.58 24.17 -24.47
N TYR C 121 -8.18 23.85 -23.34
CA TYR C 121 -8.85 22.57 -23.17
C TYR C 121 -10.03 22.49 -24.14
N TYR C 122 -11.03 23.31 -23.94
CA TYR C 122 -12.08 23.48 -24.94
C TYR C 122 -11.51 24.40 -26.01
N LEU C 123 -11.56 23.96 -27.26
CA LEU C 123 -10.85 24.66 -28.32
C LEU C 123 -11.58 25.89 -28.82
N SER C 124 -12.79 26.15 -28.35
CA SER C 124 -13.55 27.31 -28.79
C SER C 124 -14.56 27.70 -27.72
N CYS C 125 -15.11 28.90 -27.88
CA CYS C 125 -16.19 29.39 -27.04
C CYS C 125 -16.96 30.44 -27.84
N LYS C 126 -18.18 30.72 -27.37
CA LYS C 126 -19.01 31.72 -28.02
C LYS C 126 -18.48 33.12 -27.75
N LEU C 127 -18.94 34.08 -28.55
CA LEU C 127 -18.58 35.48 -28.37
C LEU C 127 -19.15 36.00 -27.06
N GLY C 128 -18.27 36.47 -26.17
CA GLY C 128 -18.69 37.00 -24.90
C GLY C 128 -19.11 35.96 -23.87
N GLU C 129 -18.81 34.69 -24.11
CA GLU C 129 -19.22 33.62 -23.22
C GLU C 129 -18.02 32.75 -22.87
N THR C 130 -18.00 32.27 -21.63
CA THR C 130 -16.93 31.43 -21.10
C THR C 130 -17.47 30.03 -20.88
N LYS C 131 -16.74 29.02 -21.38
CA LYS C 131 -17.09 27.59 -21.30
C LYS C 131 -18.43 27.30 -21.96
N SER C 132 -18.79 28.06 -23.00
CA SER C 132 -20.06 27.86 -23.67
C SER C 132 -20.04 26.63 -24.56
N HIS C 133 -18.89 26.37 -25.21
CA HIS C 133 -18.74 25.19 -26.06
C HIS C 133 -18.14 24.00 -25.31
N ALA C 134 -18.40 23.95 -23.99
CA ALA C 134 -17.94 22.85 -23.15
C ALA C 134 -18.51 21.52 -23.60
N ILE C 135 -19.81 21.49 -23.86
CA ILE C 135 -20.48 20.25 -24.23
C ILE C 135 -20.03 19.77 -25.60
N TYR C 136 -19.67 20.69 -26.49
CA TYR C 136 -19.16 20.30 -27.80
C TYR C 136 -17.73 19.76 -27.69
N TRP C 137 -16.90 20.38 -26.85
CA TRP C 137 -15.49 20.05 -26.83
C TRP C 137 -15.09 19.09 -25.72
N ASP C 138 -16.04 18.50 -24.97
CA ASP C 138 -15.68 17.56 -23.90
C ASP C 138 -14.86 16.37 -24.40
N LYS C 139 -15.34 15.67 -25.43
CA LYS C 139 -14.66 14.46 -25.89
C LYS C 139 -13.36 14.79 -26.61
N ILE C 140 -13.35 15.83 -27.43
CA ILE C 140 -12.15 16.25 -28.15
C ILE C 140 -11.10 16.77 -27.17
N SER C 141 -11.53 17.54 -26.17
CA SER C 141 -10.63 18.07 -25.15
C SER C 141 -10.02 16.97 -24.31
N LYS C 142 -10.83 15.98 -23.92
CA LYS C 142 -10.31 14.82 -23.20
C LYS C 142 -9.27 14.10 -24.04
N LEU C 143 -9.60 13.76 -25.30
CA LEU C 143 -8.71 12.99 -26.17
C LEU C 143 -7.40 13.73 -26.44
N LEU C 144 -7.49 15.03 -26.70
CA LEU C 144 -6.30 15.81 -27.02
C LEU C 144 -5.41 16.00 -25.79
N LEU C 145 -6.00 16.17 -24.60
CA LEU C 145 -5.15 16.30 -23.43
C LEU C 145 -4.57 14.95 -22.98
N GLN C 146 -5.32 13.84 -23.18
CA GLN C 146 -4.77 12.50 -23.10
C GLN C 146 -3.52 12.37 -23.95
N HIS C 147 -3.59 12.87 -25.18
CA HIS C 147 -2.47 12.75 -26.10
C HIS C 147 -1.30 13.64 -25.70
N ILE C 148 -1.59 14.86 -25.23
CA ILE C 148 -0.52 15.79 -24.87
C ILE C 148 0.23 15.29 -23.64
N THR C 149 -0.49 14.85 -22.61
CA THR C 149 0.14 14.44 -21.37
C THR C 149 0.90 13.13 -21.48
N LYS C 150 0.75 12.39 -22.59
CA LYS C 150 1.65 11.28 -22.87
C LYS C 150 3.04 11.76 -23.24
N HIS C 151 3.14 12.92 -23.90
CA HIS C 151 4.40 13.43 -24.41
C HIS C 151 5.05 14.45 -23.49
N VAL C 152 4.27 15.42 -22.98
CA VAL C 152 4.83 16.42 -22.08
C VAL C 152 5.05 15.80 -20.72
N SER C 153 5.98 16.38 -19.96
CA SER C 153 6.31 15.90 -18.63
C SER C 153 5.45 16.58 -17.57
N VAL C 154 5.20 17.87 -17.71
CA VAL C 154 4.51 18.67 -16.70
C VAL C 154 3.30 19.34 -17.36
N LEU C 155 2.14 19.17 -16.76
CA LEU C 155 0.94 19.87 -17.21
C LEU C 155 0.63 20.99 -16.22
N TYR C 156 0.52 22.22 -16.71
CA TYR C 156 0.13 23.36 -15.90
C TYR C 156 -1.25 23.81 -16.33
N CYS C 157 -2.16 23.90 -15.36
CA CYS C 157 -3.56 24.19 -15.62
C CYS C 157 -3.92 25.56 -15.09
N LEU C 158 -4.51 26.39 -15.94
CA LEU C 158 -4.86 27.76 -15.58
C LEU C 158 -6.35 27.85 -15.23
N GLY C 159 -6.70 27.17 -14.16
CA GLY C 159 -8.01 27.31 -13.57
C GLY C 159 -8.12 26.44 -12.34
N LYS C 160 -8.58 27.01 -11.23
CA LYS C 160 -8.78 26.20 -10.03
C LYS C 160 -10.13 25.50 -10.07
N THR C 161 -11.18 26.23 -10.43
CA THR C 161 -12.49 25.63 -10.60
C THR C 161 -12.59 24.87 -11.93
N ASP C 162 -11.96 25.40 -12.97
CA ASP C 162 -12.09 24.84 -14.31
C ASP C 162 -11.34 23.53 -14.46
N PHE C 163 -10.23 23.36 -13.75
CA PHE C 163 -9.40 22.16 -13.84
C PHE C 163 -9.40 21.36 -12.54
N SER C 164 -10.52 21.39 -11.83
CA SER C 164 -10.64 20.53 -10.66
C SER C 164 -10.90 19.08 -11.06
N ASN C 165 -11.47 18.85 -12.24
CA ASN C 165 -11.75 17.52 -12.76
C ASN C 165 -10.59 16.93 -13.53
N ILE C 166 -9.43 17.61 -13.58
CA ILE C 166 -8.41 17.29 -14.57
C ILE C 166 -7.69 15.97 -14.28
N ARG C 167 -7.79 15.46 -13.06
CA ARG C 167 -7.25 14.15 -12.74
C ARG C 167 -8.20 13.03 -13.13
N ALA C 168 -9.45 13.38 -13.48
CA ALA C 168 -10.41 12.46 -14.09
C ALA C 168 -10.47 12.60 -15.60
N LYS C 169 -10.31 13.82 -16.11
CA LYS C 169 -10.23 14.05 -17.53
C LYS C 169 -9.00 13.41 -18.14
N LEU C 170 -7.93 13.31 -17.36
CA LEU C 170 -6.77 12.51 -17.70
C LEU C 170 -6.82 11.20 -16.94
N GLU C 171 -6.22 10.18 -17.52
CA GLU C 171 -6.09 8.90 -16.83
C GLU C 171 -4.67 8.37 -16.80
N SER C 172 -3.81 8.83 -17.71
CA SER C 172 -2.37 8.56 -17.61
C SER C 172 -1.74 9.54 -16.61
N PRO C 173 -0.89 9.05 -15.70
CA PRO C 173 -0.22 9.95 -14.76
C PRO C 173 0.67 10.98 -15.47
N VAL C 174 0.44 12.25 -15.15
CA VAL C 174 1.30 13.33 -15.62
C VAL C 174 1.47 14.30 -14.45
N THR C 175 2.54 15.07 -14.47
CA THR C 175 2.76 16.10 -13.46
C THR C 175 1.77 17.22 -13.69
N THR C 176 0.73 17.28 -12.87
CA THR C 176 -0.37 18.21 -13.05
C THR C 176 -0.28 19.32 -12.01
N ILE C 177 -0.23 20.55 -12.49
CA ILE C 177 -0.21 21.74 -11.63
C ILE C 177 -1.50 22.50 -11.91
N VAL C 178 -2.49 22.32 -11.04
CA VAL C 178 -3.76 23.03 -11.20
C VAL C 178 -3.61 24.41 -10.56
N GLY C 179 -3.22 25.40 -11.35
CA GLY C 179 -2.95 26.72 -10.84
C GLY C 179 -4.15 27.64 -10.94
N TYR C 180 -4.05 28.76 -10.23
CA TYR C 180 -5.06 29.81 -10.34
C TYR C 180 -5.01 30.46 -11.71
N HIS C 181 -6.16 30.84 -12.22
CA HIS C 181 -6.21 31.54 -13.49
C HIS C 181 -5.70 32.98 -13.29
N PRO C 182 -5.06 33.55 -14.32
CA PRO C 182 -4.64 34.96 -14.23
C PRO C 182 -5.76 35.95 -14.06
N ALA C 183 -6.94 35.67 -14.63
CA ALA C 183 -8.06 36.59 -14.47
C ALA C 183 -8.83 36.35 -13.18
N ALA C 184 -8.40 35.40 -12.35
CA ALA C 184 -9.07 35.15 -11.08
C ALA C 184 -8.88 36.33 -10.14
N ARG C 185 -9.92 36.61 -9.35
CA ARG C 185 -9.92 37.72 -8.42
C ARG C 185 -9.09 37.36 -7.18
N ASP C 186 -8.96 38.32 -6.27
CA ASP C 186 -7.96 38.41 -5.19
C ASP C 186 -6.51 38.48 -5.62
N HIS C 187 -6.18 38.52 -6.91
CA HIS C 187 -4.80 38.49 -7.41
C HIS C 187 -4.05 37.25 -6.91
N GLN C 188 -4.77 36.12 -6.90
CA GLN C 188 -4.17 34.85 -6.48
C GLN C 188 -3.09 34.40 -7.46
N PHE C 189 -3.25 34.77 -8.74
CA PHE C 189 -2.23 34.45 -9.73
C PHE C 189 -1.01 35.34 -9.58
N GLU C 190 -1.19 36.54 -9.03
CA GLU C 190 -0.04 37.35 -8.66
C GLU C 190 0.69 36.69 -7.50
N LYS C 191 -0.08 36.11 -6.57
CA LYS C 191 0.47 35.57 -5.34
C LYS C 191 1.28 34.30 -5.57
N ASP C 192 0.85 33.43 -6.49
CA ASP C 192 1.51 32.14 -6.61
C ASP C 192 2.75 32.23 -7.49
N ARG C 193 3.71 31.33 -7.24
CA ARG C 193 4.95 31.34 -8.01
C ARG C 193 5.09 30.02 -8.75
N SER C 194 4.04 29.68 -9.51
CA SER C 194 3.88 28.40 -10.19
C SER C 194 4.89 28.17 -11.31
N PHE C 195 5.38 29.23 -11.94
CA PHE C 195 6.26 29.04 -13.08
C PHE C 195 7.64 28.57 -12.66
N GLU C 196 8.06 28.90 -11.42
CA GLU C 196 9.22 28.24 -10.83
C GLU C 196 8.94 26.78 -10.51
N ILE C 197 7.71 26.48 -10.10
CA ILE C 197 7.31 25.12 -9.75
C ILE C 197 7.34 24.22 -10.98
N ILE C 198 7.00 24.78 -12.14
CA ILE C 198 7.12 24.07 -13.42
C ILE C 198 8.57 23.67 -13.66
N ASN C 199 9.50 24.61 -13.46
CA ASN C 199 10.92 24.34 -13.70
C ASN C 199 11.50 23.36 -12.70
N VAL C 200 11.07 23.45 -11.43
CA VAL C 200 11.57 22.53 -10.41
C VAL C 200 11.04 21.12 -10.67
N LEU C 201 9.78 21.00 -11.09
CA LEU C 201 9.22 19.69 -11.40
C LEU C 201 9.81 19.11 -12.68
N LEU C 202 10.25 19.96 -13.60
CA LEU C 202 11.03 19.46 -14.74
C LEU C 202 12.41 18.99 -14.30
N GLU C 203 13.04 19.72 -13.37
CA GLU C 203 14.34 19.31 -12.85
C GLU C 203 14.25 18.02 -12.05
N LEU C 204 13.09 17.73 -11.46
CA LEU C 204 12.86 16.45 -10.82
C LEU C 204 12.76 15.31 -11.83
N ASP C 205 12.24 15.60 -13.02
CA ASP C 205 12.11 14.62 -14.08
C ASP C 205 13.32 14.58 -15.00
N ASN C 206 14.40 15.28 -14.62
CA ASN C 206 15.63 15.42 -15.41
C ASN C 206 15.36 15.96 -16.81
N LYS C 207 14.45 16.93 -16.90
CA LYS C 207 14.14 17.62 -18.13
C LYS C 207 14.77 19.01 -18.12
N THR C 208 14.88 19.60 -19.29
CA THR C 208 15.43 20.94 -19.40
C THR C 208 14.44 21.94 -18.83
N PRO C 209 14.85 22.81 -17.90
CA PRO C 209 13.94 23.84 -17.39
C PRO C 209 13.54 24.83 -18.47
N ILE C 210 12.32 25.33 -18.36
CA ILE C 210 11.80 26.27 -19.34
C ILE C 210 12.42 27.64 -19.09
N ASN C 211 13.10 28.19 -20.10
CA ASN C 211 13.52 29.59 -20.05
C ASN C 211 12.30 30.42 -20.42
N TRP C 212 11.64 30.97 -19.42
CA TRP C 212 10.39 31.69 -19.62
C TRP C 212 10.59 33.08 -20.22
N ALA C 213 11.82 33.55 -20.35
CA ALA C 213 12.11 34.81 -21.02
C ALA C 213 11.95 34.72 -22.53
N GLN C 214 11.82 33.51 -23.09
CA GLN C 214 11.57 33.34 -24.51
C GLN C 214 10.19 33.84 -24.93
N GLY C 215 9.24 33.92 -23.99
CA GLY C 215 7.89 34.29 -24.34
C GLY C 215 7.67 35.76 -24.60
N PHE C 216 8.61 36.61 -24.17
CA PHE C 216 8.42 38.05 -24.29
C PHE C 216 8.54 38.50 -25.74
N ILE C 217 7.67 39.42 -26.13
CA ILE C 217 7.70 40.02 -27.45
C ILE C 217 8.26 41.43 -27.32
N TYR C 218 9.43 41.65 -27.92
CA TYR C 218 10.13 42.92 -27.78
C TYR C 218 9.91 43.81 -29.00
N ARG D 136 55.94 -18.79 3.55
CA ARG D 136 54.90 -19.00 4.55
C ARG D 136 54.47 -17.68 5.16
N SER D 137 55.40 -16.73 5.23
CA SER D 137 55.16 -15.41 5.80
C SER D 137 55.38 -14.35 4.74
N ASP D 138 54.42 -13.42 4.63
CA ASP D 138 54.49 -12.24 3.76
C ASP D 138 54.64 -12.63 2.28
N LEU D 139 53.77 -13.53 1.83
CA LEU D 139 53.71 -13.85 0.41
C LEU D 139 52.91 -12.80 -0.34
N SER D 140 53.38 -12.45 -1.54
CA SER D 140 52.82 -11.31 -2.26
C SER D 140 51.46 -11.62 -2.87
N ASP D 141 51.39 -12.65 -3.71
CA ASP D 141 50.13 -13.05 -4.31
C ASP D 141 49.80 -14.48 -3.93
N LEU D 142 48.49 -14.79 -3.88
CA LEU D 142 48.03 -16.12 -3.56
C LEU D 142 48.20 -17.11 -4.72
N LYS D 143 48.55 -16.63 -5.92
CA LYS D 143 48.53 -17.48 -7.10
C LYS D 143 49.61 -18.56 -7.06
N VAL D 144 50.84 -18.23 -6.63
CA VAL D 144 51.83 -19.28 -6.41
C VAL D 144 51.47 -20.14 -5.20
N ALA D 145 50.85 -19.54 -4.18
CA ALA D 145 50.46 -20.32 -2.99
C ALA D 145 49.34 -21.30 -3.32
N THR D 146 48.30 -20.83 -4.02
CA THR D 146 47.22 -21.71 -4.42
C THR D 146 47.67 -22.69 -5.51
N ASP D 147 48.61 -22.29 -6.36
CA ASP D 147 49.15 -23.23 -7.35
C ASP D 147 49.93 -24.35 -6.67
N ASN D 148 50.68 -24.02 -5.61
CA ASN D 148 51.34 -25.05 -4.81
C ASN D 148 50.31 -25.94 -4.10
N ILE D 149 49.23 -25.32 -3.61
CA ILE D 149 48.13 -26.08 -2.99
C ILE D 149 47.51 -27.06 -3.97
N VAL D 150 47.22 -26.57 -5.18
CA VAL D 150 46.57 -27.39 -6.21
C VAL D 150 47.50 -28.49 -6.68
N LYS D 151 48.79 -28.19 -6.86
CA LYS D 151 49.75 -29.21 -7.31
C LYS D 151 49.96 -30.30 -6.27
N ASP D 152 50.10 -29.91 -4.99
CA ASP D 152 50.18 -30.90 -3.92
C ASP D 152 48.90 -31.70 -3.81
N LEU D 153 47.75 -31.07 -4.06
CA LEU D 153 46.51 -31.82 -4.02
C LEU D 153 46.33 -32.72 -5.25
N LYS D 154 46.91 -32.36 -6.40
CA LYS D 154 46.98 -33.30 -7.53
C LYS D 154 47.79 -34.52 -7.15
N LYS D 155 48.88 -34.31 -6.42
CA LYS D 155 49.67 -35.43 -5.89
C LYS D 155 48.85 -36.28 -4.93
N ILE D 156 48.01 -35.64 -4.11
CA ILE D 156 47.18 -36.41 -3.18
C ILE D 156 46.08 -37.19 -3.92
N ILE D 157 45.45 -36.60 -4.95
CA ILE D 157 44.48 -37.31 -5.78
C ILE D 157 45.15 -38.49 -6.50
N THR D 158 46.36 -38.29 -7.01
CA THR D 158 47.10 -39.35 -7.67
C THR D 158 47.42 -40.49 -6.69
N ARG D 159 47.77 -40.13 -5.45
CA ARG D 159 48.12 -41.15 -4.47
C ARG D 159 46.88 -41.86 -3.93
N ILE D 160 45.74 -41.17 -3.85
CA ILE D 160 44.48 -41.82 -3.44
C ILE D 160 43.98 -42.75 -4.52
N SER D 161 44.07 -42.34 -5.79
CA SER D 161 43.73 -43.24 -6.89
C SER D 161 44.70 -44.41 -6.97
N ALA D 162 45.97 -44.18 -6.63
CA ALA D 162 46.97 -45.24 -6.60
C ALA D 162 46.67 -46.27 -5.53
N VAL D 163 46.35 -45.81 -4.31
CA VAL D 163 46.05 -46.74 -3.22
C VAL D 163 44.73 -47.45 -3.48
N SER D 164 43.78 -46.79 -4.16
CA SER D 164 42.54 -47.46 -4.55
C SER D 164 42.78 -48.54 -5.59
N THR D 165 43.60 -48.25 -6.61
CA THR D 165 43.80 -49.23 -7.67
C THR D 165 44.80 -50.31 -7.30
N VAL D 166 45.56 -50.17 -6.21
CA VAL D 166 46.28 -51.32 -5.68
C VAL D 166 45.41 -52.08 -4.67
N LEU D 167 44.43 -51.41 -4.06
CA LEU D 167 43.43 -52.12 -3.26
C LEU D 167 42.57 -53.02 -4.14
N GLU D 168 42.29 -52.59 -5.37
CA GLU D 168 41.61 -53.46 -6.34
C GLU D 168 42.42 -54.70 -6.64
N ASP D 169 43.75 -54.56 -6.75
CA ASP D 169 44.61 -55.70 -7.05
C ASP D 169 44.69 -56.65 -5.85
N VAL D 170 44.80 -56.12 -4.64
CA VAL D 170 44.87 -57.02 -3.48
C VAL D 170 43.51 -57.62 -3.13
N GLN D 171 42.40 -57.02 -3.58
CA GLN D 171 41.12 -57.68 -3.47
C GLN D 171 40.92 -58.75 -4.55
N ALA D 172 41.46 -58.51 -5.75
CA ALA D 172 41.42 -59.52 -6.80
C ALA D 172 42.40 -60.66 -6.56
N ALA D 173 43.37 -60.47 -5.66
CA ALA D 173 44.29 -61.55 -5.32
C ALA D 173 43.60 -62.65 -4.53
N GLY D 174 42.59 -62.30 -3.74
CA GLY D 174 41.85 -63.28 -2.97
C GLY D 174 42.32 -63.48 -1.54
N ILE D 175 43.17 -62.61 -1.02
CA ILE D 175 43.62 -62.74 0.36
C ILE D 175 42.50 -62.27 1.29
N SER D 176 42.35 -62.97 2.41
CA SER D 176 41.31 -62.62 3.38
C SER D 176 41.76 -61.41 4.20
N ARG D 177 40.94 -60.37 4.22
CA ARG D 177 41.26 -59.12 4.89
C ARG D 177 40.09 -58.66 5.76
N GLN D 178 40.42 -57.93 6.81
CA GLN D 178 39.43 -57.31 7.70
C GLN D 178 39.72 -55.81 7.73
N PHE D 179 38.80 -55.03 7.18
CA PHE D 179 39.03 -53.61 6.93
C PHE D 179 38.03 -52.72 7.66
N THR D 180 37.75 -53.04 8.93
CA THR D 180 36.90 -52.15 9.73
C THR D 180 37.66 -50.90 10.15
N SER D 181 38.92 -51.06 10.55
CA SER D 181 39.75 -49.90 10.87
C SER D 181 40.07 -49.09 9.63
N MET D 182 40.15 -49.74 8.47
CA MET D 182 40.26 -49.02 7.20
C MET D 182 39.01 -48.21 6.91
N THR D 183 37.83 -48.76 7.24
CA THR D 183 36.58 -48.02 7.07
C THR D 183 36.52 -46.83 8.01
N LYS D 184 37.03 -46.98 9.24
CA LYS D 184 37.14 -45.85 10.16
C LYS D 184 38.11 -44.79 9.64
N ALA D 185 39.20 -45.23 9.02
CA ALA D 185 40.17 -44.31 8.44
C ALA D 185 39.57 -43.50 7.30
N ILE D 186 38.79 -44.15 6.43
CA ILE D 186 38.12 -43.41 5.37
C ILE D 186 36.96 -42.56 5.92
N THR D 187 36.37 -42.95 7.06
CA THR D 187 35.37 -42.09 7.70
C THR D 187 35.99 -40.79 8.19
N THR D 188 37.15 -40.88 8.86
CA THR D 188 37.88 -39.68 9.26
C THR D 188 38.39 -38.90 8.05
N LEU D 189 38.76 -39.61 6.98
CA LEU D 189 39.16 -38.99 5.73
C LEU D 189 38.03 -38.17 5.13
N SER D 190 36.82 -38.73 5.10
CA SER D 190 35.67 -38.03 4.53
C SER D 190 35.27 -36.84 5.39
N ASP D 191 35.34 -37.00 6.73
CA ASP D 191 35.06 -35.88 7.62
C ASP D 191 36.07 -34.75 7.43
N LEU D 192 37.35 -35.08 7.27
CA LEU D 192 38.37 -34.07 7.11
C LEU D 192 38.29 -33.39 5.73
N VAL D 193 37.93 -34.15 4.70
CA VAL D 193 37.73 -33.58 3.36
C VAL D 193 36.50 -32.68 3.34
N THR D 194 35.43 -33.07 4.04
CA THR D 194 34.25 -32.21 4.14
C THR D 194 34.55 -30.93 4.92
N GLU D 195 35.35 -31.03 5.98
CA GLU D 195 35.76 -29.86 6.74
C GLU D 195 36.62 -28.92 5.90
N GLY D 196 37.52 -29.47 5.09
CA GLY D 196 38.32 -28.63 4.21
C GLY D 196 37.55 -28.09 3.02
N LYS D 197 36.48 -28.77 2.62
CA LYS D 197 35.73 -28.33 1.45
C LYS D 197 34.74 -27.23 1.81
N SER D 198 34.07 -27.35 2.95
CA SER D 198 32.91 -26.51 3.27
C SER D 198 33.23 -25.03 3.37
N LYS D 199 34.48 -24.66 3.63
CA LYS D 199 34.88 -23.26 3.69
C LYS D 199 35.01 -22.60 2.33
N VAL D 200 35.11 -23.38 1.23
CA VAL D 200 35.37 -22.81 -0.09
C VAL D 200 34.31 -23.25 -1.11
N VAL D 201 33.11 -23.58 -0.65
CA VAL D 201 32.11 -24.14 -1.55
C VAL D 201 31.44 -23.05 -2.39
N ARG D 202 30.80 -22.10 -1.75
CA ARG D 202 29.79 -21.27 -2.40
C ARG D 202 30.13 -19.79 -2.34
N LYS D 203 29.96 -19.10 -3.46
CA LYS D 203 29.98 -17.65 -3.52
C LYS D 203 28.56 -17.12 -3.54
N LYS D 204 28.36 -16.00 -2.83
CA LYS D 204 27.09 -15.26 -2.71
C LYS D 204 25.91 -16.13 -2.25
N SER E 140 51.80 -53.92 8.22
CA SER E 140 50.70 -53.06 7.81
C SER E 140 51.19 -51.88 6.97
N ASP E 141 51.63 -52.17 5.74
CA ASP E 141 52.08 -51.12 4.84
C ASP E 141 50.92 -50.24 4.38
N LEU E 142 49.77 -50.86 4.16
CA LEU E 142 48.58 -50.12 3.72
C LEU E 142 48.12 -49.13 4.79
N LYS E 143 48.15 -49.56 6.06
CA LYS E 143 47.70 -48.71 7.15
C LYS E 143 48.63 -47.53 7.37
N VAL E 144 49.95 -47.75 7.31
CA VAL E 144 50.88 -46.64 7.51
C VAL E 144 50.90 -45.73 6.28
N ALA E 145 50.63 -46.28 5.08
CA ALA E 145 50.50 -45.45 3.90
C ALA E 145 49.29 -44.54 3.99
N THR E 146 48.15 -45.08 4.45
CA THR E 146 46.97 -44.24 4.63
C THR E 146 47.13 -43.27 5.79
N ASP E 147 47.90 -43.64 6.82
CA ASP E 147 48.19 -42.72 7.92
C ASP E 147 49.04 -41.55 7.46
N ASN E 148 50.04 -41.81 6.62
CA ASN E 148 50.83 -40.72 6.04
C ASN E 148 49.98 -39.88 5.09
N ILE E 149 49.05 -40.52 4.38
CA ILE E 149 48.12 -39.80 3.49
C ILE E 149 47.25 -38.83 4.28
N VAL E 150 46.68 -39.30 5.39
CA VAL E 150 45.78 -38.44 6.15
C VAL E 150 46.57 -37.41 6.95
N LYS E 151 47.84 -37.68 7.29
CA LYS E 151 48.64 -36.67 7.97
C LYS E 151 49.04 -35.55 7.00
N ASP E 152 49.48 -35.91 5.79
CA ASP E 152 49.72 -34.92 4.73
C ASP E 152 48.47 -34.13 4.40
N LEU E 153 47.33 -34.80 4.30
CA LEU E 153 46.10 -34.08 4.00
C LEU E 153 45.65 -33.22 5.17
N LYS E 154 45.96 -33.63 6.41
CA LYS E 154 45.66 -32.77 7.56
C LYS E 154 46.48 -31.49 7.53
N LYS E 155 47.76 -31.59 7.20
CA LYS E 155 48.60 -30.40 7.04
C LYS E 155 48.10 -29.51 5.88
N ILE E 156 47.67 -30.16 4.79
CA ILE E 156 47.13 -29.44 3.63
C ILE E 156 45.85 -28.72 4.00
N ILE E 157 44.97 -29.35 4.78
CA ILE E 157 43.72 -28.71 5.18
C ILE E 157 43.95 -27.60 6.21
N THR E 158 44.98 -27.72 7.05
CA THR E 158 45.36 -26.58 7.90
C THR E 158 45.83 -25.39 7.08
N ARG E 159 46.62 -25.62 6.03
CA ARG E 159 46.97 -24.45 5.21
C ARG E 159 45.84 -24.02 4.28
N ILE E 160 44.87 -24.90 4.00
CA ILE E 160 43.62 -24.47 3.36
C ILE E 160 42.87 -23.52 4.28
N SER E 161 42.79 -23.84 5.56
CA SER E 161 42.19 -22.93 6.54
C SER E 161 42.99 -21.64 6.67
N ALA E 162 44.31 -21.71 6.47
CA ALA E 162 45.12 -20.50 6.47
C ALA E 162 44.81 -19.59 5.28
N VAL E 163 44.67 -20.16 4.08
CA VAL E 163 44.53 -19.34 2.87
C VAL E 163 43.09 -19.10 2.43
N SER E 164 42.12 -19.78 3.04
CA SER E 164 40.77 -19.87 2.48
C SER E 164 39.89 -18.67 2.78
N THR E 165 40.31 -17.79 3.68
CA THR E 165 39.49 -16.63 4.00
C THR E 165 39.46 -15.63 2.85
N VAL E 166 40.51 -15.60 2.03
CA VAL E 166 40.67 -14.56 1.03
C VAL E 166 40.97 -15.22 -0.33
N LEU E 167 40.51 -16.45 -0.52
CA LEU E 167 40.62 -17.09 -1.81
C LEU E 167 39.69 -16.42 -2.82
N GLU E 168 40.22 -16.13 -4.00
CA GLU E 168 39.44 -15.44 -5.02
C GLU E 168 38.48 -16.43 -5.69
N ASP E 169 37.65 -15.93 -6.61
CA ASP E 169 36.53 -16.74 -7.10
C ASP E 169 37.01 -17.89 -8.01
N VAL E 170 37.96 -17.63 -8.90
CA VAL E 170 38.46 -18.69 -9.78
C VAL E 170 39.33 -19.67 -8.98
N GLN E 171 40.08 -19.16 -8.01
CA GLN E 171 40.81 -19.94 -7.00
C GLN E 171 39.92 -20.91 -6.24
N ALA E 172 38.85 -20.38 -5.64
CA ALA E 172 37.95 -21.21 -4.85
C ALA E 172 37.16 -22.17 -5.73
N ALA E 173 36.84 -21.75 -6.96
CA ALA E 173 36.19 -22.65 -7.90
C ALA E 173 37.10 -23.82 -8.26
N GLY E 174 38.38 -23.56 -8.48
CA GLY E 174 39.32 -24.64 -8.76
C GLY E 174 39.53 -25.58 -7.59
N ILE E 175 39.64 -25.01 -6.38
CA ILE E 175 39.88 -25.87 -5.22
C ILE E 175 38.61 -26.63 -4.83
N SER E 176 37.42 -26.09 -5.13
CA SER E 176 36.20 -26.83 -4.89
C SER E 176 35.98 -27.91 -5.95
N ARG E 177 36.46 -27.66 -7.17
CA ARG E 177 36.51 -28.71 -8.19
C ARG E 177 37.41 -29.86 -7.76
N GLN E 178 38.58 -29.51 -7.19
CA GLN E 178 39.47 -30.55 -6.68
C GLN E 178 38.89 -31.26 -5.46
N PHE E 179 38.10 -30.57 -4.65
CA PHE E 179 37.45 -31.22 -3.52
C PHE E 179 36.27 -32.10 -3.94
N THR E 180 35.60 -31.77 -5.04
CA THR E 180 34.64 -32.71 -5.59
C THR E 180 35.33 -33.93 -6.19
N SER E 181 36.53 -33.74 -6.76
CA SER E 181 37.35 -34.87 -7.17
C SER E 181 37.79 -35.71 -5.97
N MET E 182 38.08 -35.05 -4.85
CA MET E 182 38.32 -35.74 -3.58
C MET E 182 37.16 -36.61 -3.16
N THR E 183 35.94 -36.06 -3.21
CA THR E 183 34.77 -36.82 -2.79
C THR E 183 34.50 -37.99 -3.74
N LYS E 184 34.75 -37.80 -5.04
CA LYS E 184 34.63 -38.89 -5.99
C LYS E 184 35.65 -40.00 -5.73
N ALA E 185 36.91 -39.61 -5.45
CA ALA E 185 37.96 -40.60 -5.21
C ALA E 185 37.73 -41.36 -3.90
N ILE E 186 37.29 -40.68 -2.85
CA ILE E 186 37.00 -41.39 -1.60
C ILE E 186 35.70 -42.17 -1.71
N THR E 187 34.80 -41.79 -2.63
CA THR E 187 33.63 -42.64 -2.91
C THR E 187 34.05 -43.95 -3.54
N THR E 188 34.98 -43.91 -4.50
CA THR E 188 35.50 -45.16 -5.07
C THR E 188 36.26 -45.98 -4.05
N LEU E 189 37.04 -45.32 -3.18
CA LEU E 189 37.78 -46.04 -2.14
C LEU E 189 36.84 -46.69 -1.12
N SER E 190 35.75 -45.99 -0.75
CA SER E 190 34.76 -46.56 0.14
C SER E 190 34.02 -47.72 -0.52
N ASP E 191 33.77 -47.62 -1.83
CA ASP E 191 33.14 -48.73 -2.55
C ASP E 191 34.05 -49.95 -2.59
N LEU E 192 35.35 -49.75 -2.76
CA LEU E 192 36.28 -50.88 -2.73
C LEU E 192 36.43 -51.49 -1.34
N VAL E 193 36.39 -50.67 -0.28
CA VAL E 193 36.47 -51.30 1.04
C VAL E 193 35.14 -51.87 1.51
N THR E 194 34.02 -51.47 0.90
CA THR E 194 32.72 -52.00 1.31
C THR E 194 32.34 -53.24 0.51
N GLU E 195 32.28 -53.11 -0.82
CA GLU E 195 31.89 -54.25 -1.66
C GLU E 195 33.01 -55.27 -1.79
N GLY E 196 34.26 -54.81 -1.82
CA GLY E 196 35.39 -55.72 -1.95
C GLY E 196 35.94 -55.78 -3.36
N LEU F 139 39.87 -66.04 -34.78
CA LEU F 139 40.35 -64.67 -34.77
C LEU F 139 40.81 -64.28 -36.17
N SER F 140 40.26 -63.18 -36.69
CA SER F 140 40.58 -62.69 -38.02
C SER F 140 40.98 -61.22 -37.95
N ASP F 141 41.95 -60.85 -38.78
CA ASP F 141 42.47 -59.49 -39.04
C ASP F 141 43.23 -58.88 -37.87
N LEU F 142 43.29 -59.56 -36.71
CA LEU F 142 44.15 -59.26 -35.53
C LEU F 142 44.01 -57.83 -34.99
N LYS F 143 42.91 -57.12 -35.33
CA LYS F 143 42.71 -55.78 -34.78
C LYS F 143 42.26 -55.85 -33.31
N VAL F 144 41.36 -56.80 -33.00
CA VAL F 144 40.84 -56.95 -31.65
C VAL F 144 41.94 -57.40 -30.70
N ALA F 145 42.87 -58.24 -31.18
CA ALA F 145 44.00 -58.66 -30.37
C ALA F 145 44.93 -57.50 -30.05
N THR F 146 45.20 -56.63 -31.04
CA THR F 146 46.05 -55.47 -30.79
C THR F 146 45.38 -54.48 -29.83
N ASP F 147 44.07 -54.27 -29.98
CA ASP F 147 43.34 -53.40 -29.06
C ASP F 147 43.34 -53.97 -27.64
N ASN F 148 43.17 -55.29 -27.53
CA ASN F 148 43.18 -55.96 -26.23
C ASN F 148 44.53 -55.85 -25.55
N ILE F 149 45.63 -56.06 -26.30
CA ILE F 149 46.95 -56.00 -25.68
C ILE F 149 47.41 -54.55 -25.46
N VAL F 150 46.79 -53.57 -26.11
CA VAL F 150 47.10 -52.18 -25.80
C VAL F 150 46.35 -51.74 -24.54
N LYS F 151 45.06 -52.10 -24.42
CA LYS F 151 44.22 -51.50 -23.38
C LYS F 151 44.56 -51.99 -21.97
N ASP F 152 45.21 -53.15 -21.83
CA ASP F 152 45.54 -53.64 -20.50
C ASP F 152 46.86 -53.08 -19.98
N LEU F 153 47.80 -52.76 -20.87
CA LEU F 153 49.13 -52.36 -20.43
C LEU F 153 49.15 -50.97 -19.83
N LYS F 154 48.19 -50.11 -20.19
CA LYS F 154 48.07 -48.83 -19.51
C LYS F 154 47.59 -49.02 -18.07
N LYS F 155 46.69 -49.98 -17.85
CA LYS F 155 46.32 -50.35 -16.48
C LYS F 155 47.50 -50.99 -15.75
N ILE F 156 48.35 -51.72 -16.48
CA ILE F 156 49.54 -52.33 -15.89
C ILE F 156 50.51 -51.26 -15.41
N ILE F 157 50.79 -50.26 -16.25
CA ILE F 157 51.71 -49.20 -15.83
C ILE F 157 51.07 -48.28 -14.80
N THR F 158 49.73 -48.16 -14.79
CA THR F 158 49.04 -47.44 -13.73
C THR F 158 49.20 -48.15 -12.39
N ARG F 159 49.08 -49.48 -12.38
CA ARG F 159 49.29 -50.22 -11.14
C ARG F 159 50.76 -50.25 -10.72
N ILE F 160 51.68 -50.21 -11.69
CA ILE F 160 53.10 -50.14 -11.36
C ILE F 160 53.44 -48.79 -10.73
N SER F 161 52.91 -47.70 -11.29
CA SER F 161 53.07 -46.38 -10.66
C SER F 161 52.34 -46.31 -9.32
N ALA F 162 51.25 -47.06 -9.16
CA ALA F 162 50.58 -47.15 -7.87
C ALA F 162 51.45 -47.84 -6.82
N VAL F 163 52.12 -48.93 -7.21
CA VAL F 163 53.03 -49.62 -6.31
C VAL F 163 54.22 -48.71 -5.96
N SER F 164 54.71 -47.95 -6.96
CA SER F 164 55.77 -46.98 -6.72
C SER F 164 55.33 -45.88 -5.76
N THR F 165 54.10 -45.41 -5.88
CA THR F 165 53.63 -44.31 -5.04
C THR F 165 53.32 -44.78 -3.62
N VAL F 166 52.76 -45.99 -3.47
CA VAL F 166 52.61 -46.60 -2.15
C VAL F 166 53.97 -46.85 -1.49
N LEU F 167 54.97 -47.26 -2.28
CA LEU F 167 56.31 -47.45 -1.73
C LEU F 167 56.96 -46.12 -1.34
N GLU F 168 56.73 -45.07 -2.12
CA GLU F 168 57.15 -43.72 -1.72
C GLU F 168 56.46 -43.30 -0.43
N ASP F 169 55.22 -43.72 -0.27
CA ASP F 169 54.42 -43.29 0.86
C ASP F 169 54.90 -44.02 2.13
N VAL F 170 55.30 -45.29 1.95
CA VAL F 170 55.94 -46.08 3.00
C VAL F 170 57.32 -45.51 3.37
N GLN F 171 58.13 -45.16 2.36
CA GLN F 171 59.46 -44.62 2.62
C GLN F 171 59.41 -43.25 3.28
N ALA F 172 58.41 -42.44 2.96
CA ALA F 172 58.23 -41.15 3.59
C ALA F 172 57.52 -41.24 4.93
N ALA F 173 56.89 -42.38 5.25
CA ALA F 173 56.31 -42.56 6.58
C ALA F 173 57.38 -42.67 7.67
N GLY F 174 58.55 -43.24 7.34
CA GLY F 174 59.63 -43.37 8.28
C GLY F 174 59.79 -44.74 8.91
N ILE F 175 58.95 -45.70 8.55
CA ILE F 175 59.02 -47.04 9.12
C ILE F 175 60.17 -47.81 8.48
N SER F 176 60.79 -48.70 9.25
CA SER F 176 61.91 -49.49 8.75
C SER F 176 61.42 -50.69 7.96
N ARG F 177 62.00 -50.88 6.78
CA ARG F 177 61.59 -51.79 5.72
C ARG F 177 62.80 -52.44 5.06
N GLN F 178 62.60 -53.70 4.66
CA GLN F 178 63.55 -54.42 3.83
C GLN F 178 62.88 -54.79 2.52
N PHE F 179 63.61 -54.66 1.42
CA PHE F 179 63.07 -54.80 0.07
C PHE F 179 63.86 -55.83 -0.73
N THR F 180 64.06 -57.02 -0.17
CA THR F 180 64.84 -58.04 -0.87
C THR F 180 63.98 -58.89 -1.81
N SER F 181 62.88 -59.45 -1.29
CA SER F 181 61.99 -60.25 -2.11
C SER F 181 61.29 -59.43 -3.18
N MET F 182 60.97 -58.17 -2.86
CA MET F 182 60.43 -57.26 -3.87
C MET F 182 61.46 -56.95 -4.94
N THR F 183 62.74 -56.83 -4.57
CA THR F 183 63.79 -56.65 -5.57
C THR F 183 63.91 -57.87 -6.48
N LYS F 184 63.81 -59.08 -5.91
CA LYS F 184 63.83 -60.29 -6.71
C LYS F 184 62.65 -60.37 -7.67
N ALA F 185 61.45 -60.00 -7.19
CA ALA F 185 60.25 -59.99 -8.03
C ALA F 185 60.36 -58.96 -9.15
N ILE F 186 60.89 -57.77 -8.85
CA ILE F 186 61.03 -56.75 -9.88
C ILE F 186 62.12 -57.13 -10.90
N THR F 187 63.20 -57.80 -10.46
CA THR F 187 64.21 -58.23 -11.42
C THR F 187 63.71 -59.36 -12.33
N THR F 188 62.92 -60.30 -11.80
CA THR F 188 62.39 -61.33 -12.69
C THR F 188 61.28 -60.78 -13.59
N LEU F 189 60.52 -59.79 -13.11
CA LEU F 189 59.59 -59.09 -13.99
C LEU F 189 60.33 -58.34 -15.08
N SER F 190 61.47 -57.75 -14.74
CA SER F 190 62.26 -56.96 -15.69
C SER F 190 62.88 -57.85 -16.77
N ASP F 191 63.46 -59.00 -16.38
CA ASP F 191 64.08 -59.81 -17.44
C ASP F 191 63.05 -60.56 -18.27
N LEU F 192 61.88 -60.89 -17.70
CA LEU F 192 60.79 -61.40 -18.52
C LEU F 192 60.26 -60.34 -19.48
N VAL F 193 60.22 -59.07 -19.04
CA VAL F 193 59.81 -57.98 -19.91
C VAL F 193 60.82 -57.75 -21.03
N THR F 194 62.12 -57.85 -20.72
CA THR F 194 63.13 -57.63 -21.76
C THR F 194 63.16 -58.77 -22.77
N GLU F 195 62.94 -60.02 -22.34
CA GLU F 195 62.87 -61.09 -23.34
C GLU F 195 61.58 -61.00 -24.15
N GLY F 196 60.48 -60.53 -23.56
CA GLY F 196 59.29 -60.27 -24.34
C GLY F 196 59.47 -59.14 -25.34
N LYS F 197 60.24 -58.11 -24.95
CA LYS F 197 60.55 -57.02 -25.86
C LYS F 197 61.45 -57.49 -27.00
N SER F 198 62.37 -58.40 -26.71
CA SER F 198 63.20 -58.99 -27.76
C SER F 198 62.38 -59.91 -28.66
N LYS F 199 61.29 -60.48 -28.15
CA LYS F 199 60.44 -61.35 -28.94
C LYS F 199 59.27 -60.63 -29.62
N VAL F 200 59.08 -59.34 -29.37
CA VAL F 200 57.97 -58.61 -29.97
C VAL F 200 58.47 -57.62 -31.04
N VAL F 201 59.72 -57.78 -31.48
CA VAL F 201 60.34 -56.84 -32.41
C VAL F 201 59.71 -56.94 -33.79
N ARG F 202 59.60 -55.79 -34.46
CA ARG F 202 58.99 -55.75 -35.79
C ARG F 202 59.91 -56.32 -36.85
N LYS F 203 61.21 -55.99 -36.78
CA LYS F 203 62.26 -56.42 -37.71
C LYS F 203 61.94 -56.11 -39.18
N SER G 140 52.60 -57.53 4.04
CA SER G 140 52.31 -58.82 3.40
C SER G 140 51.24 -58.66 2.33
N ASP G 141 50.98 -57.42 1.92
CA ASP G 141 50.01 -57.10 0.88
C ASP G 141 50.66 -56.59 -0.40
N LEU G 142 51.73 -55.80 -0.28
CA LEU G 142 52.44 -55.32 -1.47
C LEU G 142 53.15 -56.46 -2.19
N LYS G 143 53.66 -57.44 -1.43
CA LYS G 143 54.34 -58.58 -2.03
C LYS G 143 53.38 -59.46 -2.81
N VAL G 144 52.19 -59.74 -2.26
CA VAL G 144 51.23 -60.54 -3.01
C VAL G 144 50.59 -59.72 -4.13
N ALA G 145 50.57 -58.39 -3.99
CA ALA G 145 50.13 -57.54 -5.10
C ALA G 145 51.09 -57.61 -6.28
N THR G 146 52.40 -57.51 -6.02
CA THR G 146 53.37 -57.72 -7.09
C THR G 146 53.40 -59.17 -7.58
N ASP G 147 53.05 -60.14 -6.74
CA ASP G 147 52.96 -61.52 -7.23
C ASP G 147 51.78 -61.69 -8.19
N ASN G 148 50.66 -61.04 -7.91
CA ASN G 148 49.53 -61.05 -8.84
C ASN G 148 49.88 -60.28 -10.11
N ILE G 149 50.68 -59.21 -9.99
CA ILE G 149 51.19 -58.51 -11.17
C ILE G 149 52.08 -59.43 -12.01
N VAL G 150 52.95 -60.20 -11.35
CA VAL G 150 53.83 -61.14 -12.04
C VAL G 150 53.03 -62.23 -12.75
N LYS G 151 51.98 -62.76 -12.10
CA LYS G 151 51.12 -63.75 -12.74
C LYS G 151 50.36 -63.17 -13.93
N ASP G 152 49.89 -61.92 -13.80
CA ASP G 152 49.21 -61.25 -14.90
C ASP G 152 50.13 -61.04 -16.09
N LEU G 153 51.35 -60.57 -15.85
CA LEU G 153 52.33 -60.43 -16.94
C LEU G 153 52.80 -61.79 -17.48
N LYS G 154 52.73 -62.86 -16.67
CA LYS G 154 52.96 -64.19 -17.23
C LYS G 154 51.89 -64.54 -18.26
N LYS G 155 50.63 -64.23 -17.93
CA LYS G 155 49.54 -64.41 -18.91
C LYS G 155 49.74 -63.51 -20.14
N ILE G 156 50.22 -62.27 -19.91
CA ILE G 156 50.48 -61.32 -21.00
C ILE G 156 51.55 -61.88 -21.95
N ILE G 157 52.68 -62.32 -21.40
CA ILE G 157 53.80 -62.77 -22.20
C ILE G 157 53.46 -64.08 -22.92
N THR G 158 52.67 -64.97 -22.29
CA THR G 158 52.23 -66.18 -22.98
C THR G 158 51.30 -65.86 -24.14
N ARG G 159 50.39 -64.89 -23.98
CA ARG G 159 49.52 -64.57 -25.11
C ARG G 159 50.24 -63.78 -26.21
N ILE G 160 51.24 -62.97 -25.86
CA ILE G 160 52.05 -62.30 -26.87
C ILE G 160 52.88 -63.33 -27.64
N SER G 161 53.43 -64.33 -26.94
CA SER G 161 54.16 -65.40 -27.61
C SER G 161 53.25 -66.29 -28.44
N ALA G 162 51.96 -66.37 -28.08
CA ALA G 162 51.01 -67.13 -28.90
C ALA G 162 50.68 -66.39 -30.19
N VAL G 163 50.43 -65.08 -30.12
CA VAL G 163 50.01 -64.32 -31.31
C VAL G 163 51.21 -63.80 -32.11
N SER G 164 52.43 -63.88 -31.58
CA SER G 164 53.59 -63.21 -32.17
C SER G 164 54.15 -63.88 -33.42
N THR G 165 53.44 -64.83 -34.05
CA THR G 165 53.86 -65.31 -35.36
C THR G 165 53.64 -64.27 -36.44
N VAL G 166 52.72 -63.33 -36.22
CA VAL G 166 52.57 -62.14 -37.07
C VAL G 166 52.05 -61.02 -36.17
N LEU G 167 52.64 -59.82 -36.32
CA LEU G 167 52.32 -58.74 -35.40
C LEU G 167 51.98 -57.43 -36.11
N GLU G 168 52.60 -57.20 -37.28
CA GLU G 168 52.48 -56.04 -38.17
C GLU G 168 53.12 -54.80 -37.53
N ASP G 169 53.70 -53.92 -38.36
CA ASP G 169 54.82 -53.08 -37.91
C ASP G 169 54.40 -51.94 -36.98
N VAL G 170 53.27 -51.27 -37.25
CA VAL G 170 52.94 -50.08 -36.47
C VAL G 170 52.45 -50.45 -35.07
N GLN G 171 51.70 -51.55 -34.94
CA GLN G 171 51.32 -52.01 -33.60
C GLN G 171 52.50 -52.59 -32.85
N ALA G 172 53.46 -53.18 -33.57
CA ALA G 172 54.70 -53.63 -32.95
C ALA G 172 55.51 -52.46 -32.41
N ALA G 173 55.56 -51.36 -33.16
CA ALA G 173 56.24 -50.16 -32.67
C ALA G 173 55.50 -49.52 -31.49
N GLY G 174 54.17 -49.57 -31.52
CA GLY G 174 53.39 -49.05 -30.40
C GLY G 174 53.59 -49.84 -29.12
N ILE G 175 53.56 -51.18 -29.22
CA ILE G 175 53.81 -52.00 -28.04
C ILE G 175 55.29 -51.97 -27.64
N SER G 176 56.19 -51.65 -28.58
CA SER G 176 57.60 -51.47 -28.22
C SER G 176 57.80 -50.19 -27.41
N ARG G 177 57.12 -49.10 -27.81
CA ARG G 177 57.19 -47.88 -27.00
C ARG G 177 56.46 -48.05 -25.67
N GLN G 178 55.43 -48.90 -25.64
CA GLN G 178 54.77 -49.25 -24.38
C GLN G 178 55.72 -50.03 -23.47
N PHE G 179 56.53 -50.92 -24.04
CA PHE G 179 57.48 -51.67 -23.23
C PHE G 179 58.65 -50.81 -22.79
N THR G 180 59.04 -49.79 -23.57
CA THR G 180 60.04 -48.85 -23.09
C THR G 180 59.51 -48.01 -21.94
N SER G 181 58.24 -47.60 -22.01
CA SER G 181 57.61 -46.91 -20.88
C SER G 181 57.51 -47.84 -19.66
N MET G 182 57.23 -49.13 -19.91
CA MET G 182 57.20 -50.14 -18.84
C MET G 182 58.56 -50.26 -18.17
N THR G 183 59.63 -50.32 -18.96
CA THR G 183 60.97 -50.43 -18.38
C THR G 183 61.40 -49.14 -17.71
N LYS G 184 60.91 -47.99 -18.17
CA LYS G 184 61.16 -46.72 -17.47
C LYS G 184 60.50 -46.71 -16.09
N ALA G 185 59.25 -47.17 -16.01
CA ALA G 185 58.56 -47.25 -14.72
C ALA G 185 59.21 -48.30 -13.81
N ILE G 186 59.66 -49.42 -14.38
CA ILE G 186 60.33 -50.46 -13.60
C ILE G 186 61.68 -49.97 -13.10
N THR G 187 62.39 -49.19 -13.91
CA THR G 187 63.66 -48.59 -13.50
C THR G 187 63.45 -47.58 -12.38
N THR G 188 62.38 -46.78 -12.46
CA THR G 188 62.05 -45.86 -11.38
C THR G 188 61.71 -46.60 -10.08
N LEU G 189 60.94 -47.68 -10.18
CA LEU G 189 60.60 -48.46 -9.00
C LEU G 189 61.83 -49.18 -8.44
N SER G 190 62.75 -49.59 -9.31
CA SER G 190 63.99 -50.20 -8.86
C SER G 190 64.88 -49.18 -8.15
N ASP G 191 64.87 -47.93 -8.61
CA ASP G 191 65.56 -46.86 -7.90
C ASP G 191 64.95 -46.62 -6.53
N LEU G 192 63.62 -46.71 -6.43
CA LEU G 192 62.95 -46.64 -5.12
C LEU G 192 63.33 -47.80 -4.22
N VAL G 193 63.39 -49.03 -4.74
CA VAL G 193 63.72 -50.16 -3.86
C VAL G 193 65.20 -50.25 -3.56
N THR G 194 66.06 -49.59 -4.33
CA THR G 194 67.50 -49.68 -4.12
C THR G 194 68.11 -48.40 -3.55
N GLU G 195 67.32 -47.33 -3.36
CA GLU G 195 67.87 -46.13 -2.73
C GLU G 195 68.03 -46.28 -1.23
N GLY G 196 67.36 -47.25 -0.62
CA GLY G 196 67.46 -47.46 0.81
C GLY G 196 66.41 -46.69 1.59
#